data_2R1G
# 
_entry.id   2R1G 
# 
_audit_conform.dict_name       mmcif_pdbx.dic 
_audit_conform.dict_version    5.387 
_audit_conform.dict_location   http://mmcif.pdb.org/dictionaries/ascii/mmcif_pdbx.dic 
# 
loop_
_database_2.database_id 
_database_2.database_code 
_database_2.pdbx_database_accession 
_database_2.pdbx_DOI 
PDB   2R1G         pdb_00002r1g 10.2210/pdb2r1g/pdb 
RCSB  RCSB044306   ?            ?                   
WWPDB D_1000044306 ?            ?                   
# 
loop_
_pdbx_audit_revision_history.ordinal 
_pdbx_audit_revision_history.data_content_type 
_pdbx_audit_revision_history.major_revision 
_pdbx_audit_revision_history.minor_revision 
_pdbx_audit_revision_history.revision_date 
1 'Structure model' 1 0 2008-03-18 
2 'Structure model' 1 1 2011-07-13 
3 'Structure model' 1 2 2019-12-18 
4 'Structure model' 1 3 2024-03-13 
# 
_pdbx_audit_revision_details.ordinal             1 
_pdbx_audit_revision_details.revision_ordinal    1 
_pdbx_audit_revision_details.data_content_type   'Structure model' 
_pdbx_audit_revision_details.provider            repository 
_pdbx_audit_revision_details.type                'Initial release' 
_pdbx_audit_revision_details.description         ? 
_pdbx_audit_revision_details.details             ? 
# 
loop_
_pdbx_audit_revision_group.ordinal 
_pdbx_audit_revision_group.revision_ordinal 
_pdbx_audit_revision_group.data_content_type 
_pdbx_audit_revision_group.group 
1 2 'Structure model' 'Source and taxonomy'       
2 2 'Structure model' 'Version format compliance' 
3 3 'Structure model' 'Data collection'           
4 3 'Structure model' 'Database references'       
5 3 'Structure model' 'Source and taxonomy'       
6 4 'Structure model' 'Data collection'           
7 4 'Structure model' 'Database references'       
8 4 'Structure model' 'Refinement description'    
# 
loop_
_pdbx_audit_revision_category.ordinal 
_pdbx_audit_revision_category.revision_ordinal 
_pdbx_audit_revision_category.data_content_type 
_pdbx_audit_revision_category.category 
1 3 'Structure model' database_2                    
2 3 'Structure model' em_software                   
3 3 'Structure model' pdbx_entity_src_syn           
4 4 'Structure model' chem_comp_atom                
5 4 'Structure model' chem_comp_bond                
6 4 'Structure model' database_2                    
7 4 'Structure model' em_3d_fitting_list            
8 4 'Structure model' pdbx_initial_refinement_model 
# 
loop_
_pdbx_audit_revision_item.ordinal 
_pdbx_audit_revision_item.revision_ordinal 
_pdbx_audit_revision_item.data_content_type 
_pdbx_audit_revision_item.item 
1 3 'Structure model' '_em_software.image_processing_id'                
2 4 'Structure model' '_database_2.pdbx_DOI'                            
3 4 'Structure model' '_database_2.pdbx_database_accession'             
4 4 'Structure model' '_em_3d_fitting_list.accession_code'              
5 4 'Structure model' '_em_3d_fitting_list.initial_refinement_model_id' 
6 4 'Structure model' '_em_3d_fitting_list.source_name'                 
7 4 'Structure model' '_em_3d_fitting_list.type'                        
# 
_pdbx_database_status.status_code                     REL 
_pdbx_database_status.entry_id                        2R1G 
_pdbx_database_status.recvd_initial_deposition_date   2007-08-22 
_pdbx_database_status.deposit_site                    RCSB 
_pdbx_database_status.process_site                    PDBJ 
_pdbx_database_status.status_code_sf                  ? 
_pdbx_database_status.status_code_mr                  ? 
_pdbx_database_status.SG_entry                        ? 
_pdbx_database_status.pdb_format_compatible           Y 
_pdbx_database_status.status_code_cs                  ? 
_pdbx_database_status.methods_development_category    ? 
_pdbx_database_status.status_code_nmr_data            ? 
# 
loop_
_pdbx_database_related.db_name 
_pdbx_database_related.db_id 
_pdbx_database_related.details 
_pdbx_database_related.content_type 
PDB  1J5E     '30S X-RAY CRYSTALLOGRAPHIC STRUCTURE'                 unspecified            
PDB  2R1C     'RbfA HOMOLOGY MODEL FITTED INTO 30S-RbfA CRYO-EM MAP' unspecified            
PDB  2DYJ     'RbfA X-RAY CRYSTALLOGRAPHIC STRUCTURE'                unspecified            
EMDB EMD-1413 .                                                      'associated EM volume' 
# 
loop_
_audit_author.name 
_audit_author.pdbx_ordinal 
'Datta, P.P.'   1  
'Wilson, D.N.'  2  
'Kawazoe, M.'   3  
'Swami, N.K.'   4  
'Kaminishi, T.' 5  
'Sharma, M.R.'  6  
'Booth, T.M.'   7  
'Takemoto, C.'  8  
'Fucini, P.'    9  
'Yokoyama, S.'  10 
'Agrawal, R.K.' 11 
# 
loop_
_citation.id 
_citation.title 
_citation.journal_abbrev 
_citation.journal_volume 
_citation.page_first 
_citation.page_last 
_citation.year 
_citation.journal_id_ASTM 
_citation.country 
_citation.journal_id_ISSN 
_citation.journal_id_CSD 
_citation.book_publisher 
_citation.pdbx_database_id_PubMed 
_citation.pdbx_database_id_DOI 
primary 'Structural aspects of RbfA action during small ribosomal subunit assembly.' Mol.Cell 28  434 445 2007 MOCEFL US 1097-2765 
2168 ? 17996707 10.1016/j.molcel.2007.08.026 
1       'Structure of the 30S ribosomal subunit'                                     Nature   407 327 339 2000 NATUAS UK 0028-0836 
0006 ? 11014170 10.1038/35030006             
# 
loop_
_citation_author.citation_id 
_citation_author.name 
_citation_author.ordinal 
_citation_author.identifier_ORCID 
primary 'Datta, P.P.'         1  ? 
primary 'Wilson, D.N.'        2  ? 
primary 'Kawazoe, M.'         3  ? 
primary 'Swami, N.K.'         4  ? 
primary 'Kaminishi, T.'       5  ? 
primary 'Sharma, M.R.'        6  ? 
primary 'Booth, T.M.'         7  ? 
primary 'Takemoto, C.'        8  ? 
primary 'Fucini, P.'          9  ? 
primary 'Yokoyama, S.'        10 ? 
primary 'Agrawal, R.K.'       11 ? 
1       'Wimberly, B.T.'      12 ? 
1       'Brodersen, D.E.'     13 ? 
1       'Clemons, W.M.'       14 ? 
1       'Morgan-Warren, R.J.' 15 ? 
1       'Carter, A.P.'        16 ? 
1       'Vonrhein, C.'        17 ? 
1       'Hartsch, T.'         18 ? 
1       'Ramakrishnan, V.'    19 ? 
# 
loop_
_entity.id 
_entity.type 
_entity.src_method 
_entity.pdbx_description 
_entity.formula_weight 
_entity.pdbx_number_of_molecules 
_entity.pdbx_ec 
_entity.pdbx_mutation 
_entity.pdbx_fragment 
_entity.details 
1  polymer syn '16S RIBOSOMAL RNA HELIX 1'  7781.646  1 ? ? ?                ? 
2  polymer syn '16S RIBOSOMAL RNA HELIX 18' 15544.350 1 ? ? ?                ? 
3  polymer syn '16S RIBOSOMAL RNA HELIX 27' 9440.723  1 ? ? ?                ? 
4  polymer syn '16S RIBOSOMAL RNA HELIX 28' 8969.390  1 ? ? ?                ? 
5  polymer syn '16S RIBOSOMAL RNA HELIX 44' 3457.122  1 ? ? ?                ? 
6  polymer syn '16S RIBOSOMAL RNA HELIX 44' 3530.178  1 ? ? ?                ? 
7  polymer syn '16S RIBOSOMAL RNA HELIX 45' 9434.667  1 ? ? ?                ? 
8  polymer man '30S ribosomal protein S9'   14298.466 1 ? ? ?                ? 
9  polymer man '30S ribosomal protein S12'  13804.311 1 ? ? 'residues 5-128' ? 
10 polymer man '30S ribosomal protein S13'  14207.666 1 ? ? ?                ? 
# 
loop_
_entity_poly.entity_id 
_entity_poly.type 
_entity_poly.nstd_linkage 
_entity_poly.nstd_monomer 
_entity_poly.pdbx_seq_one_letter_code 
_entity_poly.pdbx_seq_one_letter_code_can 
_entity_poly.pdbx_strand_id 
_entity_poly.pdbx_target_identifier 
1  polyribonucleotide no no GGAGAGUUUGAUCCUGGCUCAGGG GGAGAGUUUGAUCCUGGCUCAGGG A ? 
2  polyribonucleotide no no GCGCCGGCCAACUCCGUGCCAGCAGCCGCGGUAAUACGGAGGGCGCGA GCGCCGGCCAACUCCGUGCCAGCAGCCGCGGUAAUACGGAGGGCGCGA B ? 
3  polyribonucleotide no no GGGGAGUACGGCCGCAAGGCUGAAACUCA GGGGAGUACGGCCGCAAGGCUGAAACUCA C ? 
4  polyribonucleotide no no AAUUGACGGGGGCCGCCUUGUACACACC AAUUGACGGGGGCCGCCUUGUACACACC D ? 
5  polyribonucleotide no no CGCCCGUCACG CGCCCGUCACG E ? 
6  polyribonucleotide no no CGAAGUCGUAA CGAAGUCGUAA X ? 
7  polyribonucleotide no no CAAGGUAGCUGUACCGGAAGGUGCGGCUG CAAGGUAGCUGUACCGGAAGGUGCGGCUG F ? 
8  'polypeptide(L)'   no no 
;EQYYGTGRRKEAVARVFLRPGNGKVTVNGQDFNEYFQGLVRAVAALEPLRAVDALGRFDAYITVRGGGKSGQIDAIKLGI
ARALVQYNPDYRAKLKPLGFLTRDARVVERKKYGKHKARRAPQYSKR
;
;EQYYGTGRRKEAVARVFLRPGNGKVTVNGQDFNEYFQGLVRAVAALEPLRAVDALGRFDAYITVRGGGKSGQIDAIKLGI
ARALVQYNPDYRAKLKPLGFLTRDARVVERKKYGKHKARRAPQYSKR
;
G ? 
9  'polypeptide(L)'   no no 
;PTINQLVRKGREKVRKKSKVPALKGAPFRRGVCTVVRTVTPKKPNSALRKVAKVRLTSGYEVTAYIPGEGHNLQEHSVVL
IRGGRVKDLPGVRYHIVRGVYDAAGVKDRKKSRSKYGTKKPKEA
;
;PTINQLVRKGREKVRKKSKVPALKGAPFRRGVCTVVRTVTPKKPNSALRKVAKVRLTSGYEVTAYIPGEGHNLQEHSVVL
IRGGRVKDLPGVRYHIVRGVYDAAGVKDRKKSRSKYGTKKPKEA
;
H ? 
10 'polypeptide(L)'   no no 
;ARIAGVEIPRNKRVDVALTYIYGIGKARAKEALEKTGINPATRVKDLTEAEVVRLREYVENTWKLEGELRAEVAANIKRL
MDIGCYRGLRHRRGLPVRGQRTRTNARTRKGPRKTVAGKKKAPRK
;
;ARIAGVEIPRNKRVDVALTYIYGIGKARAKEALEKTGINPATRVKDLTEAEVVRLREYVENTWKLEGELRAEVAANIKRL
MDIGCYRGLRHRRGLPVRGQRTRTNARTRKGPRKTVAGKKKAPRK
;
I ? 
# 
loop_
_entity_poly_seq.entity_id 
_entity_poly_seq.num 
_entity_poly_seq.mon_id 
_entity_poly_seq.hetero 
1  1   G   n 
1  2   G   n 
1  3   A   n 
1  4   G   n 
1  5   A   n 
1  6   G   n 
1  7   U   n 
1  8   U   n 
1  9   U   n 
1  10  G   n 
1  11  A   n 
1  12  U   n 
1  13  C   n 
1  14  C   n 
1  15  U   n 
1  16  G   n 
1  17  G   n 
1  18  C   n 
1  19  U   n 
1  20  C   n 
1  21  A   n 
1  22  G   n 
1  23  G   n 
1  24  G   n 
2  1   G   n 
2  2   C   n 
2  3   G   n 
2  4   C   n 
2  5   C   n 
2  6   G   n 
2  7   G   n 
2  8   C   n 
2  9   C   n 
2  10  A   n 
2  11  A   n 
2  12  C   n 
2  13  U   n 
2  14  C   n 
2  15  C   n 
2  16  G   n 
2  17  U   n 
2  18  G   n 
2  19  C   n 
2  20  C   n 
2  21  A   n 
2  22  G   n 
2  23  C   n 
2  24  A   n 
2  25  G   n 
2  26  C   n 
2  27  C   n 
2  28  G   n 
2  29  C   n 
2  30  G   n 
2  31  G   n 
2  32  U   n 
2  33  A   n 
2  34  A   n 
2  35  U   n 
2  36  A   n 
2  37  C   n 
2  38  G   n 
2  39  G   n 
2  40  A   n 
2  41  G   n 
2  42  G   n 
2  43  G   n 
2  44  C   n 
2  45  G   n 
2  46  C   n 
2  47  G   n 
2  48  A   n 
3  1   G   n 
3  2   G   n 
3  3   G   n 
3  4   G   n 
3  5   A   n 
3  6   G   n 
3  7   U   n 
3  8   A   n 
3  9   C   n 
3  10  G   n 
3  11  G   n 
3  12  C   n 
3  13  C   n 
3  14  G   n 
3  15  C   n 
3  16  A   n 
3  17  A   n 
3  18  G   n 
3  19  G   n 
3  20  C   n 
3  21  U   n 
3  22  G   n 
3  23  A   n 
3  24  A   n 
3  25  A   n 
3  26  C   n 
3  27  U   n 
3  28  C   n 
3  29  A   n 
4  1   A   n 
4  2   A   n 
4  3   U   n 
4  4   U   n 
4  5   G   n 
4  6   A   n 
4  7   C   n 
4  8   G   n 
4  9   G   n 
4  10  G   n 
4  11  G   n 
4  12  G   n 
4  13  C   n 
4  14  C   n 
4  15  G   n 
4  16  C   n 
4  17  C   n 
4  18  U   n 
4  19  U   n 
4  20  G   n 
4  21  U   n 
4  22  A   n 
4  23  C   n 
4  24  A   n 
4  25  C   n 
4  26  A   n 
4  27  C   n 
4  28  C   n 
5  1   C   n 
5  2   G   n 
5  3   C   n 
5  4   C   n 
5  5   C   n 
5  6   G   n 
5  7   U   n 
5  8   C   n 
5  9   A   n 
5  10  C   n 
5  11  G   n 
6  1   C   n 
6  2   G   n 
6  3   A   n 
6  4   A   n 
6  5   G   n 
6  6   U   n 
6  7   C   n 
6  8   G   n 
6  9   U   n 
6  10  A   n 
6  11  A   n 
7  1   C   n 
7  2   A   n 
7  3   A   n 
7  4   G   n 
7  5   G   n 
7  6   U   n 
7  7   A   n 
7  8   G   n 
7  9   C   n 
7  10  U   n 
7  11  G   n 
7  12  U   n 
7  13  A   n 
7  14  C   n 
7  15  C   n 
7  16  G   n 
7  17  G   n 
7  18  A   n 
7  19  A   n 
7  20  G   n 
7  21  G   n 
7  22  U   n 
7  23  G   n 
7  24  C   n 
7  25  G   n 
7  26  G   n 
7  27  C   n 
7  28  U   n 
7  29  G   n 
8  1   GLU n 
8  2   GLN n 
8  3   TYR n 
8  4   TYR n 
8  5   GLY n 
8  6   THR n 
8  7   GLY n 
8  8   ARG n 
8  9   ARG n 
8  10  LYS n 
8  11  GLU n 
8  12  ALA n 
8  13  VAL n 
8  14  ALA n 
8  15  ARG n 
8  16  VAL n 
8  17  PHE n 
8  18  LEU n 
8  19  ARG n 
8  20  PRO n 
8  21  GLY n 
8  22  ASN n 
8  23  GLY n 
8  24  LYS n 
8  25  VAL n 
8  26  THR n 
8  27  VAL n 
8  28  ASN n 
8  29  GLY n 
8  30  GLN n 
8  31  ASP n 
8  32  PHE n 
8  33  ASN n 
8  34  GLU n 
8  35  TYR n 
8  36  PHE n 
8  37  GLN n 
8  38  GLY n 
8  39  LEU n 
8  40  VAL n 
8  41  ARG n 
8  42  ALA n 
8  43  VAL n 
8  44  ALA n 
8  45  ALA n 
8  46  LEU n 
8  47  GLU n 
8  48  PRO n 
8  49  LEU n 
8  50  ARG n 
8  51  ALA n 
8  52  VAL n 
8  53  ASP n 
8  54  ALA n 
8  55  LEU n 
8  56  GLY n 
8  57  ARG n 
8  58  PHE n 
8  59  ASP n 
8  60  ALA n 
8  61  TYR n 
8  62  ILE n 
8  63  THR n 
8  64  VAL n 
8  65  ARG n 
8  66  GLY n 
8  67  GLY n 
8  68  GLY n 
8  69  LYS n 
8  70  SER n 
8  71  GLY n 
8  72  GLN n 
8  73  ILE n 
8  74  ASP n 
8  75  ALA n 
8  76  ILE n 
8  77  LYS n 
8  78  LEU n 
8  79  GLY n 
8  80  ILE n 
8  81  ALA n 
8  82  ARG n 
8  83  ALA n 
8  84  LEU n 
8  85  VAL n 
8  86  GLN n 
8  87  TYR n 
8  88  ASN n 
8  89  PRO n 
8  90  ASP n 
8  91  TYR n 
8  92  ARG n 
8  93  ALA n 
8  94  LYS n 
8  95  LEU n 
8  96  LYS n 
8  97  PRO n 
8  98  LEU n 
8  99  GLY n 
8  100 PHE n 
8  101 LEU n 
8  102 THR n 
8  103 ARG n 
8  104 ASP n 
8  105 ALA n 
8  106 ARG n 
8  107 VAL n 
8  108 VAL n 
8  109 GLU n 
8  110 ARG n 
8  111 LYS n 
8  112 LYS n 
8  113 TYR n 
8  114 GLY n 
8  115 LYS n 
8  116 HIS n 
8  117 LYS n 
8  118 ALA n 
8  119 ARG n 
8  120 ARG n 
8  121 ALA n 
8  122 PRO n 
8  123 GLN n 
8  124 TYR n 
8  125 SER n 
8  126 LYS n 
8  127 ARG n 
9  1   PRO n 
9  2   THR n 
9  3   ILE n 
9  4   ASN n 
9  5   GLN n 
9  6   LEU n 
9  7   VAL n 
9  8   ARG n 
9  9   LYS n 
9  10  GLY n 
9  11  ARG n 
9  12  GLU n 
9  13  LYS n 
9  14  VAL n 
9  15  ARG n 
9  16  LYS n 
9  17  LYS n 
9  18  SER n 
9  19  LYS n 
9  20  VAL n 
9  21  PRO n 
9  22  ALA n 
9  23  LEU n 
9  24  LYS n 
9  25  GLY n 
9  26  ALA n 
9  27  PRO n 
9  28  PHE n 
9  29  ARG n 
9  30  ARG n 
9  31  GLY n 
9  32  VAL n 
9  33  CYS n 
9  34  THR n 
9  35  VAL n 
9  36  VAL n 
9  37  ARG n 
9  38  THR n 
9  39  VAL n 
9  40  THR n 
9  41  PRO n 
9  42  LYS n 
9  43  LYS n 
9  44  PRO n 
9  45  ASN n 
9  46  SER n 
9  47  ALA n 
9  48  LEU n 
9  49  ARG n 
9  50  LYS n 
9  51  VAL n 
9  52  ALA n 
9  53  LYS n 
9  54  VAL n 
9  55  ARG n 
9  56  LEU n 
9  57  THR n 
9  58  SER n 
9  59  GLY n 
9  60  TYR n 
9  61  GLU n 
9  62  VAL n 
9  63  THR n 
9  64  ALA n 
9  65  TYR n 
9  66  ILE n 
9  67  PRO n 
9  68  GLY n 
9  69  GLU n 
9  70  GLY n 
9  71  HIS n 
9  72  ASN n 
9  73  LEU n 
9  74  GLN n 
9  75  GLU n 
9  76  HIS n 
9  77  SER n 
9  78  VAL n 
9  79  VAL n 
9  80  LEU n 
9  81  ILE n 
9  82  ARG n 
9  83  GLY n 
9  84  GLY n 
9  85  ARG n 
9  86  VAL n 
9  87  LYS n 
9  88  ASP n 
9  89  LEU n 
9  90  PRO n 
9  91  GLY n 
9  92  VAL n 
9  93  ARG n 
9  94  TYR n 
9  95  HIS n 
9  96  ILE n 
9  97  VAL n 
9  98  ARG n 
9  99  GLY n 
9  100 VAL n 
9  101 TYR n 
9  102 ASP n 
9  103 ALA n 
9  104 ALA n 
9  105 GLY n 
9  106 VAL n 
9  107 LYS n 
9  108 ASP n 
9  109 ARG n 
9  110 LYS n 
9  111 LYS n 
9  112 SER n 
9  113 ARG n 
9  114 SER n 
9  115 LYS n 
9  116 TYR n 
9  117 GLY n 
9  118 THR n 
9  119 LYS n 
9  120 LYS n 
9  121 PRO n 
9  122 LYS n 
9  123 GLU n 
9  124 ALA n 
10 1   ALA n 
10 2   ARG n 
10 3   ILE n 
10 4   ALA n 
10 5   GLY n 
10 6   VAL n 
10 7   GLU n 
10 8   ILE n 
10 9   PRO n 
10 10  ARG n 
10 11  ASN n 
10 12  LYS n 
10 13  ARG n 
10 14  VAL n 
10 15  ASP n 
10 16  VAL n 
10 17  ALA n 
10 18  LEU n 
10 19  THR n 
10 20  TYR n 
10 21  ILE n 
10 22  TYR n 
10 23  GLY n 
10 24  ILE n 
10 25  GLY n 
10 26  LYS n 
10 27  ALA n 
10 28  ARG n 
10 29  ALA n 
10 30  LYS n 
10 31  GLU n 
10 32  ALA n 
10 33  LEU n 
10 34  GLU n 
10 35  LYS n 
10 36  THR n 
10 37  GLY n 
10 38  ILE n 
10 39  ASN n 
10 40  PRO n 
10 41  ALA n 
10 42  THR n 
10 43  ARG n 
10 44  VAL n 
10 45  LYS n 
10 46  ASP n 
10 47  LEU n 
10 48  THR n 
10 49  GLU n 
10 50  ALA n 
10 51  GLU n 
10 52  VAL n 
10 53  VAL n 
10 54  ARG n 
10 55  LEU n 
10 56  ARG n 
10 57  GLU n 
10 58  TYR n 
10 59  VAL n 
10 60  GLU n 
10 61  ASN n 
10 62  THR n 
10 63  TRP n 
10 64  LYS n 
10 65  LEU n 
10 66  GLU n 
10 67  GLY n 
10 68  GLU n 
10 69  LEU n 
10 70  ARG n 
10 71  ALA n 
10 72  GLU n 
10 73  VAL n 
10 74  ALA n 
10 75  ALA n 
10 76  ASN n 
10 77  ILE n 
10 78  LYS n 
10 79  ARG n 
10 80  LEU n 
10 81  MET n 
10 82  ASP n 
10 83  ILE n 
10 84  GLY n 
10 85  CYS n 
10 86  TYR n 
10 87  ARG n 
10 88  GLY n 
10 89  LEU n 
10 90  ARG n 
10 91  HIS n 
10 92  ARG n 
10 93  ARG n 
10 94  GLY n 
10 95  LEU n 
10 96  PRO n 
10 97  VAL n 
10 98  ARG n 
10 99  GLY n 
10 100 GLN n 
10 101 ARG n 
10 102 THR n 
10 103 ARG n 
10 104 THR n 
10 105 ASN n 
10 106 ALA n 
10 107 ARG n 
10 108 THR n 
10 109 ARG n 
10 110 LYS n 
10 111 GLY n 
10 112 PRO n 
10 113 ARG n 
10 114 LYS n 
10 115 THR n 
10 116 VAL n 
10 117 ALA n 
10 118 GLY n 
10 119 LYS n 
10 120 LYS n 
10 121 LYS n 
10 122 ALA n 
10 123 PRO n 
10 124 ARG n 
10 125 LYS n 
# 
loop_
_entity_src_gen.entity_id 
_entity_src_gen.pdbx_src_id 
_entity_src_gen.pdbx_alt_source_flag 
_entity_src_gen.pdbx_seq_type 
_entity_src_gen.pdbx_beg_seq_num 
_entity_src_gen.pdbx_end_seq_num 
_entity_src_gen.gene_src_common_name 
_entity_src_gen.gene_src_genus 
_entity_src_gen.pdbx_gene_src_gene 
_entity_src_gen.gene_src_species 
_entity_src_gen.gene_src_strain 
_entity_src_gen.gene_src_tissue 
_entity_src_gen.gene_src_tissue_fraction 
_entity_src_gen.gene_src_details 
_entity_src_gen.pdbx_gene_src_fragment 
_entity_src_gen.pdbx_gene_src_scientific_name 
_entity_src_gen.pdbx_gene_src_ncbi_taxonomy_id 
_entity_src_gen.pdbx_gene_src_variant 
_entity_src_gen.pdbx_gene_src_cell_line 
_entity_src_gen.pdbx_gene_src_atcc 
_entity_src_gen.pdbx_gene_src_organ 
_entity_src_gen.pdbx_gene_src_organelle 
_entity_src_gen.pdbx_gene_src_cell 
_entity_src_gen.pdbx_gene_src_cellular_location 
_entity_src_gen.host_org_common_name 
_entity_src_gen.pdbx_host_org_scientific_name 
_entity_src_gen.pdbx_host_org_ncbi_taxonomy_id 
_entity_src_gen.host_org_genus 
_entity_src_gen.pdbx_host_org_gene 
_entity_src_gen.pdbx_host_org_organ 
_entity_src_gen.host_org_species 
_entity_src_gen.pdbx_host_org_tissue 
_entity_src_gen.pdbx_host_org_tissue_fraction 
_entity_src_gen.pdbx_host_org_strain 
_entity_src_gen.pdbx_host_org_variant 
_entity_src_gen.pdbx_host_org_cell_line 
_entity_src_gen.pdbx_host_org_atcc 
_entity_src_gen.pdbx_host_org_culture_collection 
_entity_src_gen.pdbx_host_org_cell 
_entity_src_gen.pdbx_host_org_organelle 
_entity_src_gen.pdbx_host_org_cellular_location 
_entity_src_gen.pdbx_host_org_vector_type 
_entity_src_gen.pdbx_host_org_vector 
_entity_src_gen.host_org_details 
_entity_src_gen.expression_system_id 
_entity_src_gen.plasmid_name 
_entity_src_gen.plasmid_details 
_entity_src_gen.pdbx_description 
8  1 sample ? ? ? ? Thermus 'rpsI, rps9'  'Thermus thermophilus' HB27 ? ? ? ? 'Thermus thermophilus' 262724 ? ? ? ? ? ? ? ? 
'Escherichia coli' 562 Escherichia ? ? ? ? ? ? ? ? ? ? ? ? ? ? ? ? ? ? ? ? 
9  1 sample ? ? ? ? Thermus 'rpsL, rps12' 'Thermus thermophilus' HB27 ? ? ? ? 'Thermus thermophilus' 262724 ? ? ? ? ? ? ? ? 
'Escherichia coli' 562 Escherichia ? ? ? ? ? ? ? ? ? ? ? ? ? ? ? ? ? ? ? ? 
10 1 sample ? ? ? ? Thermus 'rpsM, rps13' 'Thermus thermophilus' HB27 ? ? ? ? 'Thermus thermophilus' 262724 ? ? ? ? ? ? ? ? 
'Escherichia coli' 562 Escherichia ? ? ? ? ? ? ? ? ? ? ? ? ? ? ? ? ? ? ? ? 
# 
loop_
_pdbx_entity_src_syn.entity_id 
_pdbx_entity_src_syn.pdbx_src_id 
_pdbx_entity_src_syn.pdbx_alt_source_flag 
_pdbx_entity_src_syn.pdbx_beg_seq_num 
_pdbx_entity_src_syn.pdbx_end_seq_num 
_pdbx_entity_src_syn.organism_scientific 
_pdbx_entity_src_syn.organism_common_name 
_pdbx_entity_src_syn.ncbi_taxonomy_id 
_pdbx_entity_src_syn.details 
1 1 sample ? ? 'synthetic construct' ? 32630 ? 
2 1 sample ? ? 'synthetic construct' ? 32630 ? 
3 1 sample ? ? 'synthetic construct' ? 32630 ? 
4 1 sample ? ? 'synthetic construct' ? 32630 ? 
5 1 sample ? ? 'synthetic construct' ? 32630 ? 
6 1 sample ? ? 'synthetic construct' ? 32630 ? 
7 1 sample ? ? 'synthetic construct' ? 32630 ? 
# 
loop_
_chem_comp.id 
_chem_comp.type 
_chem_comp.mon_nstd_flag 
_chem_comp.name 
_chem_comp.pdbx_synonyms 
_chem_comp.formula 
_chem_comp.formula_weight 
A   'RNA linking'       y "ADENOSINE-5'-MONOPHOSPHATE" ? 'C10 H14 N5 O7 P' 347.221 
ALA 'L-peptide linking' y ALANINE                      ? 'C3 H7 N O2'      89.093  
ARG 'L-peptide linking' y ARGININE                     ? 'C6 H15 N4 O2 1'  175.209 
ASN 'L-peptide linking' y ASPARAGINE                   ? 'C4 H8 N2 O3'     132.118 
ASP 'L-peptide linking' y 'ASPARTIC ACID'              ? 'C4 H7 N O4'      133.103 
C   'RNA linking'       y "CYTIDINE-5'-MONOPHOSPHATE"  ? 'C9 H14 N3 O8 P'  323.197 
CYS 'L-peptide linking' y CYSTEINE                     ? 'C3 H7 N O2 S'    121.158 
G   'RNA linking'       y "GUANOSINE-5'-MONOPHOSPHATE" ? 'C10 H14 N5 O8 P' 363.221 
GLN 'L-peptide linking' y GLUTAMINE                    ? 'C5 H10 N2 O3'    146.144 
GLU 'L-peptide linking' y 'GLUTAMIC ACID'              ? 'C5 H9 N O4'      147.129 
GLY 'peptide linking'   y GLYCINE                      ? 'C2 H5 N O2'      75.067  
HIS 'L-peptide linking' y HISTIDINE                    ? 'C6 H10 N3 O2 1'  156.162 
ILE 'L-peptide linking' y ISOLEUCINE                   ? 'C6 H13 N O2'     131.173 
LEU 'L-peptide linking' y LEUCINE                      ? 'C6 H13 N O2'     131.173 
LYS 'L-peptide linking' y LYSINE                       ? 'C6 H15 N2 O2 1'  147.195 
MET 'L-peptide linking' y METHIONINE                   ? 'C5 H11 N O2 S'   149.211 
PHE 'L-peptide linking' y PHENYLALANINE                ? 'C9 H11 N O2'     165.189 
PRO 'L-peptide linking' y PROLINE                      ? 'C5 H9 N O2'      115.130 
SER 'L-peptide linking' y SERINE                       ? 'C3 H7 N O3'      105.093 
THR 'L-peptide linking' y THREONINE                    ? 'C4 H9 N O3'      119.119 
TRP 'L-peptide linking' y TRYPTOPHAN                   ? 'C11 H12 N2 O2'   204.225 
TYR 'L-peptide linking' y TYROSINE                     ? 'C9 H11 N O3'     181.189 
U   'RNA linking'       y "URIDINE-5'-MONOPHOSPHATE"   ? 'C9 H13 N2 O9 P'  324.181 
VAL 'L-peptide linking' y VALINE                       ? 'C5 H11 N O2'     117.146 
# 
loop_
_pdbx_poly_seq_scheme.asym_id 
_pdbx_poly_seq_scheme.entity_id 
_pdbx_poly_seq_scheme.seq_id 
_pdbx_poly_seq_scheme.mon_id 
_pdbx_poly_seq_scheme.ndb_seq_num 
_pdbx_poly_seq_scheme.pdb_seq_num 
_pdbx_poly_seq_scheme.auth_seq_num 
_pdbx_poly_seq_scheme.pdb_mon_id 
_pdbx_poly_seq_scheme.auth_mon_id 
_pdbx_poly_seq_scheme.pdb_strand_id 
_pdbx_poly_seq_scheme.pdb_ins_code 
_pdbx_poly_seq_scheme.hetero 
A 1  1   G   1   6    6    G   G   A . n 
A 1  2   G   2   7    7    G   G   A . n 
A 1  3   A   3   8    8    A   A   A . n 
A 1  4   G   4   9    9    G   G   A . n 
A 1  5   A   5   10   10   A   A   A . n 
A 1  6   G   6   11   11   G   G   A . n 
A 1  7   U   7   12   12   U   U   A . n 
A 1  8   U   8   13   13   U   U   A . n 
A 1  9   U   9   14   14   U   U   A . n 
A 1  10  G   10  15   15   G   G   A . n 
A 1  11  A   11  16   16   A   A   A . n 
A 1  12  U   12  17   17   U   U   A . n 
A 1  13  C   13  18   18   C   C   A . n 
A 1  14  C   14  19   19   C   C   A . n 
A 1  15  U   15  20   20   U   U   A . n 
A 1  16  G   16  21   21   G   G   A . n 
A 1  17  G   17  22   22   G   G   A . n 
A 1  18  C   18  23   23   C   C   A . n 
A 1  19  U   19  24   24   U   U   A . n 
A 1  20  C   20  25   25   C   C   A . n 
A 1  21  A   21  26   26   A   A   A . n 
A 1  22  G   22  27   27   G   G   A . n 
A 1  23  G   23  28   28   G   G   A . n 
A 1  24  G   24  29   29   G   G   A . n 
B 2  1   G   1   500  500  G   G   B . n 
B 2  2   C   2   501  501  C   C   B . n 
B 2  3   G   3   502  502  G   G   B . n 
B 2  4   C   4   503  503  C   C   B . n 
B 2  5   C   5   504  504  C   C   B . n 
B 2  6   G   6   505  505  G   G   B . n 
B 2  7   G   7   506  506  G   G   B . n 
B 2  8   C   8   507  507  C   C   B . n 
B 2  9   C   9   508  508  C   C   B . n 
B 2  10  A   10  509  509  A   A   B . n 
B 2  11  A   11  510  510  A   A   B . n 
B 2  12  C   12  511  511  C   C   B . n 
B 2  13  U   13  512  512  U   U   B . n 
B 2  14  C   14  513  513  C   C   B . n 
B 2  15  C   15  514  514  C   C   B . n 
B 2  16  G   16  515  515  G   G   B . n 
B 2  17  U   17  516  516  U   U   B . n 
B 2  18  G   18  517  517  G   G   B . n 
B 2  19  C   19  518  518  C   C   B . n 
B 2  20  C   20  519  519  C   C   B . n 
B 2  21  A   21  520  520  A   A   B . n 
B 2  22  G   22  521  521  G   G   B . n 
B 2  23  C   23  522  522  C   C   B . n 
B 2  24  A   24  523  523  A   A   B . n 
B 2  25  G   25  524  524  G   G   B . n 
B 2  26  C   26  525  525  C   C   B . n 
B 2  27  C   27  526  526  C   C   B . n 
B 2  28  G   28  527  527  G   G   B . n 
B 2  29  C   29  528  528  C   C   B . n 
B 2  30  G   30  529  529  G   G   B . n 
B 2  31  G   31  530  530  G   G   B . n 
B 2  32  U   32  531  531  U   U   B . n 
B 2  33  A   33  532  532  A   A   B . n 
B 2  34  A   34  533  533  A   A   B . n 
B 2  35  U   35  534  534  U   U   B . n 
B 2  36  A   36  535  535  A   A   B . n 
B 2  37  C   37  536  536  C   C   B . n 
B 2  38  G   38  537  537  G   G   B . n 
B 2  39  G   39  538  538  G   G   B . n 
B 2  40  A   40  539  539  A   A   B . n 
B 2  41  G   41  540  540  G   G   B . n 
B 2  42  G   42  541  541  G   G   B . n 
B 2  43  G   43  542  542  G   G   B . n 
B 2  44  C   44  543  543  C   C   B . n 
B 2  45  G   45  544  544  G   G   B . n 
B 2  46  C   46  545  545  C   C   B . n 
B 2  47  G   47  546  546  G   G   B . n 
B 2  48  A   48  547  547  A   A   B . n 
C 3  1   G   1   885  885  G   G   C . n 
C 3  2   G   2   886  886  G   G   C . n 
C 3  3   G   3   887  887  G   G   C . n 
C 3  4   G   4   888  888  G   G   C . n 
C 3  5   A   5   889  889  A   A   C . n 
C 3  6   G   6   890  890  G   G   C . n 
C 3  7   U   7   891  891  U   U   C . n 
C 3  8   A   8   892  892  A   A   C . n 
C 3  9   C   9   893  893  C   C   C . n 
C 3  10  G   10  894  894  G   G   C . n 
C 3  11  G   11  895  895  G   G   C . n 
C 3  12  C   12  896  896  C   C   C . n 
C 3  13  C   13  897  897  C   C   C . n 
C 3  14  G   14  898  898  G   G   C . n 
C 3  15  C   15  899  899  C   C   C . n 
C 3  16  A   16  900  900  A   A   C . n 
C 3  17  A   17  901  901  A   A   C . n 
C 3  18  G   18  902  902  G   G   C . n 
C 3  19  G   19  903  903  G   G   C . n 
C 3  20  C   20  904  904  C   C   C . n 
C 3  21  U   21  905  905  U   U   C . n 
C 3  22  G   22  906  906  G   G   C . n 
C 3  23  A   23  907  907  A   A   C . n 
C 3  24  A   24  908  908  A   A   C . n 
C 3  25  A   25  909  909  A   A   C . n 
C 3  26  C   26  910  910  C   C   C . n 
C 3  27  U   27  911  911  U   U   C . n 
C 3  28  C   28  912  912  C   C   C . n 
C 3  29  A   29  913  913  A   A   C . n 
D 4  1   A   1   918  918  A   A   D . n 
D 4  2   A   2   919  919  A   A   D . n 
D 4  3   U   3   920  920  U   U   D . n 
D 4  4   U   4   921  921  U   U   D . n 
D 4  5   G   5   922  922  G   G   D . n 
D 4  6   A   6   923  923  A   A   D . n 
D 4  7   C   7   924  924  C   C   D . n 
D 4  8   G   8   925  925  G   G   D . n 
D 4  9   G   9   926  926  G   G   D . n 
D 4  10  G   10  927  927  G   G   D . n 
D 4  11  G   11  928  928  G   G   D . n 
D 4  12  G   12  929  929  G   G   D . n 
D 4  13  C   13  930  930  C   C   D . n 
D 4  14  C   14  931  931  C   C   D . n 
D 4  15  G   15  932  932  G   G   D . n 
D 4  16  C   16  933  933  C   C   D . n 
D 4  17  C   17  934  934  C   C   D . n 
D 4  18  U   18  935  935  U   U   D . n 
D 4  19  U   19  936  936  U   U   D . n 
D 4  20  G   20  937  937  G   G   D . n 
D 4  21  U   21  938  938  U   U   D . n 
D 4  22  A   22  939  939  A   A   D . n 
D 4  23  C   23  940  940  C   C   D . n 
D 4  24  A   24  941  941  A   A   D . n 
D 4  25  C   25  942  942  C   C   D . n 
D 4  26  A   26  943  943  A   A   D . n 
D 4  27  C   27  944  944  C   C   D . n 
D 4  28  C   28  945  945  C   C   D . n 
E 5  1   C   1   1400 1400 C   C   E . n 
E 5  2   G   2   1401 1401 G   G   E . n 
E 5  3   C   3   1402 1402 C   C   E . n 
E 5  4   C   4   1403 1403 C   C   E . n 
E 5  5   C   5   1404 1404 C   C   E . n 
E 5  6   G   6   1405 1405 G   G   E . n 
E 5  7   U   7   1406 1406 U   U   E . n 
E 5  8   C   8   1407 1407 C   C   E . n 
E 5  9   A   9   1408 1408 A   A   E . n 
E 5  10  C   10  1409 1409 C   C   E . n 
E 5  11  G   11  1410 1410 G   G   E . n 
F 6  1   C   1   1490 1490 C   C   X . n 
F 6  2   G   2   1491 1491 G   G   X . n 
F 6  3   A   3   1492 1492 A   A   X . n 
F 6  4   A   4   1493 1493 A   A   X . n 
F 6  5   G   5   1494 1494 G   G   X . n 
F 6  6   U   6   1495 1495 U   U   X . n 
F 6  7   C   7   1496 1496 C   C   X . n 
F 6  8   G   8   1497 1497 G   G   X . n 
F 6  9   U   9   1498 1498 U   U   X . n 
F 6  10  A   10  1499 1499 A   A   X . n 
F 6  11  A   11  1500 1500 A   A   X . n 
G 7  1   C   1   1501 1501 C   C   F . n 
G 7  2   A   2   1502 1502 A   A   F . n 
G 7  3   A   3   1503 1503 A   A   F . n 
G 7  4   G   4   1504 1504 G   G   F . n 
G 7  5   G   5   1505 1505 G   G   F . n 
G 7  6   U   6   1506 1506 U   U   F . n 
G 7  7   A   7   1507 1507 A   A   F . n 
G 7  8   G   8   1508 1508 G   G   F . n 
G 7  9   C   9   1509 1509 C   C   F . n 
G 7  10  U   10  1510 1510 U   U   F . n 
G 7  11  G   11  1511 1511 G   G   F . n 
G 7  12  U   12  1512 1512 U   U   F . n 
G 7  13  A   13  1513 1513 A   A   F . n 
G 7  14  C   14  1514 1514 C   C   F . n 
G 7  15  C   15  1515 1515 C   C   F . n 
G 7  16  G   16  1516 1516 G   G   F . n 
G 7  17  G   17  1517 1517 G   G   F . n 
G 7  18  A   18  1518 1518 A   A   F . n 
G 7  19  A   19  1519 1519 A   A   F . n 
G 7  20  G   20  1520 1520 G   G   F . n 
G 7  21  G   21  1521 1521 G   G   F . n 
G 7  22  U   22  1522 1522 U   U   F . n 
G 7  23  G   23  1523 1523 G   G   F . n 
G 7  24  C   24  1524 1524 C   C   F . n 
G 7  25  G   25  1525 1525 G   G   F . n 
G 7  26  G   26  1526 1526 G   G   F . n 
G 7  27  C   27  1527 1527 C   C   F . n 
G 7  28  U   28  1528 1528 U   U   F . n 
G 7  29  G   29  1529 1529 G   G   F . n 
H 8  1   GLU 1   2    2    GLU GLU G . n 
H 8  2   GLN 2   3    3    GLN GLN G . n 
H 8  3   TYR 3   4    4    TYR TYR G . n 
H 8  4   TYR 4   5    5    TYR TYR G . n 
H 8  5   GLY 5   6    6    GLY GLY G . n 
H 8  6   THR 6   7    7    THR THR G . n 
H 8  7   GLY 7   8    8    GLY GLY G . n 
H 8  8   ARG 8   9    9    ARG ARG G . n 
H 8  9   ARG 9   10   10   ARG ARG G . n 
H 8  10  LYS 10  11   11   LYS LYS G . n 
H 8  11  GLU 11  12   12   GLU GLU G . n 
H 8  12  ALA 12  13   13   ALA ALA G . n 
H 8  13  VAL 13  14   14   VAL VAL G . n 
H 8  14  ALA 14  15   15   ALA ALA G . n 
H 8  15  ARG 15  16   16   ARG ARG G . n 
H 8  16  VAL 16  17   17   VAL VAL G . n 
H 8  17  PHE 17  18   18   PHE PHE G . n 
H 8  18  LEU 18  19   19   LEU LEU G . n 
H 8  19  ARG 19  20   20   ARG ARG G . n 
H 8  20  PRO 20  21   21   PRO PRO G . n 
H 8  21  GLY 21  22   22   GLY GLY G . n 
H 8  22  ASN 22  23   23   ASN ASN G . n 
H 8  23  GLY 23  24   24   GLY GLY G . n 
H 8  24  LYS 24  25   25   LYS LYS G . n 
H 8  25  VAL 25  26   26   VAL VAL G . n 
H 8  26  THR 26  27   27   THR THR G . n 
H 8  27  VAL 27  28   28   VAL VAL G . n 
H 8  28  ASN 28  29   29   ASN ASN G . n 
H 8  29  GLY 29  30   30   GLY GLY G . n 
H 8  30  GLN 30  31   31   GLN GLN G . n 
H 8  31  ASP 31  32   32   ASP ASP G . n 
H 8  32  PHE 32  33   33   PHE PHE G . n 
H 8  33  ASN 33  34   34   ASN ASN G . n 
H 8  34  GLU 34  35   35   GLU GLU G . n 
H 8  35  TYR 35  36   36   TYR TYR G . n 
H 8  36  PHE 36  37   37   PHE PHE G . n 
H 8  37  GLN 37  38   38   GLN GLN G . n 
H 8  38  GLY 38  39   39   GLY GLY G . n 
H 8  39  LEU 39  40   40   LEU LEU G . n 
H 8  40  VAL 40  41   41   VAL VAL G . n 
H 8  41  ARG 41  42   42   ARG ARG G . n 
H 8  42  ALA 42  43   43   ALA ALA G . n 
H 8  43  VAL 43  44   44   VAL VAL G . n 
H 8  44  ALA 44  45   45   ALA ALA G . n 
H 8  45  ALA 45  46   46   ALA ALA G . n 
H 8  46  LEU 46  47   47   LEU LEU G . n 
H 8  47  GLU 47  48   48   GLU GLU G . n 
H 8  48  PRO 48  49   49   PRO PRO G . n 
H 8  49  LEU 49  50   50   LEU LEU G . n 
H 8  50  ARG 50  51   51   ARG ARG G . n 
H 8  51  ALA 51  52   52   ALA ALA G . n 
H 8  52  VAL 52  53   53   VAL VAL G . n 
H 8  53  ASP 53  54   54   ASP ASP G . n 
H 8  54  ALA 54  55   55   ALA ALA G . n 
H 8  55  LEU 55  56   56   LEU LEU G . n 
H 8  56  GLY 56  57   57   GLY GLY G . n 
H 8  57  ARG 57  58   58   ARG ARG G . n 
H 8  58  PHE 58  59   59   PHE PHE G . n 
H 8  59  ASP 59  60   60   ASP ASP G . n 
H 8  60  ALA 60  61   61   ALA ALA G . n 
H 8  61  TYR 61  62   62   TYR TYR G . n 
H 8  62  ILE 62  63   63   ILE ILE G . n 
H 8  63  THR 63  64   64   THR THR G . n 
H 8  64  VAL 64  65   65   VAL VAL G . n 
H 8  65  ARG 65  66   66   ARG ARG G . n 
H 8  66  GLY 66  67   67   GLY GLY G . n 
H 8  67  GLY 67  68   68   GLY GLY G . n 
H 8  68  GLY 68  69   69   GLY GLY G . n 
H 8  69  LYS 69  70   70   LYS LYS G . n 
H 8  70  SER 70  71   71   SER SER G . n 
H 8  71  GLY 71  72   72   GLY GLY G . n 
H 8  72  GLN 72  73   73   GLN GLN G . n 
H 8  73  ILE 73  74   74   ILE ILE G . n 
H 8  74  ASP 74  75   75   ASP ASP G . n 
H 8  75  ALA 75  76   76   ALA ALA G . n 
H 8  76  ILE 76  77   77   ILE ILE G . n 
H 8  77  LYS 77  78   78   LYS LYS G . n 
H 8  78  LEU 78  79   79   LEU LEU G . n 
H 8  79  GLY 79  80   80   GLY GLY G . n 
H 8  80  ILE 80  81   81   ILE ILE G . n 
H 8  81  ALA 81  82   82   ALA ALA G . n 
H 8  82  ARG 82  83   83   ARG ARG G . n 
H 8  83  ALA 83  84   84   ALA ALA G . n 
H 8  84  LEU 84  85   85   LEU LEU G . n 
H 8  85  VAL 85  86   86   VAL VAL G . n 
H 8  86  GLN 86  87   87   GLN GLN G . n 
H 8  87  TYR 87  88   88   TYR TYR G . n 
H 8  88  ASN 88  89   89   ASN ASN G . n 
H 8  89  PRO 89  90   90   PRO PRO G . n 
H 8  90  ASP 90  91   91   ASP ASP G . n 
H 8  91  TYR 91  92   92   TYR TYR G . n 
H 8  92  ARG 92  93   93   ARG ARG G . n 
H 8  93  ALA 93  94   94   ALA ALA G . n 
H 8  94  LYS 94  95   95   LYS LYS G . n 
H 8  95  LEU 95  96   96   LEU LEU G . n 
H 8  96  LYS 96  97   97   LYS LYS G . n 
H 8  97  PRO 97  98   98   PRO PRO G . n 
H 8  98  LEU 98  99   99   LEU LEU G . n 
H 8  99  GLY 99  100  100  GLY GLY G . n 
H 8  100 PHE 100 101  101  PHE PHE G . n 
H 8  101 LEU 101 102  102  LEU LEU G . n 
H 8  102 THR 102 103  103  THR THR G . n 
H 8  103 ARG 103 104  104  ARG ARG G . n 
H 8  104 ASP 104 105  105  ASP ASP G . n 
H 8  105 ALA 105 106  106  ALA ALA G . n 
H 8  106 ARG 106 107  107  ARG ARG G . n 
H 8  107 VAL 107 108  108  VAL VAL G . n 
H 8  108 VAL 108 109  109  VAL VAL G . n 
H 8  109 GLU 109 110  110  GLU GLU G . n 
H 8  110 ARG 110 111  111  ARG ARG G . n 
H 8  111 LYS 111 112  112  LYS LYS G . n 
H 8  112 LYS 112 113  113  LYS LYS G . n 
H 8  113 TYR 113 114  114  TYR TYR G . n 
H 8  114 GLY 114 115  115  GLY GLY G . n 
H 8  115 LYS 115 116  116  LYS LYS G . n 
H 8  116 HIS 116 117  117  HIS HIS G . n 
H 8  117 LYS 117 118  118  LYS LYS G . n 
H 8  118 ALA 118 119  119  ALA ALA G . n 
H 8  119 ARG 119 120  120  ARG ARG G . n 
H 8  120 ARG 120 121  121  ARG ARG G . n 
H 8  121 ALA 121 122  122  ALA ALA G . n 
H 8  122 PRO 122 123  123  PRO PRO G . n 
H 8  123 GLN 123 124  124  GLN GLN G . n 
H 8  124 TYR 124 125  125  TYR TYR G . n 
H 8  125 SER 125 126  126  SER SER G . n 
H 8  126 LYS 126 127  127  LYS LYS G . n 
H 8  127 ARG 127 128  128  ARG ARG G . n 
I 9  1   PRO 1   5    5    PRO PRO H . n 
I 9  2   THR 2   6    6    THR THR H . n 
I 9  3   ILE 3   7    7    ILE ILE H . n 
I 9  4   ASN 4   8    8    ASN ASN H . n 
I 9  5   GLN 5   9    9    GLN GLN H . n 
I 9  6   LEU 6   10   10   LEU LEU H . n 
I 9  7   VAL 7   11   11   VAL VAL H . n 
I 9  8   ARG 8   12   12   ARG ARG H . n 
I 9  9   LYS 9   13   13   LYS LYS H . n 
I 9  10  GLY 10  14   14   GLY GLY H . n 
I 9  11  ARG 11  15   15   ARG ARG H . n 
I 9  12  GLU 12  16   16   GLU GLU H . n 
I 9  13  LYS 13  17   17   LYS LYS H . n 
I 9  14  VAL 14  18   18   VAL VAL H . n 
I 9  15  ARG 15  19   19   ARG ARG H . n 
I 9  16  LYS 16  20   20   LYS LYS H . n 
I 9  17  LYS 17  21   21   LYS LYS H . n 
I 9  18  SER 18  22   22   SER SER H . n 
I 9  19  LYS 19  23   23   LYS LYS H . n 
I 9  20  VAL 20  24   24   VAL VAL H . n 
I 9  21  PRO 21  25   25   PRO PRO H . n 
I 9  22  ALA 22  26   26   ALA ALA H . n 
I 9  23  LEU 23  27   27   LEU LEU H . n 
I 9  24  LYS 24  28   28   LYS LYS H . n 
I 9  25  GLY 25  29   29   GLY GLY H . n 
I 9  26  ALA 26  30   30   ALA ALA H . n 
I 9  27  PRO 27  31   31   PRO PRO H . n 
I 9  28  PHE 28  32   32   PHE PHE H . n 
I 9  29  ARG 29  33   33   ARG ARG H . n 
I 9  30  ARG 30  34   34   ARG ARG H . n 
I 9  31  GLY 31  35   35   GLY GLY H . n 
I 9  32  VAL 32  36   36   VAL VAL H . n 
I 9  33  CYS 33  37   37   CYS CYS H . n 
I 9  34  THR 34  38   38   THR THR H . n 
I 9  35  VAL 35  39   39   VAL VAL H . n 
I 9  36  VAL 36  40   40   VAL VAL H . n 
I 9  37  ARG 37  41   41   ARG ARG H . n 
I 9  38  THR 38  42   42   THR THR H . n 
I 9  39  VAL 39  43   43   VAL VAL H . n 
I 9  40  THR 40  44   44   THR THR H . n 
I 9  41  PRO 41  45   45   PRO PRO H . n 
I 9  42  LYS 42  46   46   LYS LYS H . n 
I 9  43  LYS 43  47   47   LYS LYS H . n 
I 9  44  PRO 44  48   48   PRO PRO H . n 
I 9  45  ASN 45  49   49   ASN ASN H . n 
I 9  46  SER 46  50   50   SER SER H . n 
I 9  47  ALA 47  51   51   ALA ALA H . n 
I 9  48  LEU 48  52   52   LEU LEU H . n 
I 9  49  ARG 49  53   53   ARG ARG H . n 
I 9  50  LYS 50  54   54   LYS LYS H . n 
I 9  51  VAL 51  55   55   VAL VAL H . n 
I 9  52  ALA 52  56   56   ALA ALA H . n 
I 9  53  LYS 53  57   57   LYS LYS H . n 
I 9  54  VAL 54  58   58   VAL VAL H . n 
I 9  55  ARG 55  59   59   ARG ARG H . n 
I 9  56  LEU 56  60   60   LEU LEU H . n 
I 9  57  THR 57  61   61   THR THR H . n 
I 9  58  SER 58  62   62   SER SER H . n 
I 9  59  GLY 59  63   63   GLY GLY H . n 
I 9  60  TYR 60  64   64   TYR TYR H . n 
I 9  61  GLU 61  65   65   GLU GLU H . n 
I 9  62  VAL 62  66   66   VAL VAL H . n 
I 9  63  THR 63  67   67   THR THR H . n 
I 9  64  ALA 64  68   68   ALA ALA H . n 
I 9  65  TYR 65  69   69   TYR TYR H . n 
I 9  66  ILE 66  70   70   ILE ILE H . n 
I 9  67  PRO 67  71   71   PRO PRO H . n 
I 9  68  GLY 68  72   72   GLY GLY H . n 
I 9  69  GLU 69  73   73   GLU GLU H . n 
I 9  70  GLY 70  74   74   GLY GLY H . n 
I 9  71  HIS 71  75   75   HIS HIS H . n 
I 9  72  ASN 72  76   76   ASN ASN H . n 
I 9  73  LEU 73  77   77   LEU LEU H . n 
I 9  74  GLN 74  78   78   GLN GLN H . n 
I 9  75  GLU 75  79   79   GLU GLU H . n 
I 9  76  HIS 76  80   80   HIS HIS H . n 
I 9  77  SER 77  81   81   SER SER H . n 
I 9  78  VAL 78  82   82   VAL VAL H . n 
I 9  79  VAL 79  83   83   VAL VAL H . n 
I 9  80  LEU 80  84   84   LEU LEU H . n 
I 9  81  ILE 81  85   85   ILE ILE H . n 
I 9  82  ARG 82  86   86   ARG ARG H . n 
I 9  83  GLY 83  87   87   GLY GLY H . n 
I 9  84  GLY 84  88   88   GLY GLY H . n 
I 9  85  ARG 85  89   89   ARG ARG H . n 
I 9  86  VAL 86  90   90   VAL VAL H . n 
I 9  87  LYS 87  91   91   LYS LYS H . n 
I 9  88  ASP 88  92   92   ASP ASP H . n 
I 9  89  LEU 89  93   93   LEU LEU H . n 
I 9  90  PRO 90  94   94   PRO PRO H . n 
I 9  91  GLY 91  95   95   GLY GLY H . n 
I 9  92  VAL 92  96   96   VAL VAL H . n 
I 9  93  ARG 93  97   97   ARG ARG H . n 
I 9  94  TYR 94  98   98   TYR TYR H . n 
I 9  95  HIS 95  99   99   HIS HIS H . n 
I 9  96  ILE 96  100  100  ILE ILE H . n 
I 9  97  VAL 97  101  101  VAL VAL H . n 
I 9  98  ARG 98  102  102  ARG ARG H . n 
I 9  99  GLY 99  103  103  GLY GLY H . n 
I 9  100 VAL 100 104  104  VAL VAL H . n 
I 9  101 TYR 101 105  105  TYR TYR H . n 
I 9  102 ASP 102 106  106  ASP ASP H . n 
I 9  103 ALA 103 107  107  ALA ALA H . n 
I 9  104 ALA 104 108  108  ALA ALA H . n 
I 9  105 GLY 105 109  109  GLY GLY H . n 
I 9  106 VAL 106 110  110  VAL VAL H . n 
I 9  107 LYS 107 111  111  LYS LYS H . n 
I 9  108 ASP 108 112  112  ASP ASP H . n 
I 9  109 ARG 109 113  113  ARG ARG H . n 
I 9  110 LYS 110 114  114  LYS LYS H . n 
I 9  111 LYS 111 115  115  LYS LYS H . n 
I 9  112 SER 112 116  116  SER SER H . n 
I 9  113 ARG 113 117  117  ARG ARG H . n 
I 9  114 SER 114 118  118  SER SER H . n 
I 9  115 LYS 115 119  119  LYS LYS H . n 
I 9  116 TYR 116 120  120  TYR TYR H . n 
I 9  117 GLY 117 121  121  GLY GLY H . n 
I 9  118 THR 118 122  122  THR THR H . n 
I 9  119 LYS 119 123  123  LYS LYS H . n 
I 9  120 LYS 120 124  124  LYS LYS H . n 
I 9  121 PRO 121 125  125  PRO PRO H . n 
I 9  122 LYS 122 126  126  LYS LYS H . n 
I 9  123 GLU 123 127  127  GLU GLU H . n 
I 9  124 ALA 124 128  128  ALA ALA H . n 
J 10 1   ALA 1   2    2    ALA ALA I . n 
J 10 2   ARG 2   3    3    ARG ARG I . n 
J 10 3   ILE 3   4    4    ILE ILE I . n 
J 10 4   ALA 4   5    5    ALA ALA I . n 
J 10 5   GLY 5   6    6    GLY GLY I . n 
J 10 6   VAL 6   7    7    VAL VAL I . n 
J 10 7   GLU 7   8    8    GLU GLU I . n 
J 10 8   ILE 8   9    9    ILE ILE I . n 
J 10 9   PRO 9   10   10   PRO PRO I . n 
J 10 10  ARG 10  11   11   ARG ARG I . n 
J 10 11  ASN 11  12   12   ASN ASN I . n 
J 10 12  LYS 12  13   13   LYS LYS I . n 
J 10 13  ARG 13  14   14   ARG ARG I . n 
J 10 14  VAL 14  15   15   VAL VAL I . n 
J 10 15  ASP 15  16   16   ASP ASP I . n 
J 10 16  VAL 16  17   17   VAL VAL I . n 
J 10 17  ALA 17  18   18   ALA ALA I . n 
J 10 18  LEU 18  19   19   LEU LEU I . n 
J 10 19  THR 19  20   20   THR THR I . n 
J 10 20  TYR 20  21   21   TYR TYR I . n 
J 10 21  ILE 21  22   22   ILE ILE I . n 
J 10 22  TYR 22  23   23   TYR TYR I . n 
J 10 23  GLY 23  24   24   GLY GLY I . n 
J 10 24  ILE 24  25   25   ILE ILE I . n 
J 10 25  GLY 25  26   26   GLY GLY I . n 
J 10 26  LYS 26  27   27   LYS LYS I . n 
J 10 27  ALA 27  28   28   ALA ALA I . n 
J 10 28  ARG 28  29   29   ARG ARG I . n 
J 10 29  ALA 29  30   30   ALA ALA I . n 
J 10 30  LYS 30  31   31   LYS LYS I . n 
J 10 31  GLU 31  32   32   GLU GLU I . n 
J 10 32  ALA 32  33   33   ALA ALA I . n 
J 10 33  LEU 33  34   34   LEU LEU I . n 
J 10 34  GLU 34  35   35   GLU GLU I . n 
J 10 35  LYS 35  36   36   LYS LYS I . n 
J 10 36  THR 36  37   37   THR THR I . n 
J 10 37  GLY 37  38   38   GLY GLY I . n 
J 10 38  ILE 38  39   39   ILE ILE I . n 
J 10 39  ASN 39  40   40   ASN ASN I . n 
J 10 40  PRO 40  41   41   PRO PRO I . n 
J 10 41  ALA 41  42   42   ALA ALA I . n 
J 10 42  THR 42  43   43   THR THR I . n 
J 10 43  ARG 43  44   44   ARG ARG I . n 
J 10 44  VAL 44  45   45   VAL VAL I . n 
J 10 45  LYS 45  46   46   LYS LYS I . n 
J 10 46  ASP 46  47   47   ASP ASP I . n 
J 10 47  LEU 47  48   48   LEU LEU I . n 
J 10 48  THR 48  49   49   THR THR I . n 
J 10 49  GLU 49  50   50   GLU GLU I . n 
J 10 50  ALA 50  51   51   ALA ALA I . n 
J 10 51  GLU 51  52   52   GLU GLU I . n 
J 10 52  VAL 52  53   53   VAL VAL I . n 
J 10 53  VAL 53  54   54   VAL VAL I . n 
J 10 54  ARG 54  55   55   ARG ARG I . n 
J 10 55  LEU 55  56   56   LEU LEU I . n 
J 10 56  ARG 56  57   57   ARG ARG I . n 
J 10 57  GLU 57  58   58   GLU GLU I . n 
J 10 58  TYR 58  59   59   TYR TYR I . n 
J 10 59  VAL 59  60   60   VAL VAL I . n 
J 10 60  GLU 60  61   61   GLU GLU I . n 
J 10 61  ASN 61  62   62   ASN ASN I . n 
J 10 62  THR 62  63   63   THR THR I . n 
J 10 63  TRP 63  64   64   TRP TRP I . n 
J 10 64  LYS 64  65   65   LYS LYS I . n 
J 10 65  LEU 65  66   66   LEU LEU I . n 
J 10 66  GLU 66  67   67   GLU GLU I . n 
J 10 67  GLY 67  68   68   GLY GLY I . n 
J 10 68  GLU 68  69   69   GLU GLU I . n 
J 10 69  LEU 69  70   70   LEU LEU I . n 
J 10 70  ARG 70  71   71   ARG ARG I . n 
J 10 71  ALA 71  72   72   ALA ALA I . n 
J 10 72  GLU 72  73   73   GLU GLU I . n 
J 10 73  VAL 73  74   74   VAL VAL I . n 
J 10 74  ALA 74  75   75   ALA ALA I . n 
J 10 75  ALA 75  76   76   ALA ALA I . n 
J 10 76  ASN 76  77   77   ASN ASN I . n 
J 10 77  ILE 77  78   78   ILE ILE I . n 
J 10 78  LYS 78  79   79   LYS LYS I . n 
J 10 79  ARG 79  80   80   ARG ARG I . n 
J 10 80  LEU 80  81   81   LEU LEU I . n 
J 10 81  MET 81  82   82   MET MET I . n 
J 10 82  ASP 82  83   83   ASP ASP I . n 
J 10 83  ILE 83  84   84   ILE ILE I . n 
J 10 84  GLY 84  85   85   GLY GLY I . n 
J 10 85  CYS 85  86   86   CYS CYS I . n 
J 10 86  TYR 86  87   87   TYR TYR I . n 
J 10 87  ARG 87  88   88   ARG ARG I . n 
J 10 88  GLY 88  89   89   GLY GLY I . n 
J 10 89  LEU 89  90   90   LEU LEU I . n 
J 10 90  ARG 90  91   91   ARG ARG I . n 
J 10 91  HIS 91  92   92   HIS HIS I . n 
J 10 92  ARG 92  93   93   ARG ARG I . n 
J 10 93  ARG 93  94   94   ARG ARG I . n 
J 10 94  GLY 94  95   95   GLY GLY I . n 
J 10 95  LEU 95  96   96   LEU LEU I . n 
J 10 96  PRO 96  97   97   PRO PRO I . n 
J 10 97  VAL 97  98   98   VAL VAL I . n 
J 10 98  ARG 98  99   99   ARG ARG I . n 
J 10 99  GLY 99  100  100  GLY GLY I . n 
J 10 100 GLN 100 101  101  GLN GLN I . n 
J 10 101 ARG 101 102  102  ARG ARG I . n 
J 10 102 THR 102 103  103  THR THR I . n 
J 10 103 ARG 103 104  104  ARG ARG I . n 
J 10 104 THR 104 105  105  THR THR I . n 
J 10 105 ASN 105 106  106  ASN ASN I . n 
J 10 106 ALA 106 107  107  ALA ALA I . n 
J 10 107 ARG 107 108  108  ARG ARG I . n 
J 10 108 THR 108 109  109  THR THR I . n 
J 10 109 ARG 109 110  110  ARG ARG I . n 
J 10 110 LYS 110 111  111  LYS LYS I . n 
J 10 111 GLY 111 112  112  GLY GLY I . n 
J 10 112 PRO 112 113  113  PRO PRO I . n 
J 10 113 ARG 113 114  114  ARG ARG I . n 
J 10 114 LYS 114 115  115  LYS LYS I . n 
J 10 115 THR 115 116  116  THR THR I . n 
J 10 116 VAL 116 117  117  VAL VAL I . n 
J 10 117 ALA 117 118  118  ALA ALA I . n 
J 10 118 GLY 118 119  119  GLY GLY I . n 
J 10 119 LYS 119 120  120  LYS LYS I . n 
J 10 120 LYS 120 121  121  LYS LYS I . n 
J 10 121 LYS 121 122  122  LYS LYS I . n 
J 10 122 ALA 122 123  123  ALA ALA I . n 
J 10 123 PRO 123 124  124  PRO PRO I . n 
J 10 124 ARG 124 125  125  ARG ARG I . n 
J 10 125 LYS 125 126  126  LYS LYS I . n 
# 
_exptl.entry_id          2R1G 
_exptl.method            'ELECTRON MICROSCOPY' 
_exptl.crystals_number   ? 
# 
_exptl_crystal.id                    1 
_exptl_crystal.density_meas          ? 
_exptl_crystal.density_Matthews      ? 
_exptl_crystal.density_percent_sol   ? 
_exptl_crystal.description           ? 
# 
_diffrn.id                     1 
_diffrn.ambient_temp           ? 
_diffrn.ambient_temp_details   ? 
_diffrn.crystal_id             1 
# 
_diffrn_radiation.diffrn_id                        1 
_diffrn_radiation.wavelength_id                    1 
_diffrn_radiation.pdbx_monochromatic_or_laue_m_l   M 
_diffrn_radiation.monochromator                    ? 
_diffrn_radiation.pdbx_diffrn_protocol             'SINGLE WAVELENGTH' 
_diffrn_radiation.pdbx_scattering_type             x-ray 
# 
_diffrn_radiation_wavelength.id           1 
_diffrn_radiation_wavelength.wavelength   . 
_diffrn_radiation_wavelength.wt           1.0 
# 
_refine_hist.pdbx_refine_id                   'ELECTRON MICROSCOPY' 
_refine_hist.cycle_id                         LAST 
_refine_hist.pdbx_number_atoms_protein        376 
_refine_hist.pdbx_number_atoms_nucleic_acid   180 
_refine_hist.pdbx_number_atoms_ligand         0 
_refine_hist.number_atoms_solvent             0 
_refine_hist.number_atoms_total               556 
_refine_hist.d_res_high                       . 
_refine_hist.d_res_low                        . 
# 
_struct.entry_id                  2R1G 
_struct.title                     
;Coordinates of the thermus thermophilus 30S components neighboring RbfA as obtained by fitting into the CRYO-EM map of A 30S-RBFA complex
;
_struct.pdbx_model_details        ? 
_struct.pdbx_CASP_flag            ? 
_struct.pdbx_model_type_details   ? 
# 
_struct_keywords.entry_id        2R1G 
_struct_keywords.pdbx_keywords   'RIBOSOMAL PROTEIN/RNA' 
_struct_keywords.text            
;30S RIBOSOME MATURATION PROTEIN RbfA, COLD SHOCK RESPONSE PROTEIN RbfA, 30S-RbfA COMPLEX, RbfA BINDING SITE ON THE 30S, Ribonucleoprotein, Ribosomal protein, RNA-binding, rRNA-binding, tRNA-binding, Antibiotic resistance, RIBOSOMAL PROTEIN-RNA COMPLEX
;
# 
loop_
_struct_asym.id 
_struct_asym.pdbx_blank_PDB_chainid_flag 
_struct_asym.pdbx_modified 
_struct_asym.entity_id 
_struct_asym.details 
A N N 1  ? 
B N N 2  ? 
C N N 3  ? 
D N N 4  ? 
E N N 5  ? 
F N N 6  ? 
G N N 7  ? 
H N N 8  ? 
I N N 9  ? 
J N N 10 ? 
# 
loop_
_struct_ref.id 
_struct_ref.db_name 
_struct_ref.db_code 
_struct_ref.pdbx_db_accession 
_struct_ref.entity_id 
_struct_ref.pdbx_seq_one_letter_code 
_struct_ref.pdbx_align_begin 
_struct_ref.pdbx_db_isoform 
1  UNP RS9_THET2  P62669 8  
;EQYYGTGRRKEAVARVFLRPGNGKVTVNGQDFNEYFQGLVRAVAALEPLRAVDALGRFDAYITVRGGGKSGQIDAIKLGI
ARALVQYNPDYRAKLKPLGFLTRDARVVERKKYGKHKARRAPQYSKR
;
2 ? 
2  UNP RS12_THETH P17293 9  
;PTINQLVRKGREKVRKKSKVPALKGAPFRRGVCTVVRTVTPKKPNSALRKVAKVRLTSGYEVTAYIPGEGHNLQEHSVVL
IRGGRVKDLPGVRYHIVRGVYDAAGVKDRKKSRSKYGTKKPKEA
;
2 ? 
3  UNP RS13_THET2 P62655 10 
;ARIAGVEIPRNKRVDVALTYIYGIGKARAKEALEKTGINPATRVKDLTEAEVVRLREYVENTWKLEGELRAEVAANIKRL
MDIGCYRGLRHRRGLPVRGQRTRTNARTRKGPRKTVAGKKKAPRK
;
2 ? 
4  PDB 2R1G       2R1G   1  GGAGAGUUUGAUCCUGGCUCAGGG 1 ? 
5  PDB 2R1G       2R1G   2  GCGCCGGCCAACUCCGUGCCAGCAGCCGCGGUAAUACGGAGGGCGCGA 1 ? 
6  PDB 2R1G       2R1G   3  GGGGAGUACGGCCGCAAGGCUGAAACUCA 1 ? 
7  PDB 2R1G       2R1G   4  AAUUGACGGGGGCCGCCUUGUACACACC 1 ? 
8  PDB 2R1G       2R1G   5  CGCCCGUCACG 1 ? 
9  PDB 2R1G       2R1G   6  CGAAGUCGUAA 1 ? 
10 PDB 2R1G       2R1G   7  CAAGGUAGCUGUACCGGAAGGUGCGGCUG 1 ? 
# 
loop_
_struct_ref_seq.align_id 
_struct_ref_seq.ref_id 
_struct_ref_seq.pdbx_PDB_id_code 
_struct_ref_seq.pdbx_strand_id 
_struct_ref_seq.seq_align_beg 
_struct_ref_seq.pdbx_seq_align_beg_ins_code 
_struct_ref_seq.seq_align_end 
_struct_ref_seq.pdbx_seq_align_end_ins_code 
_struct_ref_seq.pdbx_db_accession 
_struct_ref_seq.db_align_beg 
_struct_ref_seq.pdbx_db_align_beg_ins_code 
_struct_ref_seq.db_align_end 
_struct_ref_seq.pdbx_db_align_end_ins_code 
_struct_ref_seq.pdbx_auth_seq_align_beg 
_struct_ref_seq.pdbx_auth_seq_align_end 
1  1  2R1G G 1 ? 127 ? P62669 2    ? 128  ? 2    128  
2  2  2R1G H 1 ? 124 ? P17293 2    ? 125  ? 5    128  
3  3  2R1G I 1 ? 125 ? P62655 2    ? 126  ? 2    126  
4  4  2R1G A 1 ? 24  ? 2R1G   6    ? 29   ? 6    29   
5  5  2R1G B 1 ? 48  ? 2R1G   500  ? 547  ? 500  547  
6  6  2R1G C 1 ? 29  ? 2R1G   885  ? 913  ? 885  913  
7  7  2R1G D 1 ? 28  ? 2R1G   918  ? 945  ? 918  945  
8  8  2R1G E 1 ? 11  ? 2R1G   1400 ? 1410 ? 1400 1410 
9  9  2R1G X 1 ? 11  ? 2R1G   1490 ? 1500 ? 1490 1500 
10 10 2R1G F 1 ? 29  ? 2R1G   1501 ? 1529 ? 1501 1529 
# 
_pdbx_struct_assembly.id                   1 
_pdbx_struct_assembly.details              author_defined_assembly 
_pdbx_struct_assembly.method_details       ? 
_pdbx_struct_assembly.oligomeric_details   decameric 
_pdbx_struct_assembly.oligomeric_count     10 
# 
_pdbx_struct_assembly_gen.assembly_id       1 
_pdbx_struct_assembly_gen.oper_expression   1 
_pdbx_struct_assembly_gen.asym_id_list      A,B,C,D,E,F,G,H,I,J 
# 
_pdbx_struct_oper_list.id                   1 
_pdbx_struct_oper_list.type                 'identity operation' 
_pdbx_struct_oper_list.name                 1_555 
_pdbx_struct_oper_list.symmetry_operation   x,y,z 
_pdbx_struct_oper_list.matrix[1][1]         1.0000000000 
_pdbx_struct_oper_list.matrix[1][2]         0.0000000000 
_pdbx_struct_oper_list.matrix[1][3]         0.0000000000 
_pdbx_struct_oper_list.vector[1]            0.0000000000 
_pdbx_struct_oper_list.matrix[2][1]         0.0000000000 
_pdbx_struct_oper_list.matrix[2][2]         1.0000000000 
_pdbx_struct_oper_list.matrix[2][3]         0.0000000000 
_pdbx_struct_oper_list.vector[2]            0.0000000000 
_pdbx_struct_oper_list.matrix[3][1]         0.0000000000 
_pdbx_struct_oper_list.matrix[3][2]         0.0000000000 
_pdbx_struct_oper_list.matrix[3][3]         1.0000000000 
_pdbx_struct_oper_list.vector[3]            0.0000000000 
# 
_pdbx_entry_details.sequence_details         
;SICNE THE PORTION (1411-1489) OF H44 IS NOT CLOSE TO THE RBFA, THE AUTHOR DID NOT PROVIDE THOSE COORDINATES. THE AUTHOR ONLY PROVIDED THE COORDINATES OF THE PORTION OF THE H44 (CHAINS E AND X) THAT IS CLOSE TO THE RBFA.
;
_pdbx_entry_details.entry_id                 2R1G 
_pdbx_entry_details.nonpolymer_details       ? 
_pdbx_entry_details.compound_details         ? 
_pdbx_entry_details.source_details           ? 
_pdbx_entry_details.has_ligand_of_interest   ? 
# 
_em_3d_fitting.id                1 
_em_3d_fitting.entry_id          2R1G 
_em_3d_fitting.ref_protocol      'RIGID BODY FIT' 
_em_3d_fitting.ref_space         REAL 
_em_3d_fitting.overall_b_value   ? 
_em_3d_fitting.target_criteria   
;X-RAY COORDINATES OF T. THERMOPHILUS 30S RIBOSOMAL SUBUNIT AND THE HOMOLOGY 
MODEL OF T. THERMOPHILUS RBFA WERE FITTED INTO THE 12.5 ANGSTROMS RESOLUTION 
CRYO-EM MAP OF THE T. THERMOPHILUS 30S SUBUNIT-RBFA COMPLEX. ALL THE ATOMIC 
COORDINATES WERE FITTED AS RIGID BODIES
;
_em_3d_fitting.details           
;METHOD--CROSS-CORRELATION BASED MANUAL FITTING IN O REFINEMENT 
PROTOCOL--MULTIPLE RIGID BODY
;
_em_3d_fitting.method            ? 
# 
_em_3d_fitting_list.3d_fitting_id                 1 
_em_3d_fitting_list.id                            1 
_em_3d_fitting_list.pdb_entry_id                  1J5E 
_em_3d_fitting_list.pdb_chain_id                  ? 
_em_3d_fitting_list.details                       ? 
_em_3d_fitting_list.initial_refinement_model_id   1 
_em_3d_fitting_list.chain_id                      ? 
_em_3d_fitting_list.chain_residue_range           ? 
_em_3d_fitting_list.pdb_chain_residue_range       ? 
_em_3d_fitting_list.source_name                   PDB 
_em_3d_fitting_list.type                          'experimental model' 
_em_3d_fitting_list.accession_code                1J5E 
# 
_em_3d_reconstruction.entry_id                    2R1G 
_em_3d_reconstruction.id                          1 
_em_3d_reconstruction.symmetry_type               POINT 
_em_3d_reconstruction.num_particles               61207 
_em_3d_reconstruction.image_processing_id         1 
_em_3d_reconstruction.method                      'CRYO-ELECTRON MICROSCOPY AND 3D IMAGE PROCESSING' 
_em_3d_reconstruction.nominal_pixel_size          ? 
_em_3d_reconstruction.actual_pixel_size           2.76 
_em_3d_reconstruction.resolution                  12.5 
_em_3d_reconstruction.magnification_calibration   TMV 
_em_3d_reconstruction.details                     
;This entry contains only a CA trace for the protein and only phosphorus atom for the RNA in the coordinate.
CROSS-CORRELATION COEFFICIENT (CCF) VALUE FOR RBFA HOMOLOGY MODEL FITTED INTO THE CORRESPONDING CRYO-EM DENSITY WAS 0.79
;
_em_3d_reconstruction.resolution_method           ? 
_em_3d_reconstruction.num_class_averages          ? 
_em_3d_reconstruction.algorithm                   ? 
# 
_em_buffer.id            1 
_em_buffer.specimen_id   1 
_em_buffer.name          '20mM, Hepes-KOH (pH 7.8), 10mM Mg(OAc)2, 200mM NH4Cl, 65mM KCl' 
_em_buffer.pH            7.8 
_em_buffer.details       '20mM, Hepes-KOH (pH 7.8), 10mM Mg(OAc)2, 200mM NH4Cl, 65mM KCl' 
# 
_em_entity_assembly.id                   1 
_em_entity_assembly.name                 'THERMUS THERMOPHILUS 30S RIBOSOMAL SUBUNIT COMPLEXED WITH RBFA' 
_em_entity_assembly.type                 RIBOSOME 
_em_entity_assembly.parent_id            0 
_em_entity_assembly.synonym              ? 
_em_entity_assembly.details              'RBFA WAS BOUND TO S1-DEPLETED 30S SUBUNIT' 
_em_entity_assembly.oligomeric_details   ? 
# 
_em_image_scans.entry_id                2R1G 
_em_image_scans.id                      1 
_em_image_scans.image_recording_id      1 
_em_image_scans.number_digital_images   131 
_em_image_scans.citation_id             ? 
_em_image_scans.od_range                ? 
_em_image_scans.quant_bit_size          ? 
_em_image_scans.sampling_size           ? 
_em_image_scans.scanner_model           ? 
_em_image_scans.details                 ? 
# 
_em_imaging.entry_id                        2R1G 
_em_imaging.id                              1 
_em_imaging.microscope_model                'FEI TECNAI F20' 
_em_imaging.electron_source                 'FIELD EMISSION GUN' 
_em_imaging.specimen_id                     1 
_em_imaging.date                            2005-01-18 
_em_imaging.temperature                     93 
_em_imaging.nominal_defocus_min             700.00 
_em_imaging.nominal_defocus_max             3500.00 
_em_imaging.tilt_angle_min                  0.00 
_em_imaging.tilt_angle_max                  0.00 
_em_imaging.nominal_cs                      2.00 
_em_imaging.mode                            'BRIGHT FIELD' 
_em_imaging.illumination_mode               'FLOOD BEAM' 
_em_imaging.nominal_magnification           50000 
_em_imaging.calibrated_magnification        50760 
_em_imaging.accelerating_voltage            200 
_em_imaging.details                         'ZEISS IMAGING SCANNER, STEP SIZE 14micro-m' 
_em_imaging.specimen_holder_type            . 
_em_imaging.specimen_holder_model           . 
_em_imaging.citation_id                     ? 
_em_imaging.detector_distance               ? 
_em_imaging.recording_temperature_maximum   ? 
_em_imaging.recording_temperature_minimum   ? 
_em_imaging.astigmatism                     ? 
_em_imaging.electron_beam_tilt_params       ? 
# 
_em_sample_support.id               1 
_em_sample_support.specimen_id      1 
_em_sample_support.details          'QUANTIFOIL HOLEY-CRBON FILM GRID' 
_em_sample_support.film_material    ? 
_em_sample_support.grid_material    ? 
_em_sample_support.grid_mesh_size   ? 
_em_sample_support.grid_type        ? 
_em_sample_support.method           ? 
# 
_em_vitrification.entry_id              2R1G 
_em_vitrification.id                    1 
_em_vitrification.instrument            'HOMEMADE PLUNGER' 
_em_vitrification.cryogen_name          ETHANE 
_em_vitrification.details               'RAPID-FREEZING IN LIQUID ETHANE' 
_em_vitrification.citation_id           ? 
_em_vitrification.humidity              ? 
_em_vitrification.method                ? 
_em_vitrification.specimen_id           1 
_em_vitrification.temp                  ? 
_em_vitrification.time_resolved_state   ? 
# 
_em_experiment.entry_id                2R1G 
_em_experiment.id                      1 
_em_experiment.aggregation_state       PARTICLE 
_em_experiment.entity_assembly_id      1 
_em_experiment.reconstruction_method   'SINGLE PARTICLE' 
# 
_em_single_particle_entity.entry_id              2R1G 
_em_single_particle_entity.id                    1 
_em_single_particle_entity.point_symmetry        C1 
_em_single_particle_entity.image_processing_id   1 
# 
loop_
_chem_comp_atom.comp_id 
_chem_comp_atom.atom_id 
_chem_comp_atom.type_symbol 
_chem_comp_atom.pdbx_aromatic_flag 
_chem_comp_atom.pdbx_stereo_config 
_chem_comp_atom.pdbx_ordinal 
A   OP3    O N N 1   
A   P      P N N 2   
A   OP1    O N N 3   
A   OP2    O N N 4   
A   "O5'"  O N N 5   
A   "C5'"  C N N 6   
A   "C4'"  C N R 7   
A   "O4'"  O N N 8   
A   "C3'"  C N S 9   
A   "O3'"  O N N 10  
A   "C2'"  C N R 11  
A   "O2'"  O N N 12  
A   "C1'"  C N R 13  
A   N9     N Y N 14  
A   C8     C Y N 15  
A   N7     N Y N 16  
A   C5     C Y N 17  
A   C6     C Y N 18  
A   N6     N N N 19  
A   N1     N Y N 20  
A   C2     C Y N 21  
A   N3     N Y N 22  
A   C4     C Y N 23  
A   HOP3   H N N 24  
A   HOP2   H N N 25  
A   "H5'"  H N N 26  
A   "H5''" H N N 27  
A   "H4'"  H N N 28  
A   "H3'"  H N N 29  
A   "HO3'" H N N 30  
A   "H2'"  H N N 31  
A   "HO2'" H N N 32  
A   "H1'"  H N N 33  
A   H8     H N N 34  
A   H61    H N N 35  
A   H62    H N N 36  
A   H2     H N N 37  
ALA N      N N N 38  
ALA CA     C N S 39  
ALA C      C N N 40  
ALA O      O N N 41  
ALA CB     C N N 42  
ALA OXT    O N N 43  
ALA H      H N N 44  
ALA H2     H N N 45  
ALA HA     H N N 46  
ALA HB1    H N N 47  
ALA HB2    H N N 48  
ALA HB3    H N N 49  
ALA HXT    H N N 50  
ARG N      N N N 51  
ARG CA     C N S 52  
ARG C      C N N 53  
ARG O      O N N 54  
ARG CB     C N N 55  
ARG CG     C N N 56  
ARG CD     C N N 57  
ARG NE     N N N 58  
ARG CZ     C N N 59  
ARG NH1    N N N 60  
ARG NH2    N N N 61  
ARG OXT    O N N 62  
ARG H      H N N 63  
ARG H2     H N N 64  
ARG HA     H N N 65  
ARG HB2    H N N 66  
ARG HB3    H N N 67  
ARG HG2    H N N 68  
ARG HG3    H N N 69  
ARG HD2    H N N 70  
ARG HD3    H N N 71  
ARG HE     H N N 72  
ARG HH11   H N N 73  
ARG HH12   H N N 74  
ARG HH21   H N N 75  
ARG HH22   H N N 76  
ARG HXT    H N N 77  
ASN N      N N N 78  
ASN CA     C N S 79  
ASN C      C N N 80  
ASN O      O N N 81  
ASN CB     C N N 82  
ASN CG     C N N 83  
ASN OD1    O N N 84  
ASN ND2    N N N 85  
ASN OXT    O N N 86  
ASN H      H N N 87  
ASN H2     H N N 88  
ASN HA     H N N 89  
ASN HB2    H N N 90  
ASN HB3    H N N 91  
ASN HD21   H N N 92  
ASN HD22   H N N 93  
ASN HXT    H N N 94  
ASP N      N N N 95  
ASP CA     C N S 96  
ASP C      C N N 97  
ASP O      O N N 98  
ASP CB     C N N 99  
ASP CG     C N N 100 
ASP OD1    O N N 101 
ASP OD2    O N N 102 
ASP OXT    O N N 103 
ASP H      H N N 104 
ASP H2     H N N 105 
ASP HA     H N N 106 
ASP HB2    H N N 107 
ASP HB3    H N N 108 
ASP HD2    H N N 109 
ASP HXT    H N N 110 
C   OP3    O N N 111 
C   P      P N N 112 
C   OP1    O N N 113 
C   OP2    O N N 114 
C   "O5'"  O N N 115 
C   "C5'"  C N N 116 
C   "C4'"  C N R 117 
C   "O4'"  O N N 118 
C   "C3'"  C N S 119 
C   "O3'"  O N N 120 
C   "C2'"  C N R 121 
C   "O2'"  O N N 122 
C   "C1'"  C N R 123 
C   N1     N N N 124 
C   C2     C N N 125 
C   O2     O N N 126 
C   N3     N N N 127 
C   C4     C N N 128 
C   N4     N N N 129 
C   C5     C N N 130 
C   C6     C N N 131 
C   HOP3   H N N 132 
C   HOP2   H N N 133 
C   "H5'"  H N N 134 
C   "H5''" H N N 135 
C   "H4'"  H N N 136 
C   "H3'"  H N N 137 
C   "HO3'" H N N 138 
C   "H2'"  H N N 139 
C   "HO2'" H N N 140 
C   "H1'"  H N N 141 
C   H41    H N N 142 
C   H42    H N N 143 
C   H5     H N N 144 
C   H6     H N N 145 
CYS N      N N N 146 
CYS CA     C N R 147 
CYS C      C N N 148 
CYS O      O N N 149 
CYS CB     C N N 150 
CYS SG     S N N 151 
CYS OXT    O N N 152 
CYS H      H N N 153 
CYS H2     H N N 154 
CYS HA     H N N 155 
CYS HB2    H N N 156 
CYS HB3    H N N 157 
CYS HG     H N N 158 
CYS HXT    H N N 159 
G   OP3    O N N 160 
G   P      P N N 161 
G   OP1    O N N 162 
G   OP2    O N N 163 
G   "O5'"  O N N 164 
G   "C5'"  C N N 165 
G   "C4'"  C N R 166 
G   "O4'"  O N N 167 
G   "C3'"  C N S 168 
G   "O3'"  O N N 169 
G   "C2'"  C N R 170 
G   "O2'"  O N N 171 
G   "C1'"  C N R 172 
G   N9     N Y N 173 
G   C8     C Y N 174 
G   N7     N Y N 175 
G   C5     C Y N 176 
G   C6     C N N 177 
G   O6     O N N 178 
G   N1     N N N 179 
G   C2     C N N 180 
G   N2     N N N 181 
G   N3     N N N 182 
G   C4     C Y N 183 
G   HOP3   H N N 184 
G   HOP2   H N N 185 
G   "H5'"  H N N 186 
G   "H5''" H N N 187 
G   "H4'"  H N N 188 
G   "H3'"  H N N 189 
G   "HO3'" H N N 190 
G   "H2'"  H N N 191 
G   "HO2'" H N N 192 
G   "H1'"  H N N 193 
G   H8     H N N 194 
G   H1     H N N 195 
G   H21    H N N 196 
G   H22    H N N 197 
GLN N      N N N 198 
GLN CA     C N S 199 
GLN C      C N N 200 
GLN O      O N N 201 
GLN CB     C N N 202 
GLN CG     C N N 203 
GLN CD     C N N 204 
GLN OE1    O N N 205 
GLN NE2    N N N 206 
GLN OXT    O N N 207 
GLN H      H N N 208 
GLN H2     H N N 209 
GLN HA     H N N 210 
GLN HB2    H N N 211 
GLN HB3    H N N 212 
GLN HG2    H N N 213 
GLN HG3    H N N 214 
GLN HE21   H N N 215 
GLN HE22   H N N 216 
GLN HXT    H N N 217 
GLU N      N N N 218 
GLU CA     C N S 219 
GLU C      C N N 220 
GLU O      O N N 221 
GLU CB     C N N 222 
GLU CG     C N N 223 
GLU CD     C N N 224 
GLU OE1    O N N 225 
GLU OE2    O N N 226 
GLU OXT    O N N 227 
GLU H      H N N 228 
GLU H2     H N N 229 
GLU HA     H N N 230 
GLU HB2    H N N 231 
GLU HB3    H N N 232 
GLU HG2    H N N 233 
GLU HG3    H N N 234 
GLU HE2    H N N 235 
GLU HXT    H N N 236 
GLY N      N N N 237 
GLY CA     C N N 238 
GLY C      C N N 239 
GLY O      O N N 240 
GLY OXT    O N N 241 
GLY H      H N N 242 
GLY H2     H N N 243 
GLY HA2    H N N 244 
GLY HA3    H N N 245 
GLY HXT    H N N 246 
HIS N      N N N 247 
HIS CA     C N S 248 
HIS C      C N N 249 
HIS O      O N N 250 
HIS CB     C N N 251 
HIS CG     C Y N 252 
HIS ND1    N Y N 253 
HIS CD2    C Y N 254 
HIS CE1    C Y N 255 
HIS NE2    N Y N 256 
HIS OXT    O N N 257 
HIS H      H N N 258 
HIS H2     H N N 259 
HIS HA     H N N 260 
HIS HB2    H N N 261 
HIS HB3    H N N 262 
HIS HD1    H N N 263 
HIS HD2    H N N 264 
HIS HE1    H N N 265 
HIS HE2    H N N 266 
HIS HXT    H N N 267 
ILE N      N N N 268 
ILE CA     C N S 269 
ILE C      C N N 270 
ILE O      O N N 271 
ILE CB     C N S 272 
ILE CG1    C N N 273 
ILE CG2    C N N 274 
ILE CD1    C N N 275 
ILE OXT    O N N 276 
ILE H      H N N 277 
ILE H2     H N N 278 
ILE HA     H N N 279 
ILE HB     H N N 280 
ILE HG12   H N N 281 
ILE HG13   H N N 282 
ILE HG21   H N N 283 
ILE HG22   H N N 284 
ILE HG23   H N N 285 
ILE HD11   H N N 286 
ILE HD12   H N N 287 
ILE HD13   H N N 288 
ILE HXT    H N N 289 
LEU N      N N N 290 
LEU CA     C N S 291 
LEU C      C N N 292 
LEU O      O N N 293 
LEU CB     C N N 294 
LEU CG     C N N 295 
LEU CD1    C N N 296 
LEU CD2    C N N 297 
LEU OXT    O N N 298 
LEU H      H N N 299 
LEU H2     H N N 300 
LEU HA     H N N 301 
LEU HB2    H N N 302 
LEU HB3    H N N 303 
LEU HG     H N N 304 
LEU HD11   H N N 305 
LEU HD12   H N N 306 
LEU HD13   H N N 307 
LEU HD21   H N N 308 
LEU HD22   H N N 309 
LEU HD23   H N N 310 
LEU HXT    H N N 311 
LYS N      N N N 312 
LYS CA     C N S 313 
LYS C      C N N 314 
LYS O      O N N 315 
LYS CB     C N N 316 
LYS CG     C N N 317 
LYS CD     C N N 318 
LYS CE     C N N 319 
LYS NZ     N N N 320 
LYS OXT    O N N 321 
LYS H      H N N 322 
LYS H2     H N N 323 
LYS HA     H N N 324 
LYS HB2    H N N 325 
LYS HB3    H N N 326 
LYS HG2    H N N 327 
LYS HG3    H N N 328 
LYS HD2    H N N 329 
LYS HD3    H N N 330 
LYS HE2    H N N 331 
LYS HE3    H N N 332 
LYS HZ1    H N N 333 
LYS HZ2    H N N 334 
LYS HZ3    H N N 335 
LYS HXT    H N N 336 
MET N      N N N 337 
MET CA     C N S 338 
MET C      C N N 339 
MET O      O N N 340 
MET CB     C N N 341 
MET CG     C N N 342 
MET SD     S N N 343 
MET CE     C N N 344 
MET OXT    O N N 345 
MET H      H N N 346 
MET H2     H N N 347 
MET HA     H N N 348 
MET HB2    H N N 349 
MET HB3    H N N 350 
MET HG2    H N N 351 
MET HG3    H N N 352 
MET HE1    H N N 353 
MET HE2    H N N 354 
MET HE3    H N N 355 
MET HXT    H N N 356 
PHE N      N N N 357 
PHE CA     C N S 358 
PHE C      C N N 359 
PHE O      O N N 360 
PHE CB     C N N 361 
PHE CG     C Y N 362 
PHE CD1    C Y N 363 
PHE CD2    C Y N 364 
PHE CE1    C Y N 365 
PHE CE2    C Y N 366 
PHE CZ     C Y N 367 
PHE OXT    O N N 368 
PHE H      H N N 369 
PHE H2     H N N 370 
PHE HA     H N N 371 
PHE HB2    H N N 372 
PHE HB3    H N N 373 
PHE HD1    H N N 374 
PHE HD2    H N N 375 
PHE HE1    H N N 376 
PHE HE2    H N N 377 
PHE HZ     H N N 378 
PHE HXT    H N N 379 
PRO N      N N N 380 
PRO CA     C N S 381 
PRO C      C N N 382 
PRO O      O N N 383 
PRO CB     C N N 384 
PRO CG     C N N 385 
PRO CD     C N N 386 
PRO OXT    O N N 387 
PRO H      H N N 388 
PRO HA     H N N 389 
PRO HB2    H N N 390 
PRO HB3    H N N 391 
PRO HG2    H N N 392 
PRO HG3    H N N 393 
PRO HD2    H N N 394 
PRO HD3    H N N 395 
PRO HXT    H N N 396 
SER N      N N N 397 
SER CA     C N S 398 
SER C      C N N 399 
SER O      O N N 400 
SER CB     C N N 401 
SER OG     O N N 402 
SER OXT    O N N 403 
SER H      H N N 404 
SER H2     H N N 405 
SER HA     H N N 406 
SER HB2    H N N 407 
SER HB3    H N N 408 
SER HG     H N N 409 
SER HXT    H N N 410 
THR N      N N N 411 
THR CA     C N S 412 
THR C      C N N 413 
THR O      O N N 414 
THR CB     C N R 415 
THR OG1    O N N 416 
THR CG2    C N N 417 
THR OXT    O N N 418 
THR H      H N N 419 
THR H2     H N N 420 
THR HA     H N N 421 
THR HB     H N N 422 
THR HG1    H N N 423 
THR HG21   H N N 424 
THR HG22   H N N 425 
THR HG23   H N N 426 
THR HXT    H N N 427 
TRP N      N N N 428 
TRP CA     C N S 429 
TRP C      C N N 430 
TRP O      O N N 431 
TRP CB     C N N 432 
TRP CG     C Y N 433 
TRP CD1    C Y N 434 
TRP CD2    C Y N 435 
TRP NE1    N Y N 436 
TRP CE2    C Y N 437 
TRP CE3    C Y N 438 
TRP CZ2    C Y N 439 
TRP CZ3    C Y N 440 
TRP CH2    C Y N 441 
TRP OXT    O N N 442 
TRP H      H N N 443 
TRP H2     H N N 444 
TRP HA     H N N 445 
TRP HB2    H N N 446 
TRP HB3    H N N 447 
TRP HD1    H N N 448 
TRP HE1    H N N 449 
TRP HE3    H N N 450 
TRP HZ2    H N N 451 
TRP HZ3    H N N 452 
TRP HH2    H N N 453 
TRP HXT    H N N 454 
TYR N      N N N 455 
TYR CA     C N S 456 
TYR C      C N N 457 
TYR O      O N N 458 
TYR CB     C N N 459 
TYR CG     C Y N 460 
TYR CD1    C Y N 461 
TYR CD2    C Y N 462 
TYR CE1    C Y N 463 
TYR CE2    C Y N 464 
TYR CZ     C Y N 465 
TYR OH     O N N 466 
TYR OXT    O N N 467 
TYR H      H N N 468 
TYR H2     H N N 469 
TYR HA     H N N 470 
TYR HB2    H N N 471 
TYR HB3    H N N 472 
TYR HD1    H N N 473 
TYR HD2    H N N 474 
TYR HE1    H N N 475 
TYR HE2    H N N 476 
TYR HH     H N N 477 
TYR HXT    H N N 478 
U   OP3    O N N 479 
U   P      P N N 480 
U   OP1    O N N 481 
U   OP2    O N N 482 
U   "O5'"  O N N 483 
U   "C5'"  C N N 484 
U   "C4'"  C N R 485 
U   "O4'"  O N N 486 
U   "C3'"  C N S 487 
U   "O3'"  O N N 488 
U   "C2'"  C N R 489 
U   "O2'"  O N N 490 
U   "C1'"  C N R 491 
U   N1     N N N 492 
U   C2     C N N 493 
U   O2     O N N 494 
U   N3     N N N 495 
U   C4     C N N 496 
U   O4     O N N 497 
U   C5     C N N 498 
U   C6     C N N 499 
U   HOP3   H N N 500 
U   HOP2   H N N 501 
U   "H5'"  H N N 502 
U   "H5''" H N N 503 
U   "H4'"  H N N 504 
U   "H3'"  H N N 505 
U   "HO3'" H N N 506 
U   "H2'"  H N N 507 
U   "HO2'" H N N 508 
U   "H1'"  H N N 509 
U   H3     H N N 510 
U   H5     H N N 511 
U   H6     H N N 512 
VAL N      N N N 513 
VAL CA     C N S 514 
VAL C      C N N 515 
VAL O      O N N 516 
VAL CB     C N N 517 
VAL CG1    C N N 518 
VAL CG2    C N N 519 
VAL OXT    O N N 520 
VAL H      H N N 521 
VAL H2     H N N 522 
VAL HA     H N N 523 
VAL HB     H N N 524 
VAL HG11   H N N 525 
VAL HG12   H N N 526 
VAL HG13   H N N 527 
VAL HG21   H N N 528 
VAL HG22   H N N 529 
VAL HG23   H N N 530 
VAL HXT    H N N 531 
# 
loop_
_chem_comp_bond.comp_id 
_chem_comp_bond.atom_id_1 
_chem_comp_bond.atom_id_2 
_chem_comp_bond.value_order 
_chem_comp_bond.pdbx_aromatic_flag 
_chem_comp_bond.pdbx_stereo_config 
_chem_comp_bond.pdbx_ordinal 
A   OP3   P      sing N N 1   
A   OP3   HOP3   sing N N 2   
A   P     OP1    doub N N 3   
A   P     OP2    sing N N 4   
A   P     "O5'"  sing N N 5   
A   OP2   HOP2   sing N N 6   
A   "O5'" "C5'"  sing N N 7   
A   "C5'" "C4'"  sing N N 8   
A   "C5'" "H5'"  sing N N 9   
A   "C5'" "H5''" sing N N 10  
A   "C4'" "O4'"  sing N N 11  
A   "C4'" "C3'"  sing N N 12  
A   "C4'" "H4'"  sing N N 13  
A   "O4'" "C1'"  sing N N 14  
A   "C3'" "O3'"  sing N N 15  
A   "C3'" "C2'"  sing N N 16  
A   "C3'" "H3'"  sing N N 17  
A   "O3'" "HO3'" sing N N 18  
A   "C2'" "O2'"  sing N N 19  
A   "C2'" "C1'"  sing N N 20  
A   "C2'" "H2'"  sing N N 21  
A   "O2'" "HO2'" sing N N 22  
A   "C1'" N9     sing N N 23  
A   "C1'" "H1'"  sing N N 24  
A   N9    C8     sing Y N 25  
A   N9    C4     sing Y N 26  
A   C8    N7     doub Y N 27  
A   C8    H8     sing N N 28  
A   N7    C5     sing Y N 29  
A   C5    C6     sing Y N 30  
A   C5    C4     doub Y N 31  
A   C6    N6     sing N N 32  
A   C6    N1     doub Y N 33  
A   N6    H61    sing N N 34  
A   N6    H62    sing N N 35  
A   N1    C2     sing Y N 36  
A   C2    N3     doub Y N 37  
A   C2    H2     sing N N 38  
A   N3    C4     sing Y N 39  
ALA N     CA     sing N N 40  
ALA N     H      sing N N 41  
ALA N     H2     sing N N 42  
ALA CA    C      sing N N 43  
ALA CA    CB     sing N N 44  
ALA CA    HA     sing N N 45  
ALA C     O      doub N N 46  
ALA C     OXT    sing N N 47  
ALA CB    HB1    sing N N 48  
ALA CB    HB2    sing N N 49  
ALA CB    HB3    sing N N 50  
ALA OXT   HXT    sing N N 51  
ARG N     CA     sing N N 52  
ARG N     H      sing N N 53  
ARG N     H2     sing N N 54  
ARG CA    C      sing N N 55  
ARG CA    CB     sing N N 56  
ARG CA    HA     sing N N 57  
ARG C     O      doub N N 58  
ARG C     OXT    sing N N 59  
ARG CB    CG     sing N N 60  
ARG CB    HB2    sing N N 61  
ARG CB    HB3    sing N N 62  
ARG CG    CD     sing N N 63  
ARG CG    HG2    sing N N 64  
ARG CG    HG3    sing N N 65  
ARG CD    NE     sing N N 66  
ARG CD    HD2    sing N N 67  
ARG CD    HD3    sing N N 68  
ARG NE    CZ     sing N N 69  
ARG NE    HE     sing N N 70  
ARG CZ    NH1    sing N N 71  
ARG CZ    NH2    doub N N 72  
ARG NH1   HH11   sing N N 73  
ARG NH1   HH12   sing N N 74  
ARG NH2   HH21   sing N N 75  
ARG NH2   HH22   sing N N 76  
ARG OXT   HXT    sing N N 77  
ASN N     CA     sing N N 78  
ASN N     H      sing N N 79  
ASN N     H2     sing N N 80  
ASN CA    C      sing N N 81  
ASN CA    CB     sing N N 82  
ASN CA    HA     sing N N 83  
ASN C     O      doub N N 84  
ASN C     OXT    sing N N 85  
ASN CB    CG     sing N N 86  
ASN CB    HB2    sing N N 87  
ASN CB    HB3    sing N N 88  
ASN CG    OD1    doub N N 89  
ASN CG    ND2    sing N N 90  
ASN ND2   HD21   sing N N 91  
ASN ND2   HD22   sing N N 92  
ASN OXT   HXT    sing N N 93  
ASP N     CA     sing N N 94  
ASP N     H      sing N N 95  
ASP N     H2     sing N N 96  
ASP CA    C      sing N N 97  
ASP CA    CB     sing N N 98  
ASP CA    HA     sing N N 99  
ASP C     O      doub N N 100 
ASP C     OXT    sing N N 101 
ASP CB    CG     sing N N 102 
ASP CB    HB2    sing N N 103 
ASP CB    HB3    sing N N 104 
ASP CG    OD1    doub N N 105 
ASP CG    OD2    sing N N 106 
ASP OD2   HD2    sing N N 107 
ASP OXT   HXT    sing N N 108 
C   OP3   P      sing N N 109 
C   OP3   HOP3   sing N N 110 
C   P     OP1    doub N N 111 
C   P     OP2    sing N N 112 
C   P     "O5'"  sing N N 113 
C   OP2   HOP2   sing N N 114 
C   "O5'" "C5'"  sing N N 115 
C   "C5'" "C4'"  sing N N 116 
C   "C5'" "H5'"  sing N N 117 
C   "C5'" "H5''" sing N N 118 
C   "C4'" "O4'"  sing N N 119 
C   "C4'" "C3'"  sing N N 120 
C   "C4'" "H4'"  sing N N 121 
C   "O4'" "C1'"  sing N N 122 
C   "C3'" "O3'"  sing N N 123 
C   "C3'" "C2'"  sing N N 124 
C   "C3'" "H3'"  sing N N 125 
C   "O3'" "HO3'" sing N N 126 
C   "C2'" "O2'"  sing N N 127 
C   "C2'" "C1'"  sing N N 128 
C   "C2'" "H2'"  sing N N 129 
C   "O2'" "HO2'" sing N N 130 
C   "C1'" N1     sing N N 131 
C   "C1'" "H1'"  sing N N 132 
C   N1    C2     sing N N 133 
C   N1    C6     sing N N 134 
C   C2    O2     doub N N 135 
C   C2    N3     sing N N 136 
C   N3    C4     doub N N 137 
C   C4    N4     sing N N 138 
C   C4    C5     sing N N 139 
C   N4    H41    sing N N 140 
C   N4    H42    sing N N 141 
C   C5    C6     doub N N 142 
C   C5    H5     sing N N 143 
C   C6    H6     sing N N 144 
CYS N     CA     sing N N 145 
CYS N     H      sing N N 146 
CYS N     H2     sing N N 147 
CYS CA    C      sing N N 148 
CYS CA    CB     sing N N 149 
CYS CA    HA     sing N N 150 
CYS C     O      doub N N 151 
CYS C     OXT    sing N N 152 
CYS CB    SG     sing N N 153 
CYS CB    HB2    sing N N 154 
CYS CB    HB3    sing N N 155 
CYS SG    HG     sing N N 156 
CYS OXT   HXT    sing N N 157 
G   OP3   P      sing N N 158 
G   OP3   HOP3   sing N N 159 
G   P     OP1    doub N N 160 
G   P     OP2    sing N N 161 
G   P     "O5'"  sing N N 162 
G   OP2   HOP2   sing N N 163 
G   "O5'" "C5'"  sing N N 164 
G   "C5'" "C4'"  sing N N 165 
G   "C5'" "H5'"  sing N N 166 
G   "C5'" "H5''" sing N N 167 
G   "C4'" "O4'"  sing N N 168 
G   "C4'" "C3'"  sing N N 169 
G   "C4'" "H4'"  sing N N 170 
G   "O4'" "C1'"  sing N N 171 
G   "C3'" "O3'"  sing N N 172 
G   "C3'" "C2'"  sing N N 173 
G   "C3'" "H3'"  sing N N 174 
G   "O3'" "HO3'" sing N N 175 
G   "C2'" "O2'"  sing N N 176 
G   "C2'" "C1'"  sing N N 177 
G   "C2'" "H2'"  sing N N 178 
G   "O2'" "HO2'" sing N N 179 
G   "C1'" N9     sing N N 180 
G   "C1'" "H1'"  sing N N 181 
G   N9    C8     sing Y N 182 
G   N9    C4     sing Y N 183 
G   C8    N7     doub Y N 184 
G   C8    H8     sing N N 185 
G   N7    C5     sing Y N 186 
G   C5    C6     sing N N 187 
G   C5    C4     doub Y N 188 
G   C6    O6     doub N N 189 
G   C6    N1     sing N N 190 
G   N1    C2     sing N N 191 
G   N1    H1     sing N N 192 
G   C2    N2     sing N N 193 
G   C2    N3     doub N N 194 
G   N2    H21    sing N N 195 
G   N2    H22    sing N N 196 
G   N3    C4     sing N N 197 
GLN N     CA     sing N N 198 
GLN N     H      sing N N 199 
GLN N     H2     sing N N 200 
GLN CA    C      sing N N 201 
GLN CA    CB     sing N N 202 
GLN CA    HA     sing N N 203 
GLN C     O      doub N N 204 
GLN C     OXT    sing N N 205 
GLN CB    CG     sing N N 206 
GLN CB    HB2    sing N N 207 
GLN CB    HB3    sing N N 208 
GLN CG    CD     sing N N 209 
GLN CG    HG2    sing N N 210 
GLN CG    HG3    sing N N 211 
GLN CD    OE1    doub N N 212 
GLN CD    NE2    sing N N 213 
GLN NE2   HE21   sing N N 214 
GLN NE2   HE22   sing N N 215 
GLN OXT   HXT    sing N N 216 
GLU N     CA     sing N N 217 
GLU N     H      sing N N 218 
GLU N     H2     sing N N 219 
GLU CA    C      sing N N 220 
GLU CA    CB     sing N N 221 
GLU CA    HA     sing N N 222 
GLU C     O      doub N N 223 
GLU C     OXT    sing N N 224 
GLU CB    CG     sing N N 225 
GLU CB    HB2    sing N N 226 
GLU CB    HB3    sing N N 227 
GLU CG    CD     sing N N 228 
GLU CG    HG2    sing N N 229 
GLU CG    HG3    sing N N 230 
GLU CD    OE1    doub N N 231 
GLU CD    OE2    sing N N 232 
GLU OE2   HE2    sing N N 233 
GLU OXT   HXT    sing N N 234 
GLY N     CA     sing N N 235 
GLY N     H      sing N N 236 
GLY N     H2     sing N N 237 
GLY CA    C      sing N N 238 
GLY CA    HA2    sing N N 239 
GLY CA    HA3    sing N N 240 
GLY C     O      doub N N 241 
GLY C     OXT    sing N N 242 
GLY OXT   HXT    sing N N 243 
HIS N     CA     sing N N 244 
HIS N     H      sing N N 245 
HIS N     H2     sing N N 246 
HIS CA    C      sing N N 247 
HIS CA    CB     sing N N 248 
HIS CA    HA     sing N N 249 
HIS C     O      doub N N 250 
HIS C     OXT    sing N N 251 
HIS CB    CG     sing N N 252 
HIS CB    HB2    sing N N 253 
HIS CB    HB3    sing N N 254 
HIS CG    ND1    sing Y N 255 
HIS CG    CD2    doub Y N 256 
HIS ND1   CE1    doub Y N 257 
HIS ND1   HD1    sing N N 258 
HIS CD2   NE2    sing Y N 259 
HIS CD2   HD2    sing N N 260 
HIS CE1   NE2    sing Y N 261 
HIS CE1   HE1    sing N N 262 
HIS NE2   HE2    sing N N 263 
HIS OXT   HXT    sing N N 264 
ILE N     CA     sing N N 265 
ILE N     H      sing N N 266 
ILE N     H2     sing N N 267 
ILE CA    C      sing N N 268 
ILE CA    CB     sing N N 269 
ILE CA    HA     sing N N 270 
ILE C     O      doub N N 271 
ILE C     OXT    sing N N 272 
ILE CB    CG1    sing N N 273 
ILE CB    CG2    sing N N 274 
ILE CB    HB     sing N N 275 
ILE CG1   CD1    sing N N 276 
ILE CG1   HG12   sing N N 277 
ILE CG1   HG13   sing N N 278 
ILE CG2   HG21   sing N N 279 
ILE CG2   HG22   sing N N 280 
ILE CG2   HG23   sing N N 281 
ILE CD1   HD11   sing N N 282 
ILE CD1   HD12   sing N N 283 
ILE CD1   HD13   sing N N 284 
ILE OXT   HXT    sing N N 285 
LEU N     CA     sing N N 286 
LEU N     H      sing N N 287 
LEU N     H2     sing N N 288 
LEU CA    C      sing N N 289 
LEU CA    CB     sing N N 290 
LEU CA    HA     sing N N 291 
LEU C     O      doub N N 292 
LEU C     OXT    sing N N 293 
LEU CB    CG     sing N N 294 
LEU CB    HB2    sing N N 295 
LEU CB    HB3    sing N N 296 
LEU CG    CD1    sing N N 297 
LEU CG    CD2    sing N N 298 
LEU CG    HG     sing N N 299 
LEU CD1   HD11   sing N N 300 
LEU CD1   HD12   sing N N 301 
LEU CD1   HD13   sing N N 302 
LEU CD2   HD21   sing N N 303 
LEU CD2   HD22   sing N N 304 
LEU CD2   HD23   sing N N 305 
LEU OXT   HXT    sing N N 306 
LYS N     CA     sing N N 307 
LYS N     H      sing N N 308 
LYS N     H2     sing N N 309 
LYS CA    C      sing N N 310 
LYS CA    CB     sing N N 311 
LYS CA    HA     sing N N 312 
LYS C     O      doub N N 313 
LYS C     OXT    sing N N 314 
LYS CB    CG     sing N N 315 
LYS CB    HB2    sing N N 316 
LYS CB    HB3    sing N N 317 
LYS CG    CD     sing N N 318 
LYS CG    HG2    sing N N 319 
LYS CG    HG3    sing N N 320 
LYS CD    CE     sing N N 321 
LYS CD    HD2    sing N N 322 
LYS CD    HD3    sing N N 323 
LYS CE    NZ     sing N N 324 
LYS CE    HE2    sing N N 325 
LYS CE    HE3    sing N N 326 
LYS NZ    HZ1    sing N N 327 
LYS NZ    HZ2    sing N N 328 
LYS NZ    HZ3    sing N N 329 
LYS OXT   HXT    sing N N 330 
MET N     CA     sing N N 331 
MET N     H      sing N N 332 
MET N     H2     sing N N 333 
MET CA    C      sing N N 334 
MET CA    CB     sing N N 335 
MET CA    HA     sing N N 336 
MET C     O      doub N N 337 
MET C     OXT    sing N N 338 
MET CB    CG     sing N N 339 
MET CB    HB2    sing N N 340 
MET CB    HB3    sing N N 341 
MET CG    SD     sing N N 342 
MET CG    HG2    sing N N 343 
MET CG    HG3    sing N N 344 
MET SD    CE     sing N N 345 
MET CE    HE1    sing N N 346 
MET CE    HE2    sing N N 347 
MET CE    HE3    sing N N 348 
MET OXT   HXT    sing N N 349 
PHE N     CA     sing N N 350 
PHE N     H      sing N N 351 
PHE N     H2     sing N N 352 
PHE CA    C      sing N N 353 
PHE CA    CB     sing N N 354 
PHE CA    HA     sing N N 355 
PHE C     O      doub N N 356 
PHE C     OXT    sing N N 357 
PHE CB    CG     sing N N 358 
PHE CB    HB2    sing N N 359 
PHE CB    HB3    sing N N 360 
PHE CG    CD1    doub Y N 361 
PHE CG    CD2    sing Y N 362 
PHE CD1   CE1    sing Y N 363 
PHE CD1   HD1    sing N N 364 
PHE CD2   CE2    doub Y N 365 
PHE CD2   HD2    sing N N 366 
PHE CE1   CZ     doub Y N 367 
PHE CE1   HE1    sing N N 368 
PHE CE2   CZ     sing Y N 369 
PHE CE2   HE2    sing N N 370 
PHE CZ    HZ     sing N N 371 
PHE OXT   HXT    sing N N 372 
PRO N     CA     sing N N 373 
PRO N     CD     sing N N 374 
PRO N     H      sing N N 375 
PRO CA    C      sing N N 376 
PRO CA    CB     sing N N 377 
PRO CA    HA     sing N N 378 
PRO C     O      doub N N 379 
PRO C     OXT    sing N N 380 
PRO CB    CG     sing N N 381 
PRO CB    HB2    sing N N 382 
PRO CB    HB3    sing N N 383 
PRO CG    CD     sing N N 384 
PRO CG    HG2    sing N N 385 
PRO CG    HG3    sing N N 386 
PRO CD    HD2    sing N N 387 
PRO CD    HD3    sing N N 388 
PRO OXT   HXT    sing N N 389 
SER N     CA     sing N N 390 
SER N     H      sing N N 391 
SER N     H2     sing N N 392 
SER CA    C      sing N N 393 
SER CA    CB     sing N N 394 
SER CA    HA     sing N N 395 
SER C     O      doub N N 396 
SER C     OXT    sing N N 397 
SER CB    OG     sing N N 398 
SER CB    HB2    sing N N 399 
SER CB    HB3    sing N N 400 
SER OG    HG     sing N N 401 
SER OXT   HXT    sing N N 402 
THR N     CA     sing N N 403 
THR N     H      sing N N 404 
THR N     H2     sing N N 405 
THR CA    C      sing N N 406 
THR CA    CB     sing N N 407 
THR CA    HA     sing N N 408 
THR C     O      doub N N 409 
THR C     OXT    sing N N 410 
THR CB    OG1    sing N N 411 
THR CB    CG2    sing N N 412 
THR CB    HB     sing N N 413 
THR OG1   HG1    sing N N 414 
THR CG2   HG21   sing N N 415 
THR CG2   HG22   sing N N 416 
THR CG2   HG23   sing N N 417 
THR OXT   HXT    sing N N 418 
TRP N     CA     sing N N 419 
TRP N     H      sing N N 420 
TRP N     H2     sing N N 421 
TRP CA    C      sing N N 422 
TRP CA    CB     sing N N 423 
TRP CA    HA     sing N N 424 
TRP C     O      doub N N 425 
TRP C     OXT    sing N N 426 
TRP CB    CG     sing N N 427 
TRP CB    HB2    sing N N 428 
TRP CB    HB3    sing N N 429 
TRP CG    CD1    doub Y N 430 
TRP CG    CD2    sing Y N 431 
TRP CD1   NE1    sing Y N 432 
TRP CD1   HD1    sing N N 433 
TRP CD2   CE2    doub Y N 434 
TRP CD2   CE3    sing Y N 435 
TRP NE1   CE2    sing Y N 436 
TRP NE1   HE1    sing N N 437 
TRP CE2   CZ2    sing Y N 438 
TRP CE3   CZ3    doub Y N 439 
TRP CE3   HE3    sing N N 440 
TRP CZ2   CH2    doub Y N 441 
TRP CZ2   HZ2    sing N N 442 
TRP CZ3   CH2    sing Y N 443 
TRP CZ3   HZ3    sing N N 444 
TRP CH2   HH2    sing N N 445 
TRP OXT   HXT    sing N N 446 
TYR N     CA     sing N N 447 
TYR N     H      sing N N 448 
TYR N     H2     sing N N 449 
TYR CA    C      sing N N 450 
TYR CA    CB     sing N N 451 
TYR CA    HA     sing N N 452 
TYR C     O      doub N N 453 
TYR C     OXT    sing N N 454 
TYR CB    CG     sing N N 455 
TYR CB    HB2    sing N N 456 
TYR CB    HB3    sing N N 457 
TYR CG    CD1    doub Y N 458 
TYR CG    CD2    sing Y N 459 
TYR CD1   CE1    sing Y N 460 
TYR CD1   HD1    sing N N 461 
TYR CD2   CE2    doub Y N 462 
TYR CD2   HD2    sing N N 463 
TYR CE1   CZ     doub Y N 464 
TYR CE1   HE1    sing N N 465 
TYR CE2   CZ     sing Y N 466 
TYR CE2   HE2    sing N N 467 
TYR CZ    OH     sing N N 468 
TYR OH    HH     sing N N 469 
TYR OXT   HXT    sing N N 470 
U   OP3   P      sing N N 471 
U   OP3   HOP3   sing N N 472 
U   P     OP1    doub N N 473 
U   P     OP2    sing N N 474 
U   P     "O5'"  sing N N 475 
U   OP2   HOP2   sing N N 476 
U   "O5'" "C5'"  sing N N 477 
U   "C5'" "C4'"  sing N N 478 
U   "C5'" "H5'"  sing N N 479 
U   "C5'" "H5''" sing N N 480 
U   "C4'" "O4'"  sing N N 481 
U   "C4'" "C3'"  sing N N 482 
U   "C4'" "H4'"  sing N N 483 
U   "O4'" "C1'"  sing N N 484 
U   "C3'" "O3'"  sing N N 485 
U   "C3'" "C2'"  sing N N 486 
U   "C3'" "H3'"  sing N N 487 
U   "O3'" "HO3'" sing N N 488 
U   "C2'" "O2'"  sing N N 489 
U   "C2'" "C1'"  sing N N 490 
U   "C2'" "H2'"  sing N N 491 
U   "O2'" "HO2'" sing N N 492 
U   "C1'" N1     sing N N 493 
U   "C1'" "H1'"  sing N N 494 
U   N1    C2     sing N N 495 
U   N1    C6     sing N N 496 
U   C2    O2     doub N N 497 
U   C2    N3     sing N N 498 
U   N3    C4     sing N N 499 
U   N3    H3     sing N N 500 
U   C4    O4     doub N N 501 
U   C4    C5     sing N N 502 
U   C5    C6     doub N N 503 
U   C5    H5     sing N N 504 
U   C6    H6     sing N N 505 
VAL N     CA     sing N N 506 
VAL N     H      sing N N 507 
VAL N     H2     sing N N 508 
VAL CA    C      sing N N 509 
VAL CA    CB     sing N N 510 
VAL CA    HA     sing N N 511 
VAL C     O      doub N N 512 
VAL C     OXT    sing N N 513 
VAL CB    CG1    sing N N 514 
VAL CB    CG2    sing N N 515 
VAL CB    HB     sing N N 516 
VAL CG1   HG11   sing N N 517 
VAL CG1   HG12   sing N N 518 
VAL CG1   HG13   sing N N 519 
VAL CG2   HG21   sing N N 520 
VAL CG2   HG22   sing N N 521 
VAL CG2   HG23   sing N N 522 
VAL OXT   HXT    sing N N 523 
# 
_em_ctf_correction.id        1 
_em_ctf_correction.details   'CTF CORRECTION OF 3D-MAPS BY WIENER FILTRATION' 
_em_ctf_correction.type      . 
# 
_em_image_processing.id                   1 
_em_image_processing.image_recording_id   1 
_em_image_processing.details              ? 
# 
_em_image_recording.details                       ? 
_em_image_recording.id                            1 
_em_image_recording.avg_electron_dose_per_image   20 
_em_image_recording.film_or_detector_model        'KODAK SO-163 FILM' 
_em_image_recording.imaging_id                    1 
_em_image_recording.detector_mode                 ? 
_em_image_recording.average_exposure_time         ? 
_em_image_recording.num_diffraction_images        ? 
_em_image_recording.num_grids_imaged              ? 
_em_image_recording.num_real_images               ? 
# 
loop_
_em_software.id 
_em_software.name 
_em_software.version 
_em_software.category 
_em_software.details 
_em_software.image_processing_id 
1 O      ? 'MODEL FITTING' MANUAL ? 
2 SPIDER ? RECONSTRUCTION  ?      1 
# 
_em_specimen.experiment_id           1 
_em_specimen.id                      1 
_em_specimen.concentration           0.03 
_em_specimen.vitrification_applied   YES 
_em_specimen.staining_applied        NO 
_em_specimen.embedding_applied       NO 
_em_specimen.shadowing_applied       NO 
_em_specimen.details                 ? 
# 
loop_
_pdbx_coordinate_model.asym_id 
_pdbx_coordinate_model.type 
A 'P ATOMS ONLY'  
B 'P ATOMS ONLY'  
C 'P ATOMS ONLY'  
D 'P ATOMS ONLY'  
E 'P ATOMS ONLY'  
F 'P ATOMS ONLY'  
G 'P ATOMS ONLY'  
H 'CA ATOMS ONLY' 
I 'CA ATOMS ONLY' 
J 'CA ATOMS ONLY' 
# 
_pdbx_initial_refinement_model.id               1 
_pdbx_initial_refinement_model.type             'experimental model' 
_pdbx_initial_refinement_model.source_name      PDB 
_pdbx_initial_refinement_model.accession_code   1J5E 
# 
_atom_sites.entry_id                    2R1G 
_atom_sites.fract_transf_matrix[1][1]   1.000000 
_atom_sites.fract_transf_matrix[1][2]   0.000000 
_atom_sites.fract_transf_matrix[1][3]   0.000000 
_atom_sites.fract_transf_matrix[2][1]   0.000000 
_atom_sites.fract_transf_matrix[2][2]   1.000000 
_atom_sites.fract_transf_matrix[2][3]   0.000000 
_atom_sites.fract_transf_matrix[3][1]   0.000000 
_atom_sites.fract_transf_matrix[3][2]   0.000000 
_atom_sites.fract_transf_matrix[3][3]   1.000000 
_atom_sites.fract_transf_vector[1]      0.00000 
_atom_sites.fract_transf_vector[2]      0.00000 
_atom_sites.fract_transf_vector[3]      0.00000 
# 
loop_
_atom_type.symbol 
C 
P 
# 
loop_
_atom_site.group_PDB 
_atom_site.id 
_atom_site.type_symbol 
_atom_site.label_atom_id 
_atom_site.label_alt_id 
_atom_site.label_comp_id 
_atom_site.label_asym_id 
_atom_site.label_entity_id 
_atom_site.label_seq_id 
_atom_site.pdbx_PDB_ins_code 
_atom_site.Cartn_x 
_atom_site.Cartn_y 
_atom_site.Cartn_z 
_atom_site.occupancy 
_atom_site.B_iso_or_equiv 
_atom_site.pdbx_formal_charge 
_atom_site.auth_seq_id 
_atom_site.auth_comp_id 
_atom_site.auth_asym_id 
_atom_site.auth_atom_id 
_atom_site.pdbx_PDB_model_num 
ATOM 1   P P  . G   A 1  1   ? -73.523 -44.117 22.596  1.00 49.51  ? 6    G   A P  1 
ATOM 2   P P  . G   A 1  2   ? -67.742 -41.440 21.490  1.00 47.85  ? 7    G   A P  1 
ATOM 3   P P  . A   A 1  3   ? -62.147 -38.819 21.265  1.00 40.25  ? 8    A   A P  1 
ATOM 4   P P  . G   A 1  4   ? -56.149 -37.855 20.793  1.00 35.74  ? 9    G   A P  1 
ATOM 5   P P  . A   A 1  5   ? -51.208 -34.078 17.914  1.00 38.12  ? 10   A   A P  1 
ATOM 6   P P  . G   A 1  6   ? -48.394 -29.314 15.886  1.00 40.23  ? 11   G   A P  1 
ATOM 7   P P  . U   A 1  7   ? -44.974 -25.114 16.417  1.00 41.73  ? 12   U   A P  1 
ATOM 8   P P  . U   A 1  8   ? -40.916 -23.178 19.660  1.00 45.67  ? 13   U   A P  1 
ATOM 9   P P  . U   A 1  9   ? -36.248 -21.342 22.323  1.00 33.54  ? 14   U   A P  1 
ATOM 10  P P  . G   A 1  10  ? -31.535 -21.728 19.412  1.00 40.46  ? 15   G   A P  1 
ATOM 11  P P  . A   A 1  11  ? -33.974 -24.899 15.810  1.00 37.44  ? 16   A   A P  1 
ATOM 12  P P  . U   A 1  12  ? -36.251 -30.616 16.016  1.00 47.23  ? 17   U   A P  1 
ATOM 13  P P  . C   A 1  13  ? -38.034 -34.851 18.839  1.00 37.16  ? 18   C   A P  1 
ATOM 14  P P  . C   A 1  14  ? -40.782 -37.171 23.340  1.00 40.18  ? 19   C   A P  1 
ATOM 15  P P  . U   A 1  15  ? -43.153 -36.494 28.864  1.00 33.47  ? 20   U   A P  1 
ATOM 16  P P  . G   A 1  16  ? -45.209 -33.502 33.275  1.00 34.26  ? 21   G   A P  1 
ATOM 17  P P  . G   A 1  17  ? -48.492 -28.721 33.757  1.00 43.91  ? 22   G   A P  1 
ATOM 18  P P  . C   A 1  18  ? -51.832 -23.610 32.465  1.00 28.89  ? 23   C   A P  1 
ATOM 19  P P  . U   A 1  19  ? -54.394 -20.057 28.916  1.00 37.78  ? 24   U   A P  1 
ATOM 20  P P  . C   A 1  20  ? -57.766 -19.946 24.412  1.00 47.11  ? 25   C   A P  1 
ATOM 21  P P  . A   A 1  21  ? -61.443 -21.634 20.189  1.00 44.70  ? 26   A   A P  1 
ATOM 22  P P  . G   A 1  22  ? -65.192 -24.558 17.235  1.00 46.57  ? 27   G   A P  1 
ATOM 23  P P  . G   A 1  23  ? -70.084 -26.777 18.205  1.00 43.98  ? 28   G   A P  1 
ATOM 24  P P  . G   A 1  24  ? -74.818 -26.465 21.428  1.00 48.34  ? 29   G   A P  1 
ATOM 25  P P  . G   B 2  1   ? -76.331 -9.048  0.852   1.00 55.16  ? 500  G   B P  1 
ATOM 26  P P  . C   B 2  2   ? -73.617 -7.662  5.978   1.00 48.26  ? 501  C   B P  1 
ATOM 27  P P  . G   B 2  3   ? -68.780 -9.149  9.128   1.00 41.19  ? 502  G   B P  1 
ATOM 28  P P  . C   B 2  4   ? -63.663 -11.504 10.143  1.00 46.86  ? 503  C   B P  1 
ATOM 29  P P  . C   B 2  5   ? -58.667 -14.693 8.064   1.00 51.63  ? 504  C   B P  1 
ATOM 30  P P  . G   B 2  6   ? -54.628 -15.781 4.895   1.00 65.05  ? 505  G   B P  1 
ATOM 31  P P  . G   B 2  7   ? -52.656 -21.248 6.190   1.00 48.86  ? 506  G   B P  1 
ATOM 32  P P  . C   B 2  8   ? -52.951 -25.799 8.925   1.00 50.90  ? 507  C   B P  1 
ATOM 33  P P  . C   B 2  9   ? -56.761 -28.148 12.687  1.00 52.75  ? 508  C   B P  1 
ATOM 34  P P  . A   B 2  10  ? -56.990 -26.858 6.329   1.00 40.83  ? 509  A   B P  1 
ATOM 35  P P  . A   B 2  11  ? -58.167 -25.508 1.452   1.00 43.48  ? 510  A   B P  1 
ATOM 36  P P  . C   B 2  12  ? -57.141 -21.792 -2.170  1.00 50.10  ? 511  C   B P  1 
ATOM 37  P P  . U   B 2  13  ? -51.484 -18.066 -5.151  1.00 62.42  ? 512  U   B P  1 
ATOM 38  P P  . C   B 2  14  ? -49.593 -11.715 -7.337  1.00 63.92  ? 513  C   B P  1 
ATOM 39  P P  . C   B 2  15  ? -48.946 -5.668  -8.193  1.00 74.22  ? 514  C   B P  1 
ATOM 40  P P  . G   B 2  16  ? -49.026 -0.291  -5.996  1.00 69.08  ? 515  G   B P  1 
ATOM 41  P P  . U   B 2  17  ? -48.264 3.593   -1.686  1.00 76.39  ? 516  U   B P  1 
ATOM 42  P P  . G   B 2  18  ? -45.974 4.723   3.530   1.00 76.86  ? 517  G   B P  1 
ATOM 43  P P  . C   B 2  19  ? -41.210 2.148   8.129   1.00 75.36  ? 518  C   B P  1 
ATOM 44  P P  . C   B 2  20  ? -41.644 2.605   13.408  1.00 51.16  ? 519  C   B P  1 
ATOM 45  P P  . A   B 2  21  ? -48.261 4.882   13.794  1.00 53.16  ? 520  A   B P  1 
ATOM 46  P P  . G   B 2  22  ? -53.738 3.844   13.563  1.00 61.76  ? 521  G   B P  1 
ATOM 47  P P  . C   B 2  23  ? -55.971 -2.615  14.899  1.00 54.75  ? 522  C   B P  1 
ATOM 48  P P  . A   B 2  24  ? -57.557 -7.841  15.492  1.00 51.62  ? 523  A   B P  1 
ATOM 49  P P  . G   B 2  25  ? -57.131 -11.716 19.447  1.00 53.53  ? 524  G   B P  1 
ATOM 50  P P  . C   B 2  26  ? -52.673 -14.105 22.376  1.00 52.13  ? 525  C   B P  1 
ATOM 51  P P  . C   B 2  27  ? -47.451 -16.348 22.216  1.00 46.45  ? 526  C   B P  1 
ATOM 52  P P  . G   B 2  28  ? -42.808 -16.681 18.742  1.00 49.56  ? 527  G   B P  1 
ATOM 53  P P  . C   B 2  29  ? -42.737 -13.518 12.496  1.00 60.61  ? 528  C   B P  1 
ATOM 54  P P  . G   B 2  30  ? -43.152 -9.705  8.332   1.00 51.10  ? 529  G   B P  1 
ATOM 55  P P  . G   B 2  31  ? -41.554 -5.397  6.177   1.00 76.38  ? 530  G   B P  1 
ATOM 56  P P  . U   B 2  32  ? -37.840 -1.762  3.852   1.00 85.59  ? 531  U   B P  1 
ATOM 57  P P  . A   B 2  33  ? -38.229 -5.426  -1.080  1.00 89.31  ? 532  A   B P  1 
ATOM 58  P P  . A   B 2  34  ? -44.127 -6.576  -0.198  1.00 70.97  ? 533  A   B P  1 
ATOM 59  P P  . U   B 2  35  ? -46.676 -12.599 0.874   1.00 71.53  ? 534  U   B P  1 
ATOM 60  P P  . A   B 2  36  ? -51.265 -10.952 3.212   1.00 51.93  ? 535  A   B P  1 
ATOM 61  P P  . C   B 2  37  ? -54.048 -9.303  7.806   1.00 62.56  ? 536  C   B P  1 
ATOM 62  P P  . G   B 2  38  ? -56.947 -4.823  8.466   1.00 59.87  ? 537  G   B P  1 
ATOM 63  P P  . G   B 2  39  ? -60.759 -3.151  4.589   1.00 65.42  ? 538  G   B P  1 
ATOM 64  P P  . A   B 2  40  ? -63.710 -3.726  -0.644  1.00 75.02  ? 539  A   B P  1 
ATOM 65  P P  . G   B 2  41  ? -64.872 -6.255  -5.756  1.00 67.50  ? 540  G   B P  1 
ATOM 66  P P  . G   B 2  42  ? -65.538 -11.413 -8.363  1.00 61.29  ? 541  G   B P  1 
ATOM 67  P P  . G   B 2  43  ? -65.458 -17.175 -6.934  1.00 54.66  ? 542  G   B P  1 
ATOM 68  P P  . C   B 2  44  ? -65.643 -21.981 -3.121  1.00 52.12  ? 543  C   B P  1 
ATOM 69  P P  . G   B 2  45  ? -67.335 -24.626 1.541   1.00 52.84  ? 544  G   B P  1 
ATOM 70  P P  . C   B 2  46  ? -70.721 -25.545 6.169   1.00 56.30  ? 545  C   B P  1 
ATOM 71  P P  . G   B 2  47  ? -76.531 -23.496 7.821   1.00 47.53  ? 546  G   B P  1 
ATOM 72  P P  . A   B 2  48  ? -81.713 -19.932 7.288   1.00 52.82  ? 547  A   B P  1 
ATOM 73  P P  . G   C 3  1   ? -43.073 -30.639 36.415  1.00 39.92  ? 885  G   C P  1 
ATOM 74  P P  . G   C 3  2   ? -37.604 -29.906 38.488  1.00 40.95  ? 886  G   C P  1 
ATOM 75  P P  . G   C 3  3   ? -33.613 -26.455 40.074  1.00 47.10  ? 887  G   C P  1 
ATOM 76  P P  . G   C 3  4   ? -32.249 -21.129 42.080  1.00 39.19  ? 888  G   C P  1 
ATOM 77  P P  . A   C 3  5   ? -34.580 -16.315 44.351  1.00 61.64  ? 889  A   C P  1 
ATOM 78  P P  . G   C 3  6   ? -32.654 -22.057 47.289  1.00 58.31  ? 890  G   C P  1 
ATOM 79  P P  . U   C 3  7   ? -36.284 -19.757 52.409  1.00 52.60  ? 891  U   C P  1 
ATOM 80  P P  . A   C 3  8   ? -37.636 -14.115 51.921  1.00 47.40  ? 892  A   C P  1 
ATOM 81  P P  . C   C 3  9   ? -41.610 -10.603 52.319  1.00 57.44  ? 893  C   C P  1 
ATOM 82  P P  . G   C 3  10  ? -46.717 -9.902  54.664  1.00 57.50  ? 894  G   C P  1 
ATOM 83  P P  . G   C 3  11  ? -50.234 -12.023 58.664  1.00 50.92  ? 895  G   C P  1 
ATOM 84  P P  . C   C 3  12  ? -51.392 -15.670 63.157  1.00 45.90  ? 896  C   C P  1 
ATOM 85  P P  . C   C 3  13  ? -49.005 -18.591 67.476  1.00 51.75  ? 897  C   C P  1 
ATOM 86  P P  . G   C 3  14  ? -44.656 -19.620 70.955  1.00 47.74  ? 898  G   C P  1 
ATOM 87  P P  . C   C 3  15  ? -40.569 -17.382 73.498  1.00 52.43  ? 899  C   C P  1 
ATOM 88  P P  . A   C 3  16  ? -38.456 -13.083 69.794  1.00 45.12  ? 900  A   C P  1 
ATOM 89  P P  . A   C 3  17  ? -34.177 -12.615 65.396  1.00 43.45  ? 901  A   C P  1 
ATOM 90  P P  . G   C 3  18  ? -31.201 -15.214 61.227  1.00 42.47  ? 902  G   C P  1 
ATOM 91  P P  . G   C 3  19  ? -34.668 -20.919 58.977  1.00 40.21  ? 903  G   C P  1 
ATOM 92  P P  . C   C 3  20  ? -37.974 -25.717 58.352  1.00 46.02  ? 904  C   C P  1 
ATOM 93  P P  . U   C 3  21  ? -42.581 -27.949 56.056  1.00 33.76  ? 905  U   C P  1 
ATOM 94  P P  . G   C 3  22  ? -46.233 -26.982 51.881  1.00 42.93  ? 906  G   C P  1 
ATOM 95  P P  . A   C 3  23  ? -44.990 -24.337 46.726  1.00 44.30  ? 907  A   C P  1 
ATOM 96  P P  . A   C 3  24  ? -45.656 -20.952 41.152  1.00 58.18  ? 908  A   C P  1 
ATOM 97  P P  . A   C 3  25  ? -46.078 -17.254 36.756  1.00 56.54  ? 909  A   C P  1 
ATOM 98  P P  . C   C 3  26  ? -44.465 -13.626 32.631  1.00 46.92  ? 910  C   C P  1 
ATOM 99  P P  . U   C 3  27  ? -39.470 -13.831 29.627  1.00 44.10  ? 911  U   C P  1 
ATOM 100 P P  . C   C 3  28  ? -35.137 -17.376 27.372  1.00 54.27  ? 912  C   C P  1 
ATOM 101 P P  . A   C 3  29  ? -32.454 -21.895 25.251  1.00 69.52  ? 913  A   C P  1 
ATOM 102 P P  . A   D 4  1   ? -29.282 -32.273 28.870  1.00 29.20  ? 918  A   D P  1 
ATOM 103 P P  . A   D 4  2   ? -25.606 -35.928 25.559  1.00 41.25  ? 919  A   D P  1 
ATOM 104 P P  . U   D 4  3   ? -23.064 -36.916 19.635  1.00 32.81  ? 920  U   D P  1 
ATOM 105 P P  . U   D 4  4   ? -20.736 -35.729 14.822  1.00 36.10  ? 921  U   D P  1 
ATOM 106 P P  . G   D 4  5   ? -17.719 -32.225 11.076  1.00 50.49  ? 922  G   D P  1 
ATOM 107 P P  . A   D 4  6   ? -15.052 -26.281 10.915  1.00 48.65  ? 923  A   D P  1 
ATOM 108 P P  . C   D 4  7   ? -12.961 -21.469 13.324  1.00 52.66  ? 924  C   D P  1 
ATOM 109 P P  . G   D 4  8   ? -10.746 -18.874 18.281  1.00 51.27  ? 925  G   D P  1 
ATOM 110 P P  . G   D 4  9   ? -7.570  -18.654 22.754  1.00 60.26  ? 926  G   D P  1 
ATOM 111 P P  . G   D 4  10  ? -8.207  -20.380 28.006  1.00 55.11  ? 927  G   D P  1 
ATOM 112 P P  . G   D 4  11  ? -4.340  -24.643 26.260  1.00 57.17  ? 928  G   D P  1 
ATOM 113 P P  . G   D 4  12  ? -0.631  -28.937 25.320  1.00 65.85  ? 929  G   D P  1 
ATOM 114 P P  . C   D 4  13  ? 2.700   -32.433 22.211  1.00 71.60  ? 930  C   D P  1 
ATOM 115 P P  . C   D 4  14  ? 5.241   -33.089 17.166  1.00 64.71  ? 931  C   D P  1 
ATOM 116 P P  . G   D 4  15  ? -7.340  -25.272 8.294   1.00 56.29  ? 932  G   D P  1 
ATOM 117 P P  . C   D 4  16  ? -8.022  -30.794 8.848   1.00 40.01  ? 933  C   D P  1 
ATOM 118 P P  . C   D 4  17  ? -9.421  -35.078 12.222  1.00 53.16  ? 934  C   D P  1 
ATOM 119 P P  . U   D 4  18  ? -11.451 -36.982 17.103  1.00 51.46  ? 935  U   D P  1 
ATOM 120 P P  . U   D 4  19  ? -13.683 -35.950 22.644  1.00 53.90  ? 936  U   D P  1 
ATOM 121 P P  . G   D 4  20  ? -16.622 -32.650 26.587  1.00 43.05  ? 937  G   D P  1 
ATOM 122 P P  . U   D 4  21  ? -20.522 -28.710 27.549  1.00 36.07  ? 938  U   D P  1 
ATOM 123 P P  . A   D 4  22  ? -24.628 -25.132 25.387  1.00 35.59  ? 939  A   D P  1 
ATOM 124 P P  . C   D 4  23  ? -26.577 -19.971 21.911  1.00 36.45  ? 940  C   D P  1 
ATOM 125 P P  . A   D 4  24  ? -26.003 -17.670 17.214  1.00 46.96  ? 941  A   D P  1 
ATOM 126 P P  . C   D 4  25  ? -26.500 -18.749 10.850  1.00 59.84  ? 942  C   D P  1 
ATOM 127 P P  . A   D 4  26  ? -22.272 -14.017 12.355  1.00 52.71  ? 943  A   D P  1 
ATOM 128 P P  . C   D 4  27  ? -16.947 -17.099 14.828  1.00 36.77  ? 944  C   D P  1 
ATOM 129 P P  . C   D 4  28  ? -13.524 -11.907 16.841  1.00 37.57  ? 945  C   D P  1 
ATOM 130 P P  . C   E 5  1   ? -39.865 21.959  12.318  1.00 38.05  ? 1400 C   E P  1 
ATOM 131 P P  . G   E 5  2   ? -42.404 22.641  18.517  1.00 52.46  ? 1401 G   E P  1 
ATOM 132 P P  . C   E 5  3   ? -44.263 19.126  22.105  1.00 44.38  ? 1402 C   E P  1 
ATOM 133 P P  . C   E 5  4   ? -42.377 16.017  26.814  1.00 63.62  ? 1403 C   E P  1 
ATOM 134 P P  . C   E 5  5   ? -37.877 15.583  30.920  1.00 53.57  ? 1404 C   E P  1 
ATOM 135 P P  . G   E 5  6   ? -34.115 16.462  35.069  1.00 61.51  ? 1405 G   E P  1 
ATOM 136 P P  . U   E 5  7   ? -31.251 20.265  38.882  1.00 71.90  ? 1406 U   E P  1 
ATOM 137 P P  . C   E 5  8   ? -28.977 24.427  41.894  1.00 76.64  ? 1407 C   E P  1 
ATOM 138 P P  . A   E 5  9   ? -31.219 29.816  44.067  1.00 80.42  ? 1408 A   E P  1 
ATOM 139 P P  . C   E 5  10  ? -36.006 32.527  45.604  1.00 84.94  ? 1409 C   E P  1 
ATOM 140 P P  . G   E 5  11  ? -41.088 32.315  47.701  1.00 97.62  ? 1410 G   E P  1 
ATOM 141 P P  . C   F 6  1   ? -42.415 14.342  41.105  1.00 137.44 ? 1490 C   X P  1 
ATOM 142 P P  . G   F 6  2   ? -46.396 17.745  39.526  1.00 178.14 ? 1491 G   X P  1 
ATOM 143 P P  . A   F 6  3   ? -48.120 21.317  36.108  1.00 200.91 ? 1492 A   X P  1 
ATOM 144 P P  . A   F 6  4   ? -46.917 25.671  31.511  1.00 200.91 ? 1493 A   X P  1 
ATOM 145 P P  . G   F 6  5   ? -42.669 30.522  30.969  1.00 119.10 ? 1494 G   X P  1 
ATOM 146 P P  . U   F 6  6   ? -37.854 33.530  30.469  1.00 78.93  ? 1495 U   X P  1 
ATOM 147 P P  . C   F 6  7   ? -32.566 33.716  29.274  1.00 75.71  ? 1496 C   X P  1 
ATOM 148 P P  . G   F 6  8   ? -28.505 31.558  26.453  1.00 65.29  ? 1497 G   X P  1 
ATOM 149 P P  . U   F 6  9   ? -26.731 26.005  23.192  1.00 53.18  ? 1498 U   X P  1 
ATOM 150 P P  . A   F 6  10  ? -26.704 19.291  23.254  1.00 39.67  ? 1499 A   X P  1 
ATOM 151 P P  . A   F 6  11  ? -26.947 14.494  23.014  1.00 37.04  ? 1500 A   X P  1 
ATOM 152 P P  . C   G 7  1   ? -18.045 19.957  26.181  1.00 29.25  ? 1501 C   F P  1 
ATOM 153 P P  . A   G 7  2   ? -20.046 16.727  22.847  1.00 37.75  ? 1502 A   F P  1 
ATOM 154 P P  . A   G 7  3   ? -20.897 18.867  17.831  1.00 60.13  ? 1503 A   F P  1 
ATOM 155 P P  . G   G 7  4   ? -18.807 23.659  21.845  1.00 39.10  ? 1504 G   F P  1 
ATOM 156 P P  . G   G 7  5   ? -20.543 26.040  26.364  1.00 43.11  ? 1505 G   F P  1 
ATOM 157 P P  . U   G 7  6   ? -19.648 31.749  24.350  1.00 45.58  ? 1506 U   F P  1 
ATOM 158 P P  . A   G 7  7   ? -15.043 28.415  20.157  1.00 41.84  ? 1507 A   F P  1 
ATOM 159 P P  . G   G 7  8   ? -14.216 24.397  25.261  1.00 43.70  ? 1508 G   F P  1 
ATOM 160 P P  . C   G 7  9   ? -12.441 20.117  29.187  1.00 31.75  ? 1509 C   F P  1 
ATOM 161 P P  . U   G 7  10  ? -8.280  16.794  31.801  1.00 29.02  ? 1510 U   F P  1 
ATOM 162 P P  . G   G 7  11  ? -2.958  16.258  33.533  1.00 31.40  ? 1511 G   F P  1 
ATOM 163 P P  . U   G 7  12  ? 1.353   18.231  36.682  1.00 37.03  ? 1512 U   F P  1 
ATOM 164 P P  . A   G 7  13  ? 3.914   23.310  38.698  1.00 43.51  ? 1513 A   F P  1 
ATOM 165 P P  . C   G 7  14  ? 2.934   28.543  40.769  1.00 39.77  ? 1514 C   F P  1 
ATOM 166 P P  . C   G 7  15  ? -0.557  33.190  42.608  1.00 40.50  ? 1515 C   F P  1 
ATOM 167 P P  . G   G 7  16  ? -5.997  35.271  44.178  1.00 60.12  ? 1516 G   F P  1 
ATOM 168 P P  . G   G 7  17  ? -11.510 35.519  45.417  1.00 63.66  ? 1517 G   F P  1 
ATOM 169 P P  . A   G 7  18  ? -12.859 30.684  44.262  1.00 61.20  ? 1518 A   F P  1 
ATOM 170 P P  . A   G 7  19  ? -13.392 25.633  41.952  1.00 64.12  ? 1519 A   F P  1 
ATOM 171 P P  . G   G 7  20  ? -14.302 22.587  36.641  1.00 44.71  ? 1520 G   F P  1 
ATOM 172 P P  . G   G 7  21  ? -12.957 27.375  31.898  1.00 40.81  ? 1521 G   F P  1 
ATOM 173 P P  . U   G 7  22  ? -10.088 31.054  28.966  1.00 41.36  ? 1522 U   F P  1 
ATOM 174 P P  . G   G 7  23  ? -4.727  32.327  26.634  1.00 35.65  ? 1523 G   F P  1 
ATOM 175 P P  . C   G 7  24  ? 0.238   31.775  24.906  1.00 32.67  ? 1524 C   F P  1 
ATOM 176 P P  . G   G 7  25  ? 3.578   27.984  22.422  1.00 41.94  ? 1525 G   F P  1 
ATOM 177 P P  . G   G 7  26  ? 3.168   22.612  20.101  1.00 38.92  ? 1526 G   F P  1 
ATOM 178 P P  . C   G 7  27  ? 0.998   17.178  18.949  1.00 38.83  ? 1527 C   F P  1 
ATOM 179 P P  . U   G 7  28  ? -3.137  13.554  17.299  1.00 44.76  ? 1528 U   F P  1 
ATOM 180 P P  . G   G 7  29  ? -9.004  10.390  16.638  1.00 41.31  ? 1529 G   F P  1 
ATOM 181 C CA . GLU H 8  1   ? 49.851  -36.092 -28.493 1.00 151.59 ? 2    GLU G CA 1 
ATOM 182 C CA . GLN H 8  2   ? 46.804  -34.161 -27.256 1.00 123.77 ? 3    GLN G CA 1 
ATOM 183 C CA . TYR H 8  3   ? 43.944  -34.340 -24.752 1.00 126.71 ? 4    TYR G CA 1 
ATOM 184 C CA . TYR H 8  4   ? 40.438  -32.921 -24.487 1.00 120.42 ? 5    TYR G CA 1 
ATOM 185 C CA . GLY H 8  5   ? 37.743  -32.082 -21.968 1.00 104.14 ? 6    GLY G CA 1 
ATOM 186 C CA . THR H 8  6   ? 35.000  -29.505 -22.379 1.00 188.50 ? 7    THR G CA 1 
ATOM 187 C CA . GLY H 8  7   ? 33.606  -28.101 -19.148 1.00 102.37 ? 8    GLY G CA 1 
ATOM 188 C CA . ARG H 8  8   ? 30.521  -25.970 -18.571 1.00 69.01  ? 9    ARG G CA 1 
ATOM 189 C CA . ARG H 8  9   ? 29.511  -23.751 -15.645 1.00 56.12  ? 10   ARG G CA 1 
ATOM 190 C CA . LYS H 8  10  ? 26.719  -21.277 -14.971 1.00 90.69  ? 11   LYS G CA 1 
ATOM 191 C CA . GLU H 8  11  ? 26.403  -20.915 -18.746 1.00 64.33  ? 12   GLU G CA 1 
ATOM 192 C CA . ALA H 8  12  ? 30.020  -21.008 -19.921 1.00 74.97  ? 13   ALA G CA 1 
ATOM 193 C CA . VAL H 8  13  ? 31.831  -23.385 -22.266 1.00 76.10  ? 14   VAL G CA 1 
ATOM 194 C CA . ALA H 8  14  ? 35.569  -23.994 -22.106 1.00 133.82 ? 15   ALA G CA 1 
ATOM 195 C CA . ARG H 8  15  ? 37.516  -26.052 -24.632 1.00 85.50  ? 16   ARG G CA 1 
ATOM 196 C CA . VAL H 8  16  ? 40.425  -27.559 -22.717 1.00 92.50  ? 17   VAL G CA 1 
ATOM 197 C CA . PHE H 8  17  ? 43.355  -28.942 -24.708 1.00 75.95  ? 18   PHE G CA 1 
ATOM 198 C CA . LEU H 8  18  ? 46.204  -30.438 -22.698 1.00 99.41  ? 19   LEU G CA 1 
ATOM 199 C CA . ARG H 8  19  ? 49.538  -31.296 -24.331 1.00 112.33 ? 20   ARG G CA 1 
ATOM 200 C CA . PRO H 8  20  ? 52.662  -32.670 -22.599 1.00 125.53 ? 21   PRO G CA 1 
ATOM 201 C CA . GLY H 8  21  ? 54.908  -29.640 -22.240 1.00 104.81 ? 22   GLY G CA 1 
ATOM 202 C CA . ASN H 8  22  ? 56.035  -26.770 -19.996 1.00 122.89 ? 23   ASN G CA 1 
ATOM 203 C CA . GLY H 8  23  ? 52.852  -25.856 -18.140 1.00 130.84 ? 24   GLY G CA 1 
ATOM 204 C CA . LYS H 8  24  ? 51.813  -22.603 -19.773 1.00 88.82  ? 25   LYS G CA 1 
ATOM 205 C CA . VAL H 8  25  ? 48.220  -21.784 -20.688 1.00 91.66  ? 26   VAL G CA 1 
ATOM 206 C CA . THR H 8  26  ? 46.834  -19.871 -23.629 1.00 92.51  ? 27   THR G CA 1 
ATOM 207 C CA . VAL H 8  27  ? 43.309  -18.763 -22.827 1.00 74.10  ? 28   VAL G CA 1 
ATOM 208 C CA . ASN H 8  28  ? 41.752  -17.395 -26.015 1.00 85.51  ? 29   ASN G CA 1 
ATOM 209 C CA . GLY H 8  29  ? 45.160  -16.228 -27.109 1.00 97.10  ? 30   GLY G CA 1 
ATOM 210 C CA . GLN H 8  30  ? 46.158  -14.189 -24.078 1.00 72.71  ? 31   GLN G CA 1 
ATOM 211 C CA . ASP H 8  31  ? 48.224  -15.816 -21.353 1.00 70.20  ? 32   ASP G CA 1 
ATOM 212 C CA . PHE H 8  32  ? 46.328  -17.453 -18.482 1.00 111.30 ? 33   PHE G CA 1 
ATOM 213 C CA . ASN H 8  33  ? 47.458  -14.526 -16.329 1.00 66.72  ? 34   ASN G CA 1 
ATOM 214 C CA . GLU H 8  34  ? 46.625  -12.153 -19.165 1.00 60.95  ? 35   GLU G CA 1 
ATOM 215 C CA . TYR H 8  35  ? 42.944  -13.001 -19.744 1.00 83.17  ? 36   TYR G CA 1 
ATOM 216 C CA . PHE H 8  36  ? 42.327  -13.179 -15.975 1.00 85.30  ? 37   PHE G CA 1 
ATOM 217 C CA . GLN H 8  37  ? 44.377  -10.058 -15.296 1.00 123.49 ? 38   GLN G CA 1 
ATOM 218 C CA . GLY H 8  38  ? 43.682  -9.449  -11.620 1.00 87.81  ? 39   GLY G CA 1 
ATOM 219 C CA . LEU H 8  39  ? 41.090  -11.931 -10.350 1.00 58.33  ? 40   LEU G CA 1 
ATOM 220 C CA . VAL H 8  40  ? 41.913  -13.497 -6.980  1.00 77.39  ? 41   VAL G CA 1 
ATOM 221 C CA . ARG H 8  41  ? 39.949  -16.577 -8.115  1.00 80.13  ? 42   ARG G CA 1 
ATOM 222 C CA . ALA H 8  42  ? 41.708  -17.427 -11.400 1.00 73.83  ? 43   ALA G CA 1 
ATOM 223 C CA . VAL H 8  43  ? 44.112  -19.709 -9.539  1.00 77.67  ? 44   VAL G CA 1 
ATOM 224 C CA . ALA H 8  44  ? 41.138  -22.052 -9.139  1.00 82.89  ? 45   ALA G CA 1 
ATOM 225 C CA . ALA H 8  45  ? 40.879  -23.257 -12.762 1.00 80.25  ? 46   ALA G CA 1 
ATOM 226 C CA . LEU H 8  46  ? 44.257  -25.042 -12.603 1.00 73.84  ? 47   LEU G CA 1 
ATOM 227 C CA . GLU H 8  47  ? 43.505  -26.666 -9.255  1.00 91.82  ? 48   GLU G CA 1 
ATOM 228 C CA . PRO H 8  48  ? 42.631  -29.969 -10.962 1.00 91.75  ? 49   PRO G CA 1 
ATOM 229 C CA . LEU H 8  49  ? 46.241  -29.999 -12.190 1.00 79.12  ? 50   LEU G CA 1 
ATOM 230 C CA . ARG H 8  50  ? 47.972  -29.513 -8.830  1.00 72.73  ? 51   ARG G CA 1 
ATOM 231 C CA . ALA H 8  51  ? 45.473  -32.203 -7.927  1.00 80.63  ? 52   ALA G CA 1 
ATOM 232 C CA . VAL H 8  52  ? 47.693  -34.865 -9.494  1.00 117.88 ? 53   VAL G CA 1 
ATOM 233 C CA . ASP H 8  53  ? 50.931  -32.868 -9.849  1.00 125.16 ? 54   ASP G CA 1 
ATOM 234 C CA . ALA H 8  54  ? 50.451  -31.531 -13.364 1.00 95.86  ? 55   ALA G CA 1 
ATOM 235 C CA . LEU H 8  55  ? 51.138  -28.073 -14.813 1.00 166.04 ? 56   LEU G CA 1 
ATOM 236 C CA . GLY H 8  56  ? 54.902  -28.566 -14.741 1.00 167.42 ? 57   GLY G CA 1 
ATOM 237 C CA . ARG H 8  57  ? 54.280  -31.657 -16.824 1.00 116.08 ? 58   ARG G CA 1 
ATOM 238 C CA . PHE H 8  58  ? 51.485  -30.525 -19.161 1.00 99.07  ? 59   PHE G CA 1 
ATOM 239 C CA . ASP H 8  59  ? 50.442  -27.446 -21.093 1.00 66.08  ? 60   ASP G CA 1 
ATOM 240 C CA . ALA H 8  60  ? 47.040  -26.083 -22.090 1.00 77.55  ? 61   ALA G CA 1 
ATOM 241 C CA . TYR H 8  61  ? 45.403  -24.335 -25.013 1.00 78.71  ? 62   TYR G CA 1 
ATOM 242 C CA . ILE H 8  62  ? 41.952  -23.115 -24.050 1.00 80.68  ? 63   ILE G CA 1 
ATOM 243 C CA . THR H 8  63  ? 39.010  -21.577 -25.886 1.00 102.66 ? 64   THR G CA 1 
ATOM 244 C CA . VAL H 8  64  ? 36.428  -19.946 -23.654 1.00 88.32  ? 65   VAL G CA 1 
ATOM 245 C CA . ARG H 8  65  ? 33.178  -18.287 -24.725 1.00 77.12  ? 66   ARG G CA 1 
ATOM 246 C CA . GLY H 8  66  ? 30.018  -17.590 -22.737 1.00 97.15  ? 67   GLY G CA 1 
ATOM 247 C CA . GLY H 8  67  ? 29.039  -16.041 -19.427 1.00 91.38  ? 68   GLY G CA 1 
ATOM 248 C CA . GLY H 8  68  ? 31.554  -14.177 -17.299 1.00 58.08  ? 69   GLY G CA 1 
ATOM 249 C CA . LYS H 8  69  ? 35.233  -14.560 -16.454 1.00 64.57  ? 70   LYS G CA 1 
ATOM 250 C CA . SER H 8  70  ? 34.124  -16.164 -13.200 1.00 61.83  ? 71   SER G CA 1 
ATOM 251 C CA . GLY H 8  71  ? 31.939  -18.800 -14.808 1.00 80.41  ? 72   GLY G CA 1 
ATOM 252 C CA . GLN H 8  72  ? 34.636  -19.368 -17.372 1.00 65.48  ? 73   GLN G CA 1 
ATOM 253 C CA . ILE H 8  73  ? 37.104  -19.945 -14.535 1.00 71.24  ? 74   ILE G CA 1 
ATOM 254 C CA . ASP H 8  74  ? 34.890  -22.817 -13.374 1.00 71.49  ? 75   ASP G CA 1 
ATOM 255 C CA . ALA H 8  75  ? 34.203  -24.204 -16.852 1.00 75.86  ? 76   ALA G CA 1 
ATOM 256 C CA . ILE H 8  76  ? 37.927  -24.179 -17.544 1.00 55.56  ? 77   ILE G CA 1 
ATOM 257 C CA . LYS H 8  77  ? 38.488  -25.792 -14.152 1.00 63.61  ? 78   LYS G CA 1 
ATOM 258 C CA . LEU H 8  78  ? 36.128  -28.601 -15.238 1.00 73.53  ? 79   LEU G CA 1 
ATOM 259 C CA . GLY H 8  79  ? 37.718  -28.828 -18.664 1.00 74.79  ? 80   GLY G CA 1 
ATOM 260 C CA . ILE H 8  80  ? 41.204  -29.327 -17.239 1.00 64.52  ? 81   ILE G CA 1 
ATOM 261 C CA . ALA H 8  81  ? 39.576  -31.848 -14.899 1.00 90.25  ? 82   ALA G CA 1 
ATOM 262 C CA . ARG H 8  82  ? 37.945  -33.875 -17.690 1.00 79.91  ? 83   ARG G CA 1 
ATOM 263 C CA . ALA H 8  83  ? 40.900  -33.804 -20.055 1.00 76.97  ? 84   ALA G CA 1 
ATOM 264 C CA . LEU H 8  84  ? 43.195  -34.938 -17.250 1.00 71.73  ? 85   LEU G CA 1 
ATOM 265 C CA . VAL H 8  85  ? 41.085  -38.124 -17.336 1.00 114.93 ? 86   VAL G CA 1 
ATOM 266 C CA . GLN H 8  86  ? 41.211  -38.955 -21.058 1.00 145.03 ? 87   GLN G CA 1 
ATOM 267 C CA . TYR H 8  87  ? 44.961  -38.763 -20.621 1.00 88.57  ? 88   TYR G CA 1 
ATOM 268 C CA . ASN H 8  88  ? 45.097  -41.090 -17.634 1.00 80.31  ? 89   ASN G CA 1 
ATOM 269 C CA . PRO H 8  89  ? 41.719  -42.549 -16.570 1.00 109.11 ? 90   PRO G CA 1 
ATOM 270 C CA . ASP H 8  90  ? 43.331  -43.838 -13.376 1.00 98.06  ? 91   ASP G CA 1 
ATOM 271 C CA . TYR H 8  91  ? 43.196  -40.263 -12.037 1.00 148.58 ? 92   TYR G CA 1 
ATOM 272 C CA . ARG H 8  92  ? 39.511  -40.123 -11.060 1.00 84.09  ? 93   ARG G CA 1 
ATOM 273 C CA . ALA H 8  93  ? 40.251  -41.951 -7.799  1.00 87.55  ? 94   ALA G CA 1 
ATOM 274 C CA . LYS H 8  94  ? 41.786  -38.703 -6.490  1.00 116.42 ? 95   LYS G CA 1 
ATOM 275 C CA . LEU H 8  95  ? 40.404  -36.157 -8.940  1.00 103.26 ? 96   LEU G CA 1 
ATOM 276 C CA . LYS H 8  96  ? 36.770  -36.923 -8.009  1.00 101.67 ? 97   LYS G CA 1 
ATOM 277 C CA . PRO H 8  97  ? 36.790  -37.129 -4.213  1.00 81.27  ? 98   PRO G CA 1 
ATOM 278 C CA . LEU H 8  98  ? 37.383  -33.379 -4.632  1.00 75.23  ? 99   LEU G CA 1 
ATOM 279 C CA . GLY H 8  99  ? 34.452  -33.176 -7.015  1.00 78.83  ? 100  GLY G CA 1 
ATOM 280 C CA . PHE H 8  100 ? 36.194  -31.431 -9.893  1.00 91.19  ? 101  PHE G CA 1 
ATOM 281 C CA . LEU H 8  101 ? 34.378  -33.844 -12.215 1.00 82.30  ? 102  LEU G CA 1 
ATOM 282 C CA . THR H 8  102 ? 30.960  -32.425 -11.382 1.00 80.04  ? 103  THR G CA 1 
ATOM 283 C CA . ARG H 8  103 ? 29.051  -29.841 -13.394 1.00 92.24  ? 104  ARG G CA 1 
ATOM 284 C CA . ASP H 8  104 ? 27.779  -27.235 -10.938 1.00 80.86  ? 105  ASP G CA 1 
ATOM 285 C CA . ALA H 8  105 ? 24.152  -27.025 -12.110 1.00 60.78  ? 106  ALA G CA 1 
ATOM 286 C CA . ARG H 8  106 ? 23.463  -23.736 -10.290 1.00 50.94  ? 107  ARG G CA 1 
ATOM 287 C CA . VAL H 8  107 ? 21.965  -21.380 -12.893 1.00 50.66  ? 108  VAL G CA 1 
ATOM 288 C CA . VAL H 8  108 ? 20.088  -18.064 -12.766 1.00 60.10  ? 109  VAL G CA 1 
ATOM 289 C CA . GLU H 8  109 ? 16.495  -18.486 -11.590 1.00 51.79  ? 110  GLU G CA 1 
ATOM 290 C CA . ARG H 8  110 ? 13.699  -17.438 -13.921 1.00 62.45  ? 111  ARG G CA 1 
ATOM 291 C CA . LYS H 8  111 ? 12.065  -14.092 -13.132 1.00 47.35  ? 112  LYS G CA 1 
ATOM 292 C CA . LYS H 8  112 ? 8.484   -14.952 -12.131 1.00 40.52  ? 113  LYS G CA 1 
ATOM 293 C CA . TYR H 8  113 ? 5.673   -12.452 -12.606 1.00 54.91  ? 114  TYR G CA 1 
ATOM 294 C CA . GLY H 8  114 ? 4.060   -10.676 -9.689  1.00 52.22  ? 115  GLY G CA 1 
ATOM 295 C CA . LYS H 8  115 ? 7.487   -10.611 -8.090  1.00 55.16  ? 116  LYS G CA 1 
ATOM 296 C CA . HIS H 8  116 ? 10.413  -8.243  -8.575  1.00 46.59  ? 117  HIS G CA 1 
ATOM 297 C CA . LYS H 8  117 ? 13.136  -10.793 -9.075  1.00 48.38  ? 118  LYS G CA 1 
ATOM 298 C CA . ALA H 8  118 ? 11.943  -14.422 -9.085  1.00 70.19  ? 119  ALA G CA 1 
ATOM 299 C CA . ARG H 8  119 ? 11.589  -14.239 -5.337  1.00 48.75  ? 120  ARG G CA 1 
ATOM 300 C CA . ARG H 8  120 ? 12.072  -10.691 -4.113  1.00 55.78  ? 121  ARG G CA 1 
ATOM 301 C CA . ALA H 8  121 ? 8.377   -9.994  -3.501  1.00 39.19  ? 122  ALA G CA 1 
ATOM 302 C CA . PRO H 8  122 ? 7.002   -6.428  -3.572  1.00 49.34  ? 123  PRO G CA 1 
ATOM 303 C CA . GLN H 8  123 ? 6.354   -4.842  -0.157  1.00 58.08  ? 124  GLN G CA 1 
ATOM 304 C CA . TYR H 8  124 ? 3.165   -3.588  1.467   1.00 48.31  ? 125  TYR G CA 1 
ATOM 305 C CA . SER H 8  125 ? 2.327   -1.070  4.178   1.00 86.07  ? 126  SER G CA 1 
ATOM 306 C CA . LYS H 8  126 ? -0.632  -1.061  6.541   1.00 90.09  ? 127  LYS G CA 1 
ATOM 307 C CA . ARG H 8  127 ? -1.751  -4.447  5.246   1.00 105.24 ? 128  ARG G CA 1 
ATOM 308 C CA . PRO I 9  1   ? -50.385 -40.736 47.318  1.00 30.14  ? 5    PRO H CA 1 
ATOM 309 C CA . THR I 9  2   ? -51.710 -43.906 48.960  1.00 26.25  ? 6    THR H CA 1 
ATOM 310 C CA . ILE I 9  3   ? -55.410 -44.703 48.799  1.00 40.38  ? 7    ILE H CA 1 
ATOM 311 C CA . ASN I 9  4   ? -55.665 -44.162 52.530  1.00 36.58  ? 8    ASN H CA 1 
ATOM 312 C CA . GLN I 9  5   ? -53.893 -40.840 52.042  1.00 26.46  ? 9    GLN H CA 1 
ATOM 313 C CA . LEU I 9  6   ? -56.353 -39.855 49.338  1.00 33.90  ? 10   LEU H CA 1 
ATOM 314 C CA . VAL I 9  7   ? -59.078 -40.706 51.791  1.00 40.92  ? 11   VAL H CA 1 
ATOM 315 C CA . ARG I 9  8   ? -57.509 -38.466 54.406  1.00 43.89  ? 12   ARG H CA 1 
ATOM 316 C CA . LYS I 9  9   ? -56.400 -35.401 52.480  1.00 35.50  ? 13   LYS H CA 1 
ATOM 317 C CA . GLY I 9  10  ? -57.931 -35.998 49.063  1.00 35.62  ? 14   GLY H CA 1 
ATOM 318 C CA . ARG I 9  11  ? -57.401 -34.096 45.819  1.00 41.25  ? 15   ARG H CA 1 
ATOM 319 C CA . GLU I 9  12  ? -57.651 -30.302 45.780  1.00 32.50  ? 16   GLU H CA 1 
ATOM 320 C CA . LYS I 9  13  ? -59.701 -28.845 42.917  1.00 44.74  ? 17   LYS H CA 1 
ATOM 321 C CA . VAL I 9  14  ? -58.109 -26.168 40.732  1.00 88.40  ? 18   VAL H CA 1 
ATOM 322 C CA . ARG I 9  15  ? -59.334 -22.546 40.948  1.00 80.12  ? 19   ARG H CA 1 
ATOM 323 C CA . LYS I 9  16  ? -59.223 -20.488 37.743  1.00 65.02  ? 20   LYS H CA 1 
ATOM 324 C CA . LYS I 9  17  ? -58.587 -16.745 38.203  1.00 63.82  ? 21   LYS H CA 1 
ATOM 325 C CA . SER I 9  18  ? -60.399 -14.222 36.020  1.00 65.96  ? 22   SER H CA 1 
ATOM 326 C CA . LYS I 9  19  ? -58.451 -12.205 33.505  1.00 46.48  ? 23   LYS H CA 1 
ATOM 327 C CA . VAL I 9  20  ? -61.086 -9.524  33.205  1.00 51.99  ? 24   VAL H CA 1 
ATOM 328 C CA . PRO I 9  21  ? -62.378 -7.906  36.385  1.00 52.92  ? 25   PRO H CA 1 
ATOM 329 C CA . ALA I 9  22  ? -65.031 -6.124  34.291  1.00 105.73 ? 26   ALA H CA 1 
ATOM 330 C CA . LEU I 9  23  ? -66.584 -6.817  37.698  1.00 78.60  ? 27   LEU H CA 1 
ATOM 331 C CA . LYS I 9  24  ? -70.071 -8.266  37.915  1.00 133.93 ? 28   LYS H CA 1 
ATOM 332 C CA . GLY I 9  25  ? -68.400 -10.834 35.680  1.00 47.71  ? 29   GLY H CA 1 
ATOM 333 C CA . ALA I 9  26  ? -70.395 -8.884  33.110  1.00 44.24  ? 30   ALA H CA 1 
ATOM 334 C CA . PRO I 9  27  ? -70.085 -9.237  29.314  1.00 21.95  ? 31   PRO H CA 1 
ATOM 335 C CA . PHE I 9  28  ? -69.449 -5.519  28.920  1.00 55.94  ? 32   PHE H CA 1 
ATOM 336 C CA . ARG I 9  29  ? -69.028 -2.462  31.071  1.00 61.70  ? 33   ARG H CA 1 
ATOM 337 C CA . ARG I 9  30  ? -69.375 1.207   30.182  1.00 45.33  ? 34   ARG H CA 1 
ATOM 338 C CA . GLY I 9  31  ? -66.973 3.835   31.436  1.00 66.10  ? 35   GLY H CA 1 
ATOM 339 C CA . VAL I 9  32  ? -65.875 7.393   30.840  1.00 46.08  ? 36   VAL H CA 1 
ATOM 340 C CA . CYS I 9  33  ? -62.690 8.355   29.044  1.00 63.86  ? 37   CYS H CA 1 
ATOM 341 C CA . THR I 9  34  ? -60.082 10.191  31.097  1.00 67.11  ? 38   THR H CA 1 
ATOM 342 C CA . VAL I 9  35  ? -57.009 10.241  28.912  1.00 72.33  ? 39   VAL H CA 1 
ATOM 343 C CA . VAL I 9  36  ? -56.759 9.418   25.235  1.00 48.89  ? 40   VAL H CA 1 
ATOM 344 C CA . ARG I 9  37  ? -52.998 8.767   25.278  1.00 44.51  ? 41   ARG H CA 1 
ATOM 345 C CA . THR I 9  38  ? -50.893 6.681   22.880  1.00 66.04  ? 42   THR H CA 1 
ATOM 346 C CA . VAL I 9  39  ? -48.570 3.997   24.185  1.00 49.45  ? 43   VAL H CA 1 
ATOM 347 C CA . THR I 9  40  ? -45.653 2.320   22.451  1.00 60.28  ? 44   THR H CA 1 
ATOM 348 C CA . PRO I 9  41  ? -45.329 -1.474  21.827  1.00 51.68  ? 45   PRO H CA 1 
ATOM 349 C CA . LYS I 9  42  ? -43.098 -3.982  23.629  1.00 37.54  ? 46   LYS H CA 1 
ATOM 350 C CA . LYS I 9  43  ? -40.210 -6.399  22.925  1.00 111.06 ? 47   LYS H CA 1 
ATOM 351 C CA . PRO I 9  44  ? -40.048 -6.150  19.108  1.00 119.26 ? 48   PRO H CA 1 
ATOM 352 C CA . ASN I 9  45  ? -43.070 -4.305  17.770  1.00 54.95  ? 49   ASN H CA 1 
ATOM 353 C CA . SER I 9  46  ? -43.081 -0.541  17.316  1.00 42.61  ? 50   SER H CA 1 
ATOM 354 C CA . ALA I 9  47  ? -45.904 1.947   16.603  1.00 53.20  ? 51   ALA H CA 1 
ATOM 355 C CA . LEU I 9  48  ? -48.314 4.340   18.307  1.00 78.97  ? 52   LEU H CA 1 
ATOM 356 C CA . ARG I 9  49  ? -51.048 2.222   19.846  1.00 67.18  ? 53   ARG H CA 1 
ATOM 357 C CA . LYS I 9  50  ? -54.123 4.339   20.614  1.00 49.33  ? 54   LYS H CA 1 
ATOM 358 C CA . VAL I 9  51  ? -55.272 3.749   24.177  1.00 60.66  ? 55   VAL H CA 1 
ATOM 359 C CA . ALA I 9  52  ? -57.661 5.269   26.738  1.00 54.39  ? 56   ALA H CA 1 
ATOM 360 C CA . LYS I 9  53  ? -57.945 5.414   30.538  1.00 83.63  ? 57   LYS H CA 1 
ATOM 361 C CA . VAL I 9  54  ? -61.537 4.612   31.481  1.00 46.24  ? 58   VAL H CA 1 
ATOM 362 C CA . ARG I 9  55  ? -63.522 5.142   34.671  1.00 60.01  ? 59   ARG H CA 1 
ATOM 363 C CA . LEU I 9  56  ? -65.894 2.160   34.801  1.00 72.89  ? 60   LEU H CA 1 
ATOM 364 C CA . THR I 9  57  ? -69.348 2.003   36.345  1.00 75.24  ? 61   THR H CA 1 
ATOM 365 C CA . SER I 9  58  ? -67.896 -1.026  38.096  1.00 77.12  ? 62   SER H CA 1 
ATOM 366 C CA . GLY I 9  59  ? -65.758 1.305   40.179  1.00 70.87  ? 63   GLY H CA 1 
ATOM 367 C CA . TYR I 9  60  ? -62.557 0.318   38.355  1.00 77.62  ? 64   TYR H CA 1 
ATOM 368 C CA . GLU I 9  61  ? -60.272 2.699   36.436  1.00 57.01  ? 65   GLU H CA 1 
ATOM 369 C CA . VAL I 9  62  ? -58.725 0.864   33.477  1.00 65.63  ? 66   VAL H CA 1 
ATOM 370 C CA . THR I 9  63  ? -56.774 1.210   30.218  1.00 61.22  ? 67   THR H CA 1 
ATOM 371 C CA . ALA I 9  64  ? -58.428 0.001   27.014  1.00 52.24  ? 68   ALA H CA 1 
ATOM 372 C CA . TYR I 9  65  ? -57.346 -0.506  23.414  1.00 50.18  ? 69   TYR H CA 1 
ATOM 373 C CA . ILE I 9  66  ? -59.120 1.435   20.656  1.00 47.64  ? 70   ILE H CA 1 
ATOM 374 C CA . PRO I 9  67  ? -59.240 -0.818  17.549  1.00 56.79  ? 71   PRO H CA 1 
ATOM 375 C CA . GLY I 9  68  ? -59.560 0.610   14.068  1.00 68.45  ? 72   GLY H CA 1 
ATOM 376 C CA . GLU I 9  69  ? -57.750 2.761   11.510  1.00 87.70  ? 73   GLU H CA 1 
ATOM 377 C CA . GLY I 9  70  ? -58.809 6.005   13.192  1.00 47.20  ? 74   GLY H CA 1 
ATOM 378 C CA . HIS I 9  71  ? -60.938 7.053   16.187  1.00 51.68  ? 75   HIS H CA 1 
ATOM 379 C CA . ASN I 9  72  ? -62.835 10.046  17.620  1.00 42.40  ? 76   ASN H CA 1 
ATOM 380 C CA . LEU I 9  73  ? -62.485 9.499   21.378  1.00 64.23  ? 77   LEU H CA 1 
ATOM 381 C CA . GLN I 9  74  ? -61.949 12.489  23.675  1.00 65.13  ? 78   GLN H CA 1 
ATOM 382 C CA . GLU I 9  75  ? -61.430 13.504  27.281  1.00 93.28  ? 79   GLU H CA 1 
ATOM 383 C CA . HIS I 9  76  ? -64.937 12.753  28.581  1.00 67.80  ? 80   HIS H CA 1 
ATOM 384 C CA . SER I 9  77  ? -66.433 10.415  26.015  1.00 71.86  ? 81   SER H CA 1 
ATOM 385 C CA . VAL I 9  78  ? -68.696 7.615   27.215  1.00 63.28  ? 82   VAL H CA 1 
ATOM 386 C CA . VAL I 9  79  ? -67.520 4.222   26.010  1.00 69.07  ? 83   VAL H CA 1 
ATOM 387 C CA . LEU I 9  80  ? -68.168 0.457   26.217  1.00 57.02  ? 84   LEU H CA 1 
ATOM 388 C CA . ILE I 9  81  ? -65.459 -2.047  27.242  1.00 48.77  ? 85   ILE H CA 1 
ATOM 389 C CA . ARG I 9  82  ? -65.444 -5.626  25.978  1.00 73.31  ? 86   ARG H CA 1 
ATOM 390 C CA . GLY I 9  83  ? -62.497 -7.417  27.496  1.00 33.50  ? 87   GLY H CA 1 
ATOM 391 C CA . GLY I 9  84  ? -59.586 -8.729  25.494  1.00 41.86  ? 88   GLY H CA 1 
ATOM 392 C CA . ARG I 9  85  ? -55.980 -7.899  26.187  1.00 44.01  ? 89   ARG H CA 1 
ATOM 393 C CA . VAL I 9  86  ? -53.382 -6.622  23.690  1.00 59.70  ? 90   VAL H CA 1 
ATOM 394 C CA . LYS I 9  87  ? -50.182 -8.680  23.584  1.00 60.36  ? 91   LYS H CA 1 
ATOM 395 C CA . ASP I 9  88  ? -47.949 -5.625  22.976  1.00 64.99  ? 92   ASP H CA 1 
ATOM 396 C CA . LEU I 9  89  ? -49.358 -3.168  25.456  1.00 75.11  ? 93   LEU H CA 1 
ATOM 397 C CA . PRO I 9  90  ? -48.608 -4.305  28.983  1.00 73.25  ? 94   PRO H CA 1 
ATOM 398 C CA . GLY I 9  91  ? -51.476 -3.086  31.115  1.00 49.70  ? 95   GLY H CA 1 
ATOM 399 C CA . VAL I 9  92  ? -54.268 -3.065  28.572  1.00 58.87  ? 96   VAL H CA 1 
ATOM 400 C CA . ARG I 9  93  ? -56.821 -5.761  29.325  1.00 54.53  ? 97   ARG H CA 1 
ATOM 401 C CA . TYR I 9  94  ? -59.902 -4.692  27.415  1.00 43.26  ? 98   TYR H CA 1 
ATOM 402 C CA . HIS I 9  95  ? -60.806 -3.393  23.974  1.00 52.33  ? 99   HIS H CA 1 
ATOM 403 C CA . ILE I 9  96  ? -63.215 -0.550  23.342  1.00 56.44  ? 100  ILE H CA 1 
ATOM 404 C CA . VAL I 9  97  ? -66.379 -1.415  21.476  1.00 50.19  ? 101  VAL H CA 1 
ATOM 405 C CA . ARG I 9  98  ? -66.525 0.712   18.375  1.00 53.27  ? 102  ARG H CA 1 
ATOM 406 C CA . GLY I 9  99  ? -69.980 1.802   17.329  1.00 60.70  ? 103  GLY H CA 1 
ATOM 407 C CA . VAL I 9  100 ? -71.382 2.155   20.829  1.00 60.78  ? 104  VAL H CA 1 
ATOM 408 C CA . TYR I 9  101 ? -72.007 5.345   22.821  1.00 78.81  ? 105  TYR H CA 1 
ATOM 409 C CA . ASP I 9  102 ? -69.391 8.003   21.983  1.00 50.81  ? 106  ASP H CA 1 
ATOM 410 C CA . ALA I 9  103 ? -66.902 5.810   20.157  1.00 69.26  ? 107  ALA H CA 1 
ATOM 411 C CA . ALA I 9  104 ? -67.846 6.187   16.517  1.00 55.46  ? 108  ALA H CA 1 
ATOM 412 C CA . GLY I 9  105 ? -67.290 3.306   14.138  1.00 54.04  ? 109  GLY H CA 1 
ATOM 413 C CA . VAL I 9  106 ? -64.386 3.145   11.720  1.00 68.83  ? 110  VAL H CA 1 
ATOM 414 C CA . LYS I 9  107 ? -64.894 5.198   8.567   1.00 88.01  ? 111  LYS H CA 1 
ATOM 415 C CA . ASP I 9  108 ? -64.327 3.439   5.238   1.00 75.57  ? 112  ASP H CA 1 
ATOM 416 C CA . ARG I 9  109 ? -64.409 -0.032  6.759   1.00 77.06  ? 113  ARG H CA 1 
ATOM 417 C CA . LYS I 9  110 ? -65.453 -2.314  3.926   1.00 72.07  ? 114  LYS H CA 1 
ATOM 418 C CA . LYS I 9  111 ? -64.645 -5.681  5.498   1.00 82.10  ? 115  LYS H CA 1 
ATOM 419 C CA . SER I 9  112 ? -64.822 -7.007  9.044   1.00 50.25  ? 116  SER H CA 1 
ATOM 420 C CA . ARG I 9  113 ? -67.374 -4.289  9.863   1.00 38.93  ? 117  ARG H CA 1 
ATOM 421 C CA . SER I 9  114 ? -69.176 -6.431  12.468  1.00 53.28  ? 118  SER H CA 1 
ATOM 422 C CA . LYS I 9  115 ? -66.176 -5.417  14.563  1.00 54.03  ? 119  LYS H CA 1 
ATOM 423 C CA . TYR I 9  116 ? -65.349 -1.691  14.184  1.00 61.27  ? 120  TYR H CA 1 
ATOM 424 C CA . GLY I 9  117 ? -69.118 -1.157  14.286  1.00 66.45  ? 121  GLY H CA 1 
ATOM 425 C CA . THR I 9  118 ? -69.654 0.323   10.805  1.00 54.04  ? 122  THR H CA 1 
ATOM 426 C CA . LYS I 9  119 ? -73.033 0.126   9.032   1.00 48.59  ? 123  LYS H CA 1 
ATOM 427 C CA . LYS I 9  120 ? -73.478 -1.465  5.613   1.00 65.05  ? 124  LYS H CA 1 
ATOM 428 C CA . PRO I 9  121 ? -72.200 0.869   2.884   1.00 69.14  ? 125  PRO H CA 1 
ATOM 429 C CA . LYS I 9  122 ? -74.866 1.429   0.222   1.00 133.01 ? 126  LYS H CA 1 
ATOM 430 C CA . GLU I 9  123 ? -73.212 0.384   -3.036  1.00 122.72 ? 127  GLU H CA 1 
ATOM 431 C CA . ALA I 9  124 ? -74.136 2.945   -5.691  1.00 174.98 ? 128  ALA H CA 1 
ATOM 432 C CA . ALA J 10 1   ? 44.080  34.560  -7.221  1.00 71.78  ? 2    ALA I CA 1 
ATOM 433 C CA . ARG J 10 2   ? 41.110  36.930  -7.373  1.00 75.96  ? 3    ARG I CA 1 
ATOM 434 C CA . ILE J 10 3   ? 39.410  36.707  -10.763 1.00 111.84 ? 4    ILE I CA 1 
ATOM 435 C CA . ALA J 10 4   ? 35.804  37.688  -11.554 1.00 67.66  ? 5    ALA I CA 1 
ATOM 436 C CA . GLY J 10 5   ? 33.626  40.007  -9.509  1.00 153.10 ? 6    GLY I CA 1 
ATOM 437 C CA . VAL J 10 6   ? 35.091  39.446  -6.040  1.00 140.62 ? 7    VAL I CA 1 
ATOM 438 C CA . GLU J 10 7   ? 36.189  35.911  -6.973  1.00 82.11  ? 8    GLU I CA 1 
ATOM 439 C CA . ILE J 10 8   ? 38.931  34.311  -4.876  1.00 102.47 ? 9    ILE I CA 1 
ATOM 440 C CA . PRO J 10 9   ? 39.260  30.527  -5.445  1.00 108.15 ? 10   PRO I CA 1 
ATOM 441 C CA . ARG J 10 10  ? 42.357  29.231  -3.668  1.00 76.24  ? 11   ARG I CA 1 
ATOM 442 C CA . ASN J 10 11  ? 44.593  26.302  -2.677  1.00 68.17  ? 12   ASN I CA 1 
ATOM 443 C CA . LYS J 10 12  ? 42.805  23.911  -5.059  1.00 88.73  ? 13   LYS I CA 1 
ATOM 444 C CA . ARG J 10 13  ? 43.181  22.851  -8.671  1.00 48.69  ? 14   ARG I CA 1 
ATOM 445 C CA . VAL J 10 14  ? 42.505  25.864  -10.917 1.00 79.68  ? 15   VAL I CA 1 
ATOM 446 C CA . ASP J 10 15  ? 39.653  24.138  -12.743 1.00 114.17 ? 16   ASP I CA 1 
ATOM 447 C CA . VAL J 10 16  ? 37.938  23.124  -9.495  1.00 75.18  ? 17   VAL I CA 1 
ATOM 448 C CA . ALA J 10 17  ? 38.647  26.588  -8.147  1.00 59.37  ? 18   ALA I CA 1 
ATOM 449 C CA . LEU J 10 18  ? 37.228  28.475  -11.119 1.00 59.66  ? 19   LEU I CA 1 
ATOM 450 C CA . THR J 10 19  ? 34.057  26.474  -10.453 1.00 62.93  ? 20   THR I CA 1 
ATOM 451 C CA . TYR J 10 20  ? 33.668  28.552  -7.297  1.00 49.36  ? 21   TYR I CA 1 
ATOM 452 C CA . ILE J 10 21  ? 32.613  31.417  -9.563  1.00 68.23  ? 22   ILE I CA 1 
ATOM 453 C CA . TYR J 10 22  ? 28.948  32.099  -10.287 1.00 110.95 ? 23   TYR I CA 1 
ATOM 454 C CA . GLY J 10 23  ? 28.953  31.528  -14.025 1.00 71.97  ? 24   GLY I CA 1 
ATOM 455 C CA . ILE J 10 24  ? 31.624  28.840  -14.205 1.00 78.72  ? 25   ILE I CA 1 
ATOM 456 C CA . GLY J 10 25  ? 31.036  25.106  -14.202 1.00 51.09  ? 26   GLY I CA 1 
ATOM 457 C CA . LYS J 10 26  ? 33.237  22.035  -14.704 1.00 66.95  ? 27   LYS I CA 1 
ATOM 458 C CA . ALA J 10 27  ? 32.746  22.793  -18.391 1.00 78.02  ? 28   ALA I CA 1 
ATOM 459 C CA . ARG J 10 28  ? 33.968  26.374  -18.708 1.00 52.77  ? 29   ARG I CA 1 
ATOM 460 C CA . ALA J 10 29  ? 36.689  25.271  -16.283 1.00 77.27  ? 30   ALA I CA 1 
ATOM 461 C CA . LYS J 10 30  ? 38.647  23.039  -18.685 1.00 73.81  ? 31   LYS I CA 1 
ATOM 462 C CA . GLU J 10 31  ? 38.002  25.518  -21.491 1.00 61.36  ? 32   GLU I CA 1 
ATOM 463 C CA . ALA J 10 32  ? 39.220  28.732  -19.850 1.00 95.39  ? 33   ALA I CA 1 
ATOM 464 C CA . LEU J 10 33  ? 42.269  26.656  -18.928 1.00 73.85  ? 34   LEU I CA 1 
ATOM 465 C CA . GLU J 10 34  ? 42.307  25.040  -22.366 1.00 70.63  ? 35   GLU I CA 1 
ATOM 466 C CA . LYS J 10 35  ? 42.435  28.319  -24.303 1.00 79.58  ? 36   LYS I CA 1 
ATOM 467 C CA . THR J 10 36  ? 44.563  30.252  -21.817 1.00 79.89  ? 37   THR I CA 1 
ATOM 468 C CA . GLY J 10 37  ? 46.835  27.214  -21.946 1.00 67.97  ? 38   GLY I CA 1 
ATOM 469 C CA . ILE J 10 38  ? 47.370  26.508  -18.252 1.00 93.14  ? 39   ILE I CA 1 
ATOM 470 C CA . ASN J 10 39  ? 47.677  23.174  -16.516 1.00 103.46 ? 40   ASN I CA 1 
ATOM 471 C CA . PRO J 10 40  ? 44.320  22.606  -14.849 1.00 99.55  ? 41   PRO I CA 1 
ATOM 472 C CA . ALA J 10 41  ? 46.007  20.608  -12.124 1.00 72.93  ? 42   ALA I CA 1 
ATOM 473 C CA . THR J 10 42  ? 48.181  23.460  -10.869 1.00 76.97  ? 43   THR I CA 1 
ATOM 474 C CA . ARG J 10 43  ? 47.174  24.486  -7.335  1.00 60.71  ? 44   ARG I CA 1 
ATOM 475 C CA . VAL J 10 44  ? 45.728  28.010  -7.506  1.00 72.64  ? 45   VAL I CA 1 
ATOM 476 C CA . LYS J 10 45  ? 48.537  29.083  -5.176  1.00 87.93  ? 46   LYS I CA 1 
ATOM 477 C CA . ASP J 10 46  ? 51.293  27.607  -7.363  1.00 78.27  ? 47   ASP I CA 1 
ATOM 478 C CA . LEU J 10 47  ? 49.911  29.580  -10.322 1.00 71.83  ? 48   LEU I CA 1 
ATOM 479 C CA . THR J 10 48  ? 51.848  32.311  -12.160 1.00 76.98  ? 49   THR I CA 1 
ATOM 480 C CA . GLU J 10 49  ? 51.125  36.036  -12.231 1.00 74.98  ? 50   GLU I CA 1 
ATOM 481 C CA . ALA J 10 50  ? 51.229  35.718  -15.997 1.00 95.39  ? 51   ALA I CA 1 
ATOM 482 C CA . GLU J 10 51  ? 48.695  32.873  -16.035 1.00 82.09  ? 52   GLU I CA 1 
ATOM 483 C CA . VAL J 10 52  ? 46.494  34.645  -13.511 1.00 55.18  ? 53   VAL I CA 1 
ATOM 484 C CA . VAL J 10 53  ? 46.320  37.552  -15.950 1.00 75.60  ? 54   VAL I CA 1 
ATOM 485 C CA . ARG J 10 54  ? 45.505  35.553  -19.093 1.00 87.85  ? 55   ARG I CA 1 
ATOM 486 C CA . LEU J 10 55  ? 42.887  33.727  -16.999 1.00 85.76  ? 56   LEU I CA 1 
ATOM 487 C CA . ARG J 10 56  ? 41.620  36.847  -15.286 1.00 66.17  ? 57   ARG I CA 1 
ATOM 488 C CA . GLU J 10 57  ? 41.347  38.539  -18.678 1.00 86.81  ? 58   GLU I CA 1 
ATOM 489 C CA . TYR J 10 58  ? 40.131  35.647  -20.807 1.00 71.75  ? 59   TYR I CA 1 
ATOM 490 C CA . VAL J 10 59  ? 37.401  34.668  -18.344 1.00 70.61  ? 60   VAL I CA 1 
ATOM 491 C CA . GLU J 10 60  ? 36.163  38.066  -17.178 1.00 90.78  ? 61   GLU I CA 1 
ATOM 492 C CA . ASN J 10 61  ? 35.889  38.968  -20.850 1.00 108.03 ? 62   ASN I CA 1 
ATOM 493 C CA . THR J 10 62  ? 34.376  36.012  -22.710 1.00 91.41  ? 63   THR I CA 1 
ATOM 494 C CA . TRP J 10 63  ? 31.495  35.131  -20.369 1.00 70.00  ? 64   TRP I CA 1 
ATOM 495 C CA . LYS J 10 64  ? 28.829  37.007  -18.411 1.00 99.57  ? 65   LYS I CA 1 
ATOM 496 C CA . LEU J 10 65  ? 29.564  36.050  -14.798 1.00 87.87  ? 66   LEU I CA 1 
ATOM 497 C CA . GLU J 10 66  ? 28.757  36.881  -11.175 1.00 75.81  ? 67   GLU I CA 1 
ATOM 498 C CA . GLY J 10 67  ? 26.524  39.760  -10.122 1.00 70.79  ? 68   GLY I CA 1 
ATOM 499 C CA . GLU J 10 68  ? 25.902  40.962  -13.690 1.00 84.55  ? 69   GLU I CA 1 
ATOM 500 C CA . LEU J 10 69  ? 24.591  37.462  -14.432 1.00 88.51  ? 70   LEU I CA 1 
ATOM 501 C CA . ARG J 10 70  ? 22.284  37.157  -11.408 1.00 76.43  ? 71   ARG I CA 1 
ATOM 502 C CA . ALA J 10 71  ? 21.149  40.551  -12.616 1.00 65.73  ? 72   ALA I CA 1 
ATOM 503 C CA . GLU J 10 72  ? 20.231  39.087  -16.001 1.00 90.80  ? 73   GLU I CA 1 
ATOM 504 C CA . VAL J 10 73  ? 18.501  35.954  -14.717 1.00 70.32  ? 74   VAL I CA 1 
ATOM 505 C CA . ALA J 10 74  ? 16.555  37.968  -12.156 1.00 59.29  ? 75   ALA I CA 1 
ATOM 506 C CA . ALA J 10 75  ? 15.786  40.366  -14.989 1.00 100.01 ? 76   ALA I CA 1 
ATOM 507 C CA . ASN J 10 76  ? 14.449  37.508  -17.137 1.00 87.11  ? 77   ASN I CA 1 
ATOM 508 C CA . ILE J 10 77  ? 12.063  36.114  -14.527 1.00 78.83  ? 78   ILE I CA 1 
ATOM 509 C CA . LYS J 10 78  ? 10.806  39.635  -13.817 1.00 60.21  ? 79   LYS I CA 1 
ATOM 510 C CA . ARG J 10 79  ? 9.819   39.817  -17.496 1.00 72.01  ? 80   ARG I CA 1 
ATOM 511 C CA . LEU J 10 80  ? 7.770   36.651  -18.046 1.00 79.08  ? 81   LEU I CA 1 
ATOM 512 C CA . MET J 10 81  ? 6.360   37.633  -14.682 1.00 58.41  ? 82   MET I CA 1 
ATOM 513 C CA . ASP J 10 82  ? 5.243   41.114  -15.750 1.00 91.69  ? 83   ASP I CA 1 
ATOM 514 C CA . ILE J 10 83  ? 3.446   39.782  -18.782 1.00 96.27  ? 84   ILE I CA 1 
ATOM 515 C CA . GLY J 10 84  ? 0.482   37.486  -18.126 1.00 106.03 ? 85   GLY I CA 1 
ATOM 516 C CA . CYS J 10 85  ? 2.892   34.696  -19.043 1.00 70.38  ? 86   CYS I CA 1 
ATOM 517 C CA . TYR J 10 86  ? 1.623   31.535  -17.305 1.00 82.99  ? 87   TYR I CA 1 
ATOM 518 C CA . ARG J 10 87  ? 5.237   30.570  -16.751 1.00 66.41  ? 88   ARG I CA 1 
ATOM 519 C CA . GLY J 10 88  ? 5.506   33.925  -15.016 1.00 83.26  ? 89   GLY I CA 1 
ATOM 520 C CA . LEU J 10 89  ? 2.516   33.243  -12.796 1.00 48.67  ? 90   LEU I CA 1 
ATOM 521 C CA . ARG J 10 90  ? 4.166   30.000  -11.714 1.00 60.23  ? 91   ARG I CA 1 
ATOM 522 C CA . HIS J 10 91  ? 6.914   32.217  -10.379 1.00 63.25  ? 92   HIS I CA 1 
ATOM 523 C CA . ARG J 10 92  ? 4.524   34.530  -8.531  1.00 72.02  ? 93   ARG I CA 1 
ATOM 524 C CA . ARG J 10 93  ? 2.512   31.659  -7.053  1.00 81.58  ? 94   ARG I CA 1 
ATOM 525 C CA . GLY J 10 94  ? 5.852   30.073  -6.268  1.00 49.06  ? 95   GLY I CA 1 
ATOM 526 C CA . LEU J 10 95  ? 5.017   26.684  -7.820  1.00 50.00  ? 96   LEU I CA 1 
ATOM 527 C CA . PRO J 10 96  ? 7.120   24.585  -10.196 1.00 57.97  ? 97   PRO I CA 1 
ATOM 528 C CA . VAL J 10 97  ? 7.348   26.067  -13.674 1.00 74.57  ? 98   VAL I CA 1 
ATOM 529 C CA . ARG J 10 98  ? 8.583   23.246  -15.905 1.00 59.04  ? 99   ARG I CA 1 
ATOM 530 C CA . GLY J 10 99  ? 5.230   21.471  -15.743 1.00 68.12  ? 100  GLY I CA 1 
ATOM 531 C CA . GLN J 10 100 ? 5.663   18.952  -12.954 1.00 78.86  ? 101  GLN I CA 1 
ATOM 532 C CA . ARG J 10 101 ? 3.076   17.454  -10.600 1.00 64.18  ? 102  ARG I CA 1 
ATOM 533 C CA . THR J 10 102 ? 1.981   19.666  -7.737  1.00 57.81  ? 103  THR I CA 1 
ATOM 534 C CA . ARG J 10 103 ? -0.172  17.114  -5.911  1.00 46.06  ? 104  ARG I CA 1 
ATOM 535 C CA . THR J 10 104 ? 2.923   15.590  -4.372  1.00 69.10  ? 105  THR I CA 1 
ATOM 536 C CA . ASN J 10 105 ? 6.684   16.219  -4.673  1.00 59.21  ? 106  ASN I CA 1 
ATOM 537 C CA . ALA J 10 106 ? 7.222   19.963  -5.074  1.00 65.67  ? 107  ALA I CA 1 
ATOM 538 C CA . ARG J 10 107 ? 8.923   20.581  -1.780  1.00 73.12  ? 108  ARG I CA 1 
ATOM 539 C CA . THR J 10 108 ? 12.059  21.921  -3.416  1.00 50.75  ? 109  THR I CA 1 
ATOM 540 C CA . ARG J 10 109 ? 9.851   24.729  -4.746  1.00 47.59  ? 110  ARG I CA 1 
ATOM 541 C CA . LYS J 10 110 ? 7.223   24.967  -1.985  1.00 77.38  ? 111  LYS I CA 1 
ATOM 542 C CA . GLY J 10 111 ? 9.463   24.724  1.057   1.00 51.12  ? 112  GLY I CA 1 
ATOM 543 C CA . PRO J 10 112 ? 8.697   22.635  4.177   1.00 75.27  ? 113  PRO I CA 1 
ATOM 544 C CA . ARG J 10 113 ? 5.426   20.720  4.378   1.00 83.48  ? 114  ARG I CA 1 
ATOM 545 C CA . LYS J 10 114 ? 2.648   22.899  5.734   1.00 64.62  ? 115  LYS I CA 1 
ATOM 546 C CA . THR J 10 115 ? 0.456   20.208  7.309   1.00 47.12  ? 116  THR I CA 1 
ATOM 547 C CA . VAL J 10 116 ? -3.279  20.859  7.842   1.00 64.64  ? 117  VAL I CA 1 
ATOM 548 C CA . ALA J 10 117 ? -6.147  18.949  9.480   1.00 105.67 ? 118  ALA I CA 1 
ATOM 549 C CA . GLY J 10 118 ? -7.739  16.260  7.302   1.00 87.64  ? 119  GLY I CA 1 
ATOM 550 C CA . LYS J 10 119 ? -10.069 13.340  6.564   1.00 151.70 ? 120  LYS I CA 1 
ATOM 551 C CA . LYS J 10 120 ? -9.165  9.968   8.129   1.00 116.88 ? 121  LYS I CA 1 
ATOM 552 C CA . LYS J 10 121 ? -11.269 6.846   7.394   1.00 200.93 ? 122  LYS I CA 1 
ATOM 553 C CA . ALA J 10 122 ? -11.230 6.989   3.597   1.00 200.93 ? 123  ALA I CA 1 
ATOM 554 C CA . PRO J 10 123 ? -8.094  4.877   2.886   1.00 200.93 ? 124  PRO I CA 1 
ATOM 555 C CA . ARG J 10 124 ? -5.835  7.787   1.961   1.00 200.93 ? 125  ARG I CA 1 
ATOM 556 C CA . LYS J 10 125 ? -3.074  5.180   2.082   1.00 200.93 ? 126  LYS I CA 1 
# 
